data_6HA4
# 
_entry.id   6HA4 
# 
_audit_conform.dict_name       mmcif_pdbx.dic 
_audit_conform.dict_version    5.398 
_audit_conform.dict_location   http://mmcif.pdb.org/dictionaries/ascii/mmcif_pdbx.dic 
# 
loop_
_database_2.database_id 
_database_2.database_code 
_database_2.pdbx_database_accession 
_database_2.pdbx_DOI 
PDB   6HA4         pdb_00006ha4 10.2210/pdb6ha4/pdb 
WWPDB D_1200011341 ?            ?                   
# 
loop_
_pdbx_audit_revision_history.ordinal 
_pdbx_audit_revision_history.data_content_type 
_pdbx_audit_revision_history.major_revision 
_pdbx_audit_revision_history.minor_revision 
_pdbx_audit_revision_history.revision_date 
1 'Structure model' 1 0 2019-02-13 
2 'Structure model' 1 1 2019-03-27 
3 'Structure model' 1 2 2024-01-17 
4 'Structure model' 1 3 2024-11-06 
# 
_pdbx_audit_revision_details.ordinal             1 
_pdbx_audit_revision_details.revision_ordinal    1 
_pdbx_audit_revision_details.data_content_type   'Structure model' 
_pdbx_audit_revision_details.provider            repository 
_pdbx_audit_revision_details.type                'Initial release' 
_pdbx_audit_revision_details.description         ? 
_pdbx_audit_revision_details.details             ? 
# 
loop_
_pdbx_audit_revision_group.ordinal 
_pdbx_audit_revision_group.revision_ordinal 
_pdbx_audit_revision_group.data_content_type 
_pdbx_audit_revision_group.group 
1 2 'Structure model' 'Data collection'        
2 2 'Structure model' 'Database references'    
3 3 'Structure model' 'Data collection'        
4 3 'Structure model' 'Database references'    
5 3 'Structure model' 'Refinement description' 
6 4 'Structure model' 'Structure summary'      
# 
loop_
_pdbx_audit_revision_category.ordinal 
_pdbx_audit_revision_category.revision_ordinal 
_pdbx_audit_revision_category.data_content_type 
_pdbx_audit_revision_category.category 
1 2 'Structure model' citation                      
2 2 'Structure model' citation_author               
3 2 'Structure model' pdbx_database_proc            
4 3 'Structure model' chem_comp_atom                
5 3 'Structure model' chem_comp_bond                
6 3 'Structure model' database_2                    
7 3 'Structure model' pdbx_initial_refinement_model 
8 4 'Structure model' pdbx_entry_details            
9 4 'Structure model' pdbx_modification_feature     
# 
loop_
_pdbx_audit_revision_item.ordinal 
_pdbx_audit_revision_item.revision_ordinal 
_pdbx_audit_revision_item.data_content_type 
_pdbx_audit_revision_item.item 
1 2 'Structure model' '_citation.journal_volume'            
2 2 'Structure model' '_citation.page_first'                
3 2 'Structure model' '_citation.page_last'                 
4 2 'Structure model' '_citation.pdbx_database_id_PubMed'   
5 2 'Structure model' '_citation.title'                     
6 2 'Structure model' '_citation_author.name'               
7 3 'Structure model' '_database_2.pdbx_DOI'                
8 3 'Structure model' '_database_2.pdbx_database_accession' 
# 
_pdbx_database_status.status_code                     REL 
_pdbx_database_status.status_code_sf                  REL 
_pdbx_database_status.status_code_mr                  ? 
_pdbx_database_status.entry_id                        6HA4 
_pdbx_database_status.recvd_initial_deposition_date   2018-08-07 
_pdbx_database_status.SG_entry                        N 
_pdbx_database_status.deposit_site                    PDBE 
_pdbx_database_status.process_site                    PDBE 
_pdbx_database_status.status_code_cs                  ? 
_pdbx_database_status.methods_development_category    ? 
_pdbx_database_status.pdb_format_compatible           Y 
_pdbx_database_status.status_code_nmr_data            ? 
# 
loop_
_audit_author.name 
_audit_author.pdbx_ordinal 
_audit_author.identifier_ORCID 
'Alex, J.M.'     1 ? 
'Rennie, M.'     2 ? 
'Engilberge, S.' 3 ? 
'Batta, G.'      4 ? 
'Crowley, P.B.'  5 ? 
# 
_citation.abstract                  ? 
_citation.abstract_id_CAS           ? 
_citation.book_id_ISBN              ? 
_citation.book_publisher            ? 
_citation.book_publisher_city       ? 
_citation.book_title                ? 
_citation.coordinate_linkage        ? 
_citation.country                   UK 
_citation.database_id_Medline       ? 
_citation.details                   ? 
_citation.id                        primary 
_citation.journal_abbrev            Iucrj 
_citation.journal_id_ASTM           ? 
_citation.journal_id_CSD            ? 
_citation.journal_id_ISSN           2052-2525 
_citation.journal_full              ? 
_citation.journal_issue             ? 
_citation.journal_volume            6 
_citation.language                  ? 
_citation.page_first                238 
_citation.page_last                 247 
_citation.title                     'Calixarene-mediated assembly of a small antifungal protein.' 
_citation.year                      2019 
_citation.database_id_CSD           ? 
_citation.pdbx_database_id_DOI      10.1107/S2052252519000411 
_citation.pdbx_database_id_PubMed   30867921 
_citation.unpublished_flag          ? 
# 
loop_
_citation_author.citation_id 
_citation_author.name 
_citation_author.ordinal 
_citation_author.identifier_ORCID 
primary 'Alex, J.M.'     1 ? 
primary 'Rennie, M.L.'   2 ? 
primary 'Engilberge, S.' 3 ? 
primary 'Lehoczki, G.'   4 ? 
primary 'Dorottya, H.'   5 ? 
primary 'Fizil, A.'      6 ? 
primary 'Batta, G.'      7 ? 
primary 'Crowley, P.B.'  8 ? 
# 
loop_
_entity.id 
_entity.type 
_entity.src_method 
_entity.pdbx_description 
_entity.formula_weight 
_entity.pdbx_number_of_molecules 
_entity.pdbx_ec 
_entity.pdbx_mutation 
_entity.pdbx_fragment 
_entity.details 
1 polymer     nat 'Pc24g00380 protein' 6263.099 1  ? ? ? ? 
2 non-polymer syn GLYCEROL 92.094   1  ? ? ? ? 
3 non-polymer syn 
;25,26,27,28-tetrahydroxypentacyclo[19.3.1.1~3,7~.1~9,13~.1~15,19~]octacosa-1(25),3(28),4,6,9(27),10,12,15(26),16,18,21,23-dodecaene-5,11,17,23-tetrasulfonic acid
;
744.741  1  ? ? ? ? 
4 water       nat water 18.015   55 ? ? ? ? 
# 
_entity_poly.entity_id                      1 
_entity_poly.type                           'polypeptide(L)' 
_entity_poly.nstd_linkage                   no 
_entity_poly.nstd_monomer                   no 
_entity_poly.pdbx_seq_one_letter_code       AKYTGKCTKSKNECKYKNDAGKDTFIKCPKFDNKKCTKDNNKCTVDTYNNAVDCD 
_entity_poly.pdbx_seq_one_letter_code_can   AKYTGKCTKSKNECKYKNDAGKDTFIKCPKFDNKKCTKDNNKCTVDTYNNAVDCD 
_entity_poly.pdbx_strand_id                 A 
_entity_poly.pdbx_target_identifier         ? 
# 
loop_
_pdbx_entity_nonpoly.entity_id 
_pdbx_entity_nonpoly.name 
_pdbx_entity_nonpoly.comp_id 
2 GLYCEROL GOL 
3 
;25,26,27,28-tetrahydroxypentacyclo[19.3.1.1~3,7~.1~9,13~.1~15,19~]octacosa-1(25),3(28),4,6,9(27),10,12,15(26),16,18,21,23-dodecaene-5,11,17,23-tetrasulfonic acid
;
T3Y 
4 water HOH 
# 
loop_
_entity_poly_seq.entity_id 
_entity_poly_seq.num 
_entity_poly_seq.mon_id 
_entity_poly_seq.hetero 
1 1  ALA n 
1 2  LYS n 
1 3  TYR n 
1 4  THR n 
1 5  GLY n 
1 6  LYS n 
1 7  CYS n 
1 8  THR n 
1 9  LYS n 
1 10 SER n 
1 11 LYS n 
1 12 ASN n 
1 13 GLU n 
1 14 CYS n 
1 15 LYS n 
1 16 TYR n 
1 17 LYS n 
1 18 ASN n 
1 19 ASP n 
1 20 ALA n 
1 21 GLY n 
1 22 LYS n 
1 23 ASP n 
1 24 THR n 
1 25 PHE n 
1 26 ILE n 
1 27 LYS n 
1 28 CYS n 
1 29 PRO n 
1 30 LYS n 
1 31 PHE n 
1 32 ASP n 
1 33 ASN n 
1 34 LYS n 
1 35 LYS n 
1 36 CYS n 
1 37 THR n 
1 38 LYS n 
1 39 ASP n 
1 40 ASN n 
1 41 ASN n 
1 42 LYS n 
1 43 CYS n 
1 44 THR n 
1 45 VAL n 
1 46 ASP n 
1 47 THR n 
1 48 TYR n 
1 49 ASN n 
1 50 ASN n 
1 51 ALA n 
1 52 VAL n 
1 53 ASP n 
1 54 CYS n 
1 55 ASP n 
# 
_entity_src_nat.entity_id                  1 
_entity_src_nat.pdbx_src_id                1 
_entity_src_nat.pdbx_alt_source_flag       sample 
_entity_src_nat.pdbx_beg_seq_num           1 
_entity_src_nat.pdbx_end_seq_num           55 
_entity_src_nat.common_name                ? 
_entity_src_nat.pdbx_organism_scientific   'Penicillium rubens (strain ATCC 28089 / DSM 1075 / NRRL 1951 / Wisconsin 54-1255)' 
_entity_src_nat.pdbx_ncbi_taxonomy_id      500485 
_entity_src_nat.genus                      ? 
_entity_src_nat.species                    ? 
_entity_src_nat.strain                     ? 
_entity_src_nat.tissue                     ? 
_entity_src_nat.tissue_fraction            ? 
_entity_src_nat.pdbx_secretion             ? 
_entity_src_nat.pdbx_fragment              ? 
_entity_src_nat.pdbx_variant               ? 
_entity_src_nat.pdbx_cell_line             ? 
_entity_src_nat.pdbx_atcc                  ? 
_entity_src_nat.pdbx_cellular_location     ? 
_entity_src_nat.pdbx_organ                 ? 
_entity_src_nat.pdbx_organelle             ? 
_entity_src_nat.pdbx_cell                  ? 
_entity_src_nat.pdbx_plasmid_name          ? 
_entity_src_nat.pdbx_plasmid_details       ? 
_entity_src_nat.details                    ? 
# 
loop_
_chem_comp.id 
_chem_comp.type 
_chem_comp.mon_nstd_flag 
_chem_comp.name 
_chem_comp.pdbx_synonyms 
_chem_comp.formula 
_chem_comp.formula_weight 
ALA 'L-peptide linking' y ALANINE ?                                                              'C3 H7 N O2'     89.093  
ASN 'L-peptide linking' y ASPARAGINE ?                                                              'C4 H8 N2 O3'    132.118 
ASP 'L-peptide linking' y 'ASPARTIC ACID' ?                                                              'C4 H7 N O4'     133.103 
CYS 'L-peptide linking' y CYSTEINE ?                                                              'C3 H7 N O2 S'   121.158 
GLU 'L-peptide linking' y 'GLUTAMIC ACID' ?                                                              'C5 H9 N O4'     147.129 
GLY 'peptide linking'   y GLYCINE ?                                                              'C2 H5 N O2'     75.067  
GOL non-polymer         . GLYCEROL 'GLYCERIN; PROPANE-1,2,3-TRIOL'                                'C3 H8 O3'       92.094  
HOH non-polymer         . WATER ?                                                              'H2 O'           18.015  
ILE 'L-peptide linking' y ISOLEUCINE ?                                                              'C6 H13 N O2'    131.173 
LYS 'L-peptide linking' y LYSINE ?                                                              'C6 H15 N2 O2 1' 147.195 
PHE 'L-peptide linking' y PHENYLALANINE ?                                                              'C9 H11 N O2'    165.189 
PRO 'L-peptide linking' y PROLINE ?                                                              'C5 H9 N O2'     115.130 
SER 'L-peptide linking' y SERINE ?                                                              'C3 H7 N O3'     105.093 
T3Y non-polymer         . 
;25,26,27,28-tetrahydroxypentacyclo[19.3.1.1~3,7~.1~9,13~.1~15,19~]octacosa-1(25),3(28),4,6,9(27),10,12,15(26),16,18,21,23-dodecaene-5,11,17,23-tetrasulfonic acid
;
'5,11,17,23-tetra-sulphonato-calix[4]arene-25,26,27,28-tetrol' 'C28 H24 O16 S4' 744.741 
THR 'L-peptide linking' y THREONINE ?                                                              'C4 H9 N O3'     119.119 
TYR 'L-peptide linking' y TYROSINE ?                                                              'C9 H11 N O3'    181.189 
VAL 'L-peptide linking' y VALINE ?                                                              'C5 H11 N O2'    117.146 
# 
loop_
_pdbx_poly_seq_scheme.asym_id 
_pdbx_poly_seq_scheme.entity_id 
_pdbx_poly_seq_scheme.seq_id 
_pdbx_poly_seq_scheme.mon_id 
_pdbx_poly_seq_scheme.ndb_seq_num 
_pdbx_poly_seq_scheme.pdb_seq_num 
_pdbx_poly_seq_scheme.auth_seq_num 
_pdbx_poly_seq_scheme.pdb_mon_id 
_pdbx_poly_seq_scheme.auth_mon_id 
_pdbx_poly_seq_scheme.pdb_strand_id 
_pdbx_poly_seq_scheme.pdb_ins_code 
_pdbx_poly_seq_scheme.hetero 
A 1 1  ALA 1  1  1  ALA ALA A . n 
A 1 2  LYS 2  2  2  LYS LYS A . n 
A 1 3  TYR 3  3  3  TYR TYR A . n 
A 1 4  THR 4  4  4  THR THR A . n 
A 1 5  GLY 5  5  5  GLY GLY A . n 
A 1 6  LYS 6  6  6  LYS LYS A . n 
A 1 7  CYS 7  7  7  CYS CYS A . n 
A 1 8  THR 8  8  8  THR THR A . n 
A 1 9  LYS 9  9  9  LYS LYS A . n 
A 1 10 SER 10 10 10 SER SER A . n 
A 1 11 LYS 11 11 11 LYS LYS A . n 
A 1 12 ASN 12 12 12 ASN ASN A . n 
A 1 13 GLU 13 13 13 GLU GLU A . n 
A 1 14 CYS 14 14 14 CYS CYS A . n 
A 1 15 LYS 15 15 15 LYS LYS A . n 
A 1 16 TYR 16 16 16 TYR TYR A . n 
A 1 17 LYS 17 17 17 LYS LYS A . n 
A 1 18 ASN 18 18 18 ASN ASN A . n 
A 1 19 ASP 19 19 19 ASP ASP A . n 
A 1 20 ALA 20 20 20 ALA ALA A . n 
A 1 21 GLY 21 21 21 GLY GLY A . n 
A 1 22 LYS 22 22 22 LYS LYS A . n 
A 1 23 ASP 23 23 23 ASP ASP A . n 
A 1 24 THR 24 24 24 THR THR A . n 
A 1 25 PHE 25 25 25 PHE PHE A . n 
A 1 26 ILE 26 26 26 ILE ILE A . n 
A 1 27 LYS 27 27 27 LYS LYS A . n 
A 1 28 CYS 28 28 28 CYS CYS A . n 
A 1 29 PRO 29 29 29 PRO PRO A . n 
A 1 30 LYS 30 30 30 LYS LYS A . n 
A 1 31 PHE 31 31 31 PHE PHE A . n 
A 1 32 ASP 32 32 32 ASP ASP A . n 
A 1 33 ASN 33 33 33 ASN ASN A . n 
A 1 34 LYS 34 34 34 LYS LYS A . n 
A 1 35 LYS 35 35 35 LYS LYS A . n 
A 1 36 CYS 36 36 36 CYS CYS A . n 
A 1 37 THR 37 37 37 THR THR A . n 
A 1 38 LYS 38 38 38 LYS LYS A . n 
A 1 39 ASP 39 39 39 ASP ASP A . n 
A 1 40 ASN 40 40 40 ASN ASN A . n 
A 1 41 ASN 41 41 41 ASN ASN A . n 
A 1 42 LYS 42 42 42 LYS LYS A . n 
A 1 43 CYS 43 43 43 CYS CYS A . n 
A 1 44 THR 44 44 44 THR THR A . n 
A 1 45 VAL 45 45 45 VAL VAL A . n 
A 1 46 ASP 46 46 46 ASP ASP A . n 
A 1 47 THR 47 47 47 THR THR A . n 
A 1 48 TYR 48 48 48 TYR TYR A . n 
A 1 49 ASN 49 49 49 ASN ASN A . n 
A 1 50 ASN 50 50 50 ASN ASN A . n 
A 1 51 ALA 51 51 51 ALA ALA A . n 
A 1 52 VAL 52 52 52 VAL VAL A . n 
A 1 53 ASP 53 53 53 ASP ASP A . n 
A 1 54 CYS 54 54 54 CYS CYS A . n 
A 1 55 ASP 55 55 55 ASP ASP A . n 
# 
_pdbx_entity_instance_feature.ordinal        1 
_pdbx_entity_instance_feature.comp_id        T3Y 
_pdbx_entity_instance_feature.asym_id        ? 
_pdbx_entity_instance_feature.seq_num        ? 
_pdbx_entity_instance_feature.auth_comp_id   T3Y 
_pdbx_entity_instance_feature.auth_asym_id   ? 
_pdbx_entity_instance_feature.auth_seq_num   ? 
_pdbx_entity_instance_feature.feature_type   'SUBJECT OF INVESTIGATION' 
_pdbx_entity_instance_feature.details        ? 
# 
loop_
_pdbx_nonpoly_scheme.asym_id 
_pdbx_nonpoly_scheme.entity_id 
_pdbx_nonpoly_scheme.mon_id 
_pdbx_nonpoly_scheme.ndb_seq_num 
_pdbx_nonpoly_scheme.pdb_seq_num 
_pdbx_nonpoly_scheme.auth_seq_num 
_pdbx_nonpoly_scheme.pdb_mon_id 
_pdbx_nonpoly_scheme.auth_mon_id 
_pdbx_nonpoly_scheme.pdb_strand_id 
_pdbx_nonpoly_scheme.pdb_ins_code 
B 2 GOL 1  201 201 GOL GOL A . 
C 3 T3Y 1  202 1   T3Y T3Y A . 
D 4 HOH 1  301 28  HOH HOH A . 
D 4 HOH 2  302 13  HOH HOH A . 
D 4 HOH 3  303 48  HOH HOH A . 
D 4 HOH 4  304 2   HOH HOH A . 
D 4 HOH 5  305 14  HOH HOH A . 
D 4 HOH 6  306 19  HOH HOH A . 
D 4 HOH 7  307 26  HOH HOH A . 
D 4 HOH 8  308 10  HOH HOH A . 
D 4 HOH 9  309 30  HOH HOH A . 
D 4 HOH 10 310 34  HOH HOH A . 
D 4 HOH 11 311 1   HOH HOH A . 
D 4 HOH 12 312 3   HOH HOH A . 
D 4 HOH 13 313 47  HOH HOH A . 
D 4 HOH 14 314 50  HOH HOH A . 
D 4 HOH 15 315 24  HOH HOH A . 
D 4 HOH 16 316 52  HOH HOH A . 
D 4 HOH 17 317 23  HOH HOH A . 
D 4 HOH 18 318 6   HOH HOH A . 
D 4 HOH 19 319 15  HOH HOH A . 
D 4 HOH 20 320 3   HOH HOH A . 
D 4 HOH 21 321 36  HOH HOH A . 
D 4 HOH 22 322 7   HOH HOH A . 
D 4 HOH 23 323 32  HOH HOH A . 
D 4 HOH 24 324 11  HOH HOH A . 
D 4 HOH 25 325 40  HOH HOH A . 
D 4 HOH 26 326 8   HOH HOH A . 
D 4 HOH 27 327 4   HOH HOH A . 
D 4 HOH 28 328 2   HOH HOH A . 
D 4 HOH 29 329 1   HOH HOH A . 
D 4 HOH 30 330 20  HOH HOH A . 
D 4 HOH 31 331 29  HOH HOH A . 
D 4 HOH 32 332 45  HOH HOH A . 
D 4 HOH 33 333 25  HOH HOH A . 
D 4 HOH 34 334 12  HOH HOH A . 
D 4 HOH 35 335 21  HOH HOH A . 
D 4 HOH 36 336 18  HOH HOH A . 
D 4 HOH 37 337 42  HOH HOH A . 
D 4 HOH 38 338 22  HOH HOH A . 
D 4 HOH 39 339 5   HOH HOH A . 
D 4 HOH 40 340 54  HOH HOH A . 
D 4 HOH 41 341 6   HOH HOH A . 
D 4 HOH 42 342 31  HOH HOH A . 
D 4 HOH 43 343 4   HOH HOH A . 
D 4 HOH 44 344 27  HOH HOH A . 
D 4 HOH 45 345 37  HOH HOH A . 
D 4 HOH 46 346 5   HOH HOH A . 
D 4 HOH 47 347 53  HOH HOH A . 
D 4 HOH 48 348 16  HOH HOH A . 
D 4 HOH 49 349 43  HOH HOH A . 
D 4 HOH 50 350 44  HOH HOH A . 
D 4 HOH 51 351 41  HOH HOH A . 
D 4 HOH 52 352 35  HOH HOH A . 
D 4 HOH 53 353 49  HOH HOH A . 
D 4 HOH 54 354 33  HOH HOH A . 
D 4 HOH 55 355 9   HOH HOH A . 
# 
loop_
_software.citation_id 
_software.classification 
_software.compiler_name 
_software.compiler_version 
_software.contact_author 
_software.contact_author_email 
_software.date 
_software.description 
_software.dependencies 
_software.hardware 
_software.language 
_software.location 
_software.mods 
_software.name 
_software.os 
_software.os_version 
_software.type 
_software.version 
_software.pdbx_ordinal 
? refinement       ? ? ? ? ? ? ? ? ? ? ? BUSTER ? ? ? 2.10.3 1 
? 'data reduction' ? ? ? ? ? ? ? ? ? ? ? XDS    ? ? ? .      2 
? 'data scaling'   ? ? ? ? ? ? ? ? ? ? ? XSCALE ? ? ? .      3 
? phasing          ? ? ? ? ? ? ? ? ? ? ? PHASER ? ? ? .      4 
# 
_cell.angle_alpha                  90.00 
_cell.angle_alpha_esd              ? 
_cell.angle_beta                   111.75 
_cell.angle_beta_esd               ? 
_cell.angle_gamma                  90.00 
_cell.angle_gamma_esd              ? 
_cell.entry_id                     6HA4 
_cell.details                      ? 
_cell.formula_units_Z              ? 
_cell.length_a                     22.719 
_cell.length_a_esd                 ? 
_cell.length_b                     37.587 
_cell.length_b_esd                 ? 
_cell.length_c                     29.956 
_cell.length_c_esd                 ? 
_cell.volume                       ? 
_cell.volume_esd                   ? 
_cell.Z_PDB                        2 
_cell.reciprocal_angle_alpha       ? 
_cell.reciprocal_angle_beta        ? 
_cell.reciprocal_angle_gamma       ? 
_cell.reciprocal_angle_alpha_esd   ? 
_cell.reciprocal_angle_beta_esd    ? 
_cell.reciprocal_angle_gamma_esd   ? 
_cell.reciprocal_length_a          ? 
_cell.reciprocal_length_b          ? 
_cell.reciprocal_length_c          ? 
_cell.reciprocal_length_a_esd      ? 
_cell.reciprocal_length_b_esd      ? 
_cell.reciprocal_length_c_esd      ? 
_cell.pdbx_unique_axis             ? 
# 
_symmetry.entry_id                         6HA4 
_symmetry.cell_setting                     ? 
_symmetry.Int_Tables_number                4 
_symmetry.space_group_name_Hall            ? 
_symmetry.space_group_name_H-M             'P 1 21 1' 
_symmetry.pdbx_full_space_group_name_H-M   ? 
# 
_exptl.absorpt_coefficient_mu     ? 
_exptl.absorpt_correction_T_max   ? 
_exptl.absorpt_correction_T_min   ? 
_exptl.absorpt_correction_type    ? 
_exptl.absorpt_process_details    ? 
_exptl.entry_id                   6HA4 
_exptl.crystals_number            1 
_exptl.details                    ? 
_exptl.method                     'X-RAY DIFFRACTION' 
_exptl.method_details             ? 
# 
_exptl_crystal.colour                      ? 
_exptl_crystal.density_diffrn              ? 
_exptl_crystal.density_Matthews            1.90 
_exptl_crystal.density_method              ? 
_exptl_crystal.density_percent_sol         35.15 
_exptl_crystal.description                 ? 
_exptl_crystal.F_000                       ? 
_exptl_crystal.id                          1 
_exptl_crystal.preparation                 ? 
_exptl_crystal.size_max                    ? 
_exptl_crystal.size_mid                    ? 
_exptl_crystal.size_min                    ? 
_exptl_crystal.size_rad                    ? 
_exptl_crystal.colour_lustre               ? 
_exptl_crystal.colour_modifier             ? 
_exptl_crystal.colour_primary              ? 
_exptl_crystal.density_meas                ? 
_exptl_crystal.density_meas_esd            ? 
_exptl_crystal.density_meas_gt             ? 
_exptl_crystal.density_meas_lt             ? 
_exptl_crystal.density_meas_temp           ? 
_exptl_crystal.density_meas_temp_esd       ? 
_exptl_crystal.density_meas_temp_gt        ? 
_exptl_crystal.density_meas_temp_lt        ? 
_exptl_crystal.pdbx_crystal_image_url      ? 
_exptl_crystal.pdbx_crystal_image_format   ? 
_exptl_crystal.pdbx_mosaicity              ? 
_exptl_crystal.pdbx_mosaicity_esd          ? 
# 
_exptl_crystal_grow.apparatus       ? 
_exptl_crystal_grow.atmosphere      ? 
_exptl_crystal_grow.crystal_id      1 
_exptl_crystal_grow.details         ? 
_exptl_crystal_grow.method          'VAPOR DIFFUSION, HANGING DROP' 
_exptl_crystal_grow.method_ref      ? 
_exptl_crystal_grow.pH              5.6 
_exptl_crystal_grow.pressure        ? 
_exptl_crystal_grow.pressure_esd    ? 
_exptl_crystal_grow.seeding         ? 
_exptl_crystal_grow.seeding_ref     ? 
_exptl_crystal_grow.temp            293 
_exptl_crystal_grow.temp_details    ? 
_exptl_crystal_grow.temp_esd        ? 
_exptl_crystal_grow.time            ? 
_exptl_crystal_grow.pdbx_details    '30% PEG 3350 + 0.05 M Sodium acetate pH 5.6' 
_exptl_crystal_grow.pdbx_pH_range   ? 
# 
_diffrn.ambient_environment              ? 
_diffrn.ambient_temp                     100 
_diffrn.ambient_temp_details             ? 
_diffrn.ambient_temp_esd                 ? 
_diffrn.crystal_id                       1 
_diffrn.crystal_support                  ? 
_diffrn.crystal_treatment                ? 
_diffrn.details                          ? 
_diffrn.id                               1 
_diffrn.ambient_pressure                 ? 
_diffrn.ambient_pressure_esd             ? 
_diffrn.ambient_pressure_gt              ? 
_diffrn.ambient_pressure_lt              ? 
_diffrn.ambient_temp_gt                  ? 
_diffrn.ambient_temp_lt                  ? 
_diffrn.pdbx_serial_crystal_experiment   ? 
# 
_diffrn_detector.details                      ? 
_diffrn_detector.detector                     PIXEL 
_diffrn_detector.diffrn_id                    1 
_diffrn_detector.type                         'DECTRIS EIGER X 9M' 
_diffrn_detector.area_resol_mean              ? 
_diffrn_detector.dtime                        ? 
_diffrn_detector.pdbx_frames_total            ? 
_diffrn_detector.pdbx_collection_time_total   ? 
_diffrn_detector.pdbx_collection_date         2016-09-15 
_diffrn_detector.pdbx_frequency               ? 
# 
_diffrn_radiation.collimation                      ? 
_diffrn_radiation.diffrn_id                        1 
_diffrn_radiation.filter_edge                      ? 
_diffrn_radiation.inhomogeneity                    ? 
_diffrn_radiation.monochromator                    ? 
_diffrn_radiation.polarisn_norm                    ? 
_diffrn_radiation.polarisn_ratio                   ? 
_diffrn_radiation.probe                            ? 
_diffrn_radiation.type                             ? 
_diffrn_radiation.xray_symbol                      ? 
_diffrn_radiation.wavelength_id                    1 
_diffrn_radiation.pdbx_monochromatic_or_laue_m_l   M 
_diffrn_radiation.pdbx_wavelength_list             ? 
_diffrn_radiation.pdbx_wavelength                  ? 
_diffrn_radiation.pdbx_diffrn_protocol             'SINGLE WAVELENGTH' 
_diffrn_radiation.pdbx_analyzer                    ? 
_diffrn_radiation.pdbx_scattering_type             x-ray 
# 
_diffrn_radiation_wavelength.id           1 
_diffrn_radiation_wavelength.wavelength   0.98 
_diffrn_radiation_wavelength.wt           1.0 
# 
_diffrn_source.current                     ? 
_diffrn_source.details                     ? 
_diffrn_source.diffrn_id                   1 
_diffrn_source.power                       ? 
_diffrn_source.size                        ? 
_diffrn_source.source                      SYNCHROTRON 
_diffrn_source.target                      ? 
_diffrn_source.type                        'SOLEIL BEAMLINE PROXIMA 2' 
_diffrn_source.voltage                     ? 
_diffrn_source.take-off_angle              ? 
_diffrn_source.pdbx_wavelength_list        0.98 
_diffrn_source.pdbx_wavelength             ? 
_diffrn_source.pdbx_synchrotron_beamline   'PROXIMA 2' 
_diffrn_source.pdbx_synchrotron_site       SOLEIL 
# 
_reflns.B_iso_Wilson_estimate            16.37 
_reflns.entry_id                         6HA4 
_reflns.data_reduction_details           ? 
_reflns.data_reduction_method            ? 
_reflns.d_resolution_high                1.3 
_reflns.d_resolution_low                 27.8 
_reflns.details                          ? 
_reflns.limit_h_max                      ? 
_reflns.limit_h_min                      ? 
_reflns.limit_k_max                      ? 
_reflns.limit_k_min                      ? 
_reflns.limit_l_max                      ? 
_reflns.limit_l_min                      ? 
_reflns.number_all                       ? 
_reflns.number_obs                       10142 
_reflns.observed_criterion               ? 
_reflns.observed_criterion_F_max         ? 
_reflns.observed_criterion_F_min         ? 
_reflns.observed_criterion_I_max         ? 
_reflns.observed_criterion_I_min         ? 
_reflns.observed_criterion_sigma_F       ? 
_reflns.observed_criterion_sigma_I       ? 
_reflns.percent_possible_obs             92.2 
_reflns.R_free_details                   ? 
_reflns.Rmerge_F_all                     ? 
_reflns.Rmerge_F_obs                     ? 
_reflns.Friedel_coverage                 ? 
_reflns.number_gt                        ? 
_reflns.threshold_expression             ? 
_reflns.pdbx_redundancy                  3.4 
_reflns.pdbx_Rmerge_I_obs                ? 
_reflns.pdbx_Rmerge_I_all                ? 
_reflns.pdbx_Rsym_value                  ? 
_reflns.pdbx_netI_over_av_sigmaI         6.1 
_reflns.pdbx_netI_over_sigmaI            6.1 
_reflns.pdbx_res_netI_over_av_sigmaI_2   ? 
_reflns.pdbx_res_netI_over_sigmaI_2      ? 
_reflns.pdbx_chi_squared                 ? 
_reflns.pdbx_scaling_rejects             ? 
_reflns.pdbx_d_res_high_opt              ? 
_reflns.pdbx_d_res_low_opt               ? 
_reflns.pdbx_d_res_opt_method            ? 
_reflns.phase_calculation_details        ? 
_reflns.pdbx_Rrim_I_all                  0.012 
_reflns.pdbx_Rpim_I_all                  0.062 
_reflns.pdbx_d_opt                       ? 
_reflns.pdbx_number_measured_all         ? 
_reflns.pdbx_diffrn_id                   1 
_reflns.pdbx_ordinal                     1 
_reflns.pdbx_CC_half                     0.98 
_reflns.pdbx_R_split                     ? 
# 
_reflns_shell.d_res_high                  1.33 
_reflns_shell.d_res_low                   1.37 
_reflns_shell.meanI_over_sigI_all         ? 
_reflns_shell.meanI_over_sigI_obs         1.3 
_reflns_shell.number_measured_all         ? 
_reflns_shell.number_measured_obs         ? 
_reflns_shell.number_possible             ? 
_reflns_shell.number_unique_all           ? 
_reflns_shell.number_unique_obs           ? 
_reflns_shell.percent_possible_all        ? 
_reflns_shell.percent_possible_obs        ? 
_reflns_shell.Rmerge_F_all                ? 
_reflns_shell.Rmerge_F_obs                ? 
_reflns_shell.Rmerge_I_all                ? 
_reflns_shell.Rmerge_I_obs                ? 
_reflns_shell.meanI_over_sigI_gt          ? 
_reflns_shell.meanI_over_uI_all           ? 
_reflns_shell.meanI_over_uI_gt            ? 
_reflns_shell.number_measured_gt          ? 
_reflns_shell.number_unique_gt            ? 
_reflns_shell.percent_possible_gt         ? 
_reflns_shell.Rmerge_F_gt                 ? 
_reflns_shell.Rmerge_I_gt                 ? 
_reflns_shell.pdbx_redundancy             ? 
_reflns_shell.pdbx_Rsym_value             ? 
_reflns_shell.pdbx_chi_squared            ? 
_reflns_shell.pdbx_netI_over_sigmaI_all   ? 
_reflns_shell.pdbx_netI_over_sigmaI_obs   ? 
_reflns_shell.pdbx_Rrim_I_all             0.61 
_reflns_shell.pdbx_Rpim_I_all             0.34 
_reflns_shell.pdbx_rejects                ? 
_reflns_shell.pdbx_ordinal                1 
_reflns_shell.pdbx_diffrn_id              1 
_reflns_shell.pdbx_CC_half                0.34 
_reflns_shell.pdbx_R_split                ? 
# 
_refine.aniso_B[1][1]                            2.24380 
_refine.aniso_B[1][2]                            0.00000 
_refine.aniso_B[1][3]                            0.71800 
_refine.aniso_B[2][2]                            -5.40360 
_refine.aniso_B[2][3]                            0.00000 
_refine.aniso_B[3][3]                            3.15970 
_refine.B_iso_max                                ? 
_refine.B_iso_mean                               20.96 
_refine.B_iso_min                                ? 
_refine.correlation_coeff_Fo_to_Fc               0.953 
_refine.correlation_coeff_Fo_to_Fc_free          0.911 
_refine.details                                  ? 
_refine.diff_density_max                         ? 
_refine.diff_density_max_esd                     ? 
_refine.diff_density_min                         ? 
_refine.diff_density_min_esd                     ? 
_refine.diff_density_rms                         ? 
_refine.diff_density_rms_esd                     ? 
_refine.entry_id                                 6HA4 
_refine.pdbx_refine_id                           'X-RAY DIFFRACTION' 
_refine.ls_abs_structure_details                 ? 
_refine.ls_abs_structure_Flack                   ? 
_refine.ls_abs_structure_Flack_esd               ? 
_refine.ls_abs_structure_Rogers                  ? 
_refine.ls_abs_structure_Rogers_esd              ? 
_refine.ls_d_res_high                            1.33 
_refine.ls_d_res_low                             27.8 
_refine.ls_extinction_coef                       ? 
_refine.ls_extinction_coef_esd                   ? 
_refine.ls_extinction_expression                 ? 
_refine.ls_extinction_method                     ? 
_refine.ls_goodness_of_fit_all                   ? 
_refine.ls_goodness_of_fit_all_esd               ? 
_refine.ls_goodness_of_fit_obs                   ? 
_refine.ls_goodness_of_fit_obs_esd               ? 
_refine.ls_hydrogen_treatment                    ? 
_refine.ls_matrix_type                           ? 
_refine.ls_number_constraints                    ? 
_refine.ls_number_parameters                     ? 
_refine.ls_number_reflns_all                     ? 
_refine.ls_number_reflns_obs                     10142 
_refine.ls_number_reflns_R_free                  526 
_refine.ls_number_reflns_R_work                  ? 
_refine.ls_number_restraints                     ? 
_refine.ls_percent_reflns_obs                    92.5 
_refine.ls_percent_reflns_R_free                 5.190 
_refine.ls_R_factor_all                          ? 
_refine.ls_R_factor_obs                          0.186 
_refine.ls_R_factor_R_free                       0.217 
_refine.ls_R_factor_R_free_error                 ? 
_refine.ls_R_factor_R_free_error_details         ? 
_refine.ls_R_factor_R_work                       0.185 
_refine.ls_R_Fsqd_factor_obs                     ? 
_refine.ls_R_I_factor_obs                        ? 
_refine.ls_redundancy_reflns_all                 ? 
_refine.ls_redundancy_reflns_obs                 ? 
_refine.ls_restrained_S_all                      ? 
_refine.ls_restrained_S_obs                      ? 
_refine.ls_shift_over_esd_max                    ? 
_refine.ls_shift_over_esd_mean                   ? 
_refine.ls_structure_factor_coef                 ? 
_refine.ls_weighting_details                     ? 
_refine.ls_weighting_scheme                      ? 
_refine.ls_wR_factor_all                         ? 
_refine.ls_wR_factor_obs                         ? 
_refine.ls_wR_factor_R_free                      ? 
_refine.ls_wR_factor_R_work                      ? 
_refine.occupancy_max                            ? 
_refine.occupancy_min                            ? 
_refine.solvent_model_details                    ? 
_refine.solvent_model_param_bsol                 ? 
_refine.solvent_model_param_ksol                 ? 
_refine.ls_R_factor_gt                           ? 
_refine.ls_goodness_of_fit_gt                    ? 
_refine.ls_goodness_of_fit_ref                   ? 
_refine.ls_shift_over_su_max                     ? 
_refine.ls_shift_over_su_max_lt                  ? 
_refine.ls_shift_over_su_mean                    ? 
_refine.ls_shift_over_su_mean_lt                 ? 
_refine.pdbx_ls_sigma_I                          ? 
_refine.pdbx_ls_sigma_F                          0.000 
_refine.pdbx_ls_sigma_Fsqd                       ? 
_refine.pdbx_data_cutoff_high_absF               ? 
_refine.pdbx_data_cutoff_high_rms_absF           ? 
_refine.pdbx_data_cutoff_low_absF                ? 
_refine.pdbx_isotropic_thermal_model             ? 
_refine.pdbx_ls_cross_valid_method               THROUGHOUT 
_refine.pdbx_method_to_determine_struct          'MOLECULAR REPLACEMENT' 
_refine.pdbx_starting_model                      2MHV 
_refine.pdbx_stereochemistry_target_values       ? 
_refine.pdbx_R_Free_selection_details            RANDOM 
_refine.pdbx_stereochem_target_val_spec_case     ? 
_refine.pdbx_overall_ESU_R                       ? 
_refine.pdbx_overall_ESU_R_Free                  ? 
_refine.pdbx_solvent_vdw_probe_radii             ? 
_refine.pdbx_solvent_ion_probe_radii             ? 
_refine.pdbx_solvent_shrinkage_radii             ? 
_refine.pdbx_real_space_R                        ? 
_refine.pdbx_density_correlation                 ? 
_refine.pdbx_pd_number_of_powder_patterns        ? 
_refine.pdbx_pd_number_of_points                 ? 
_refine.pdbx_pd_meas_number_of_points            ? 
_refine.pdbx_pd_proc_ls_prof_R_factor            ? 
_refine.pdbx_pd_proc_ls_prof_wR_factor           ? 
_refine.pdbx_pd_Marquardt_correlation_coeff      ? 
_refine.pdbx_pd_Fsqrd_R_factor                   ? 
_refine.pdbx_pd_ls_matrix_band_width             ? 
_refine.pdbx_overall_phase_error                 ? 
_refine.pdbx_overall_SU_R_free_Cruickshank_DPI   0.069 
_refine.pdbx_overall_SU_R_free_Blow_DPI          0.072 
_refine.pdbx_overall_SU_R_Blow_DPI               0.071 
_refine.pdbx_TLS_residual_ADP_flag               ? 
_refine.pdbx_diffrn_id                           1 
_refine.overall_SU_B                             ? 
_refine.overall_SU_ML                            ? 
_refine.overall_SU_R_Cruickshank_DPI             0.076 
_refine.overall_SU_R_free                        ? 
_refine.overall_FOM_free_R_set                   ? 
_refine.overall_FOM_work_R_set                   ? 
_refine.pdbx_average_fsc_overall                 ? 
_refine.pdbx_average_fsc_work                    ? 
_refine.pdbx_average_fsc_free                    ? 
# 
_refine_analyze.entry_id                        6HA4 
_refine_analyze.pdbx_refine_id                  'X-RAY DIFFRACTION' 
_refine_analyze.Luzzati_coordinate_error_free   ? 
_refine_analyze.Luzzati_coordinate_error_obs    0.18 
_refine_analyze.Luzzati_d_res_low_free          ? 
_refine_analyze.Luzzati_d_res_low_obs           ? 
_refine_analyze.Luzzati_sigma_a_free            ? 
_refine_analyze.Luzzati_sigma_a_free_details    ? 
_refine_analyze.Luzzati_sigma_a_obs             ? 
_refine_analyze.Luzzati_sigma_a_obs_details     ? 
_refine_analyze.number_disordered_residues      ? 
_refine_analyze.occupancy_sum_hydrogen          ? 
_refine_analyze.occupancy_sum_non_hydrogen      ? 
_refine_analyze.RG_d_res_high                   ? 
_refine_analyze.RG_d_res_low                    ? 
_refine_analyze.RG_free                         ? 
_refine_analyze.RG_work                         ? 
_refine_analyze.RG_free_work_ratio              ? 
_refine_analyze.pdbx_Luzzati_d_res_high_obs     ? 
# 
_refine_hist.pdbx_refine_id                   'X-RAY DIFFRACTION' 
_refine_hist.cycle_id                         1 
_refine_hist.pdbx_number_atoms_protein        433 
_refine_hist.pdbx_number_atoms_nucleic_acid   0 
_refine_hist.pdbx_number_atoms_ligand         54 
_refine_hist.number_atoms_solvent             55 
_refine_hist.number_atoms_total               542 
_refine_hist.d_res_high                       1.33 
_refine_hist.d_res_low                        27.8 
# 
loop_
_refine_ls_restr.pdbx_refine_id 
_refine_ls_restr.criterion 
_refine_ls_restr.dev_ideal 
_refine_ls_restr.dev_ideal_target 
_refine_ls_restr.number 
_refine_ls_restr.rejects 
_refine_ls_restr.type 
_refine_ls_restr.weight 
_refine_ls_restr.pdbx_restraint_function 
'X-RAY DIFFRACTION' ? 0.005 ? 972  ? t_bond_d                  6.00  HARMONIC     
'X-RAY DIFFRACTION' ? 0.74  ? 1759 ? t_angle_deg               6.00  HARMONIC     
'X-RAY DIFFRACTION' ? ?     ? 230  ? t_dihedral_angle_d        2.00  SINUSOIDAL   
'X-RAY DIFFRACTION' ? ?     ? ?    ? t_incorr_chiral_ct        ?     ?            
'X-RAY DIFFRACTION' ? ?     ? ?    ? t_pseud_angle             ?     ?            
'X-RAY DIFFRACTION' ? ?     ? ?    ? t_trig_c_planes           ?     ?            
'X-RAY DIFFRACTION' ? ?     ? 153  ? t_gen_planes              5.00  HARMONIC     
'X-RAY DIFFRACTION' ? ?     ? 972  ? t_it                      20.00 HARMONIC     
'X-RAY DIFFRACTION' ? ?     ? 2    ? t_nbd                     5.00  SEMIHARMONIC 
'X-RAY DIFFRACTION' ? 4.90  ? ?    ? t_omega_torsion           ?     ?            
'X-RAY DIFFRACTION' ? 17.43 ? ?    ? t_other_torsion           ?     ?            
'X-RAY DIFFRACTION' ? ?     ? ?    ? t_improper_torsion        ?     ?            
'X-RAY DIFFRACTION' ? ?     ? 64   ? t_chiral_improper_torsion 5.00  SEMIHARMONIC 
'X-RAY DIFFRACTION' ? ?     ? ?    ? t_sum_occupancies         ?     ?            
'X-RAY DIFFRACTION' ? ?     ? ?    ? t_utility_distance        ?     ?            
'X-RAY DIFFRACTION' ? ?     ? ?    ? t_utility_angle           ?     ?            
'X-RAY DIFFRACTION' ? ?     ? ?    ? t_utility_torsion         ?     ?            
'X-RAY DIFFRACTION' ? ?     ? 1154 ? t_ideal_dist_contact      4.00  SEMIHARMONIC 
# 
_refine_ls_shell.pdbx_refine_id                   'X-RAY DIFFRACTION' 
_refine_ls_shell.d_res_high                       1.33 
_refine_ls_shell.d_res_low                        1.48 
_refine_ls_shell.number_reflns_all                2679 
_refine_ls_shell.number_reflns_obs                ? 
_refine_ls_shell.number_reflns_R_free             133 
_refine_ls_shell.number_reflns_R_work             2546 
_refine_ls_shell.percent_reflns_obs               86.77 
_refine_ls_shell.percent_reflns_R_free            4.96 
_refine_ls_shell.R_factor_all                     0.2089 
_refine_ls_shell.R_factor_obs                     ? 
_refine_ls_shell.R_factor_R_free                  0.2254 
_refine_ls_shell.R_factor_R_free_error            ? 
_refine_ls_shell.R_factor_R_work                  0.2080 
_refine_ls_shell.redundancy_reflns_all            ? 
_refine_ls_shell.redundancy_reflns_obs            ? 
_refine_ls_shell.wR_factor_all                    ? 
_refine_ls_shell.wR_factor_obs                    ? 
_refine_ls_shell.wR_factor_R_free                 ? 
_refine_ls_shell.wR_factor_R_work                 ? 
_refine_ls_shell.pdbx_total_number_of_bins_used   5 
_refine_ls_shell.pdbx_phase_error                 ? 
_refine_ls_shell.pdbx_fsc_work                    ? 
_refine_ls_shell.pdbx_fsc_free                    ? 
# 
_struct.entry_id                     6HA4 
_struct.title                        'Crystal structure of PAF - p-sulfonatocalix[4]arene complex' 
_struct.pdbx_model_details           ? 
_struct.pdbx_formula_weight          ? 
_struct.pdbx_formula_weight_method   ? 
_struct.pdbx_model_type_details      ? 
_struct.pdbx_CASP_flag               N 
# 
_struct_keywords.entry_id        6HA4 
_struct_keywords.text            'Penicillium chrysogenum, Antifungal protein, calixarene, molecular glues, nucleating agent' 
_struct_keywords.pdbx_keywords   'ANTIFUNGAL PROTEIN' 
# 
loop_
_struct_asym.id 
_struct_asym.pdbx_blank_PDB_chainid_flag 
_struct_asym.pdbx_modified 
_struct_asym.entity_id 
_struct_asym.details 
A N N 1 ? 
B N N 2 ? 
C N N 3 ? 
D N N 4 ? 
# 
_struct_ref.id                         1 
_struct_ref.db_name                    UNP 
_struct_ref.db_code                    B6HWK0_PENRW 
_struct_ref.pdbx_db_accession          B6HWK0 
_struct_ref.pdbx_db_isoform            ? 
_struct_ref.entity_id                  1 
_struct_ref.pdbx_seq_one_letter_code   AKYTGKCTKSKNECKYKNDAGKDTFIKCPKFDNKKCTKDNNKCTVDTYNNAVDCD 
_struct_ref.pdbx_align_begin           38 
# 
_struct_ref_seq.align_id                      1 
_struct_ref_seq.ref_id                        1 
_struct_ref_seq.pdbx_PDB_id_code              6HA4 
_struct_ref_seq.pdbx_strand_id                A 
_struct_ref_seq.seq_align_beg                 1 
_struct_ref_seq.pdbx_seq_align_beg_ins_code   ? 
_struct_ref_seq.seq_align_end                 55 
_struct_ref_seq.pdbx_seq_align_end_ins_code   ? 
_struct_ref_seq.pdbx_db_accession             B6HWK0 
_struct_ref_seq.db_align_beg                  38 
_struct_ref_seq.pdbx_db_align_beg_ins_code    ? 
_struct_ref_seq.db_align_end                  92 
_struct_ref_seq.pdbx_db_align_end_ins_code    ? 
_struct_ref_seq.pdbx_auth_seq_align_beg       1 
_struct_ref_seq.pdbx_auth_seq_align_end       55 
# 
_pdbx_struct_assembly.id                   1 
_pdbx_struct_assembly.details              author_and_software_defined_assembly 
_pdbx_struct_assembly.method_details       PISA 
_pdbx_struct_assembly.oligomeric_details   monomeric 
_pdbx_struct_assembly.oligomeric_count     1 
# 
loop_
_pdbx_struct_assembly_prop.biol_id 
_pdbx_struct_assembly_prop.type 
_pdbx_struct_assembly_prop.value 
_pdbx_struct_assembly_prop.details 
1 'ABSA (A^2)' 100  ? 
1 MORE         -0   ? 
1 'SSA (A^2)'  4390 ? 
# 
_pdbx_struct_assembly_gen.assembly_id       1 
_pdbx_struct_assembly_gen.oper_expression   1 
_pdbx_struct_assembly_gen.asym_id_list      A,B,C,D 
# 
_pdbx_struct_assembly_auth_evidence.id                     1 
_pdbx_struct_assembly_auth_evidence.assembly_id            1 
_pdbx_struct_assembly_auth_evidence.experimental_support   'gel filtration' 
_pdbx_struct_assembly_auth_evidence.details                ? 
# 
_pdbx_struct_oper_list.id                   1 
_pdbx_struct_oper_list.type                 'identity operation' 
_pdbx_struct_oper_list.name                 1_555 
_pdbx_struct_oper_list.symmetry_operation   x,y,z 
_pdbx_struct_oper_list.matrix[1][1]         1.0000000000 
_pdbx_struct_oper_list.matrix[1][2]         0.0000000000 
_pdbx_struct_oper_list.matrix[1][3]         0.0000000000 
_pdbx_struct_oper_list.vector[1]            0.0000000000 
_pdbx_struct_oper_list.matrix[2][1]         0.0000000000 
_pdbx_struct_oper_list.matrix[2][2]         1.0000000000 
_pdbx_struct_oper_list.matrix[2][3]         0.0000000000 
_pdbx_struct_oper_list.vector[2]            0.0000000000 
_pdbx_struct_oper_list.matrix[3][1]         0.0000000000 
_pdbx_struct_oper_list.matrix[3][2]         0.0000000000 
_pdbx_struct_oper_list.matrix[3][3]         1.0000000000 
_pdbx_struct_oper_list.vector[3]            0.0000000000 
# 
_struct_conf.conf_type_id            HELX_P 
_struct_conf.id                      HELX_P1 
_struct_conf.pdbx_PDB_helix_id       AA1 
_struct_conf.beg_label_comp_id       PHE 
_struct_conf.beg_label_asym_id       A 
_struct_conf.beg_label_seq_id        31 
_struct_conf.pdbx_beg_PDB_ins_code   ? 
_struct_conf.end_label_comp_id       LYS 
_struct_conf.end_label_asym_id       A 
_struct_conf.end_label_seq_id        35 
_struct_conf.pdbx_end_PDB_ins_code   ? 
_struct_conf.beg_auth_comp_id        PHE 
_struct_conf.beg_auth_asym_id        A 
_struct_conf.beg_auth_seq_id         31 
_struct_conf.end_auth_comp_id        LYS 
_struct_conf.end_auth_asym_id        A 
_struct_conf.end_auth_seq_id         35 
_struct_conf.pdbx_PDB_helix_class    5 
_struct_conf.details                 ? 
_struct_conf.pdbx_PDB_helix_length   5 
# 
_struct_conf_type.id          HELX_P 
_struct_conf_type.criteria    ? 
_struct_conf_type.reference   ? 
# 
loop_
_struct_conn.id 
_struct_conn.conn_type_id 
_struct_conn.pdbx_leaving_atom_flag 
_struct_conn.pdbx_PDB_id 
_struct_conn.ptnr1_label_asym_id 
_struct_conn.ptnr1_label_comp_id 
_struct_conn.ptnr1_label_seq_id 
_struct_conn.ptnr1_label_atom_id 
_struct_conn.pdbx_ptnr1_label_alt_id 
_struct_conn.pdbx_ptnr1_PDB_ins_code 
_struct_conn.pdbx_ptnr1_standard_comp_id 
_struct_conn.ptnr1_symmetry 
_struct_conn.ptnr2_label_asym_id 
_struct_conn.ptnr2_label_comp_id 
_struct_conn.ptnr2_label_seq_id 
_struct_conn.ptnr2_label_atom_id 
_struct_conn.pdbx_ptnr2_label_alt_id 
_struct_conn.pdbx_ptnr2_PDB_ins_code 
_struct_conn.ptnr1_auth_asym_id 
_struct_conn.ptnr1_auth_comp_id 
_struct_conn.ptnr1_auth_seq_id 
_struct_conn.ptnr2_auth_asym_id 
_struct_conn.ptnr2_auth_comp_id 
_struct_conn.ptnr2_auth_seq_id 
_struct_conn.ptnr2_symmetry 
_struct_conn.pdbx_ptnr3_label_atom_id 
_struct_conn.pdbx_ptnr3_label_seq_id 
_struct_conn.pdbx_ptnr3_label_comp_id 
_struct_conn.pdbx_ptnr3_label_asym_id 
_struct_conn.pdbx_ptnr3_label_alt_id 
_struct_conn.pdbx_ptnr3_PDB_ins_code 
_struct_conn.details 
_struct_conn.pdbx_dist_value 
_struct_conn.pdbx_value_order 
_struct_conn.pdbx_role 
disulf1 disulf ? ? A CYS 7  SG ? ? ? 1_555 A CYS 36 SG ? ? A CYS 7  A CYS 36 1_555 ? ? ? ? ? ? ? 2.042 ? ? 
disulf2 disulf ? ? A CYS 14 SG ? ? ? 1_555 A CYS 43 SG ? ? A CYS 14 A CYS 43 1_555 ? ? ? ? ? ? ? 2.032 ? ? 
disulf3 disulf ? ? A CYS 28 SG ? ? ? 1_555 A CYS 54 SG ? ? A CYS 28 A CYS 54 1_555 ? ? ? ? ? ? ? 2.025 ? ? 
# 
_struct_conn_type.id          disulf 
_struct_conn_type.criteria    ? 
_struct_conn_type.reference   ? 
# 
loop_
_pdbx_modification_feature.ordinal 
_pdbx_modification_feature.label_comp_id 
_pdbx_modification_feature.label_asym_id 
_pdbx_modification_feature.label_seq_id 
_pdbx_modification_feature.label_alt_id 
_pdbx_modification_feature.modified_residue_label_comp_id 
_pdbx_modification_feature.modified_residue_label_asym_id 
_pdbx_modification_feature.modified_residue_label_seq_id 
_pdbx_modification_feature.modified_residue_label_alt_id 
_pdbx_modification_feature.auth_comp_id 
_pdbx_modification_feature.auth_asym_id 
_pdbx_modification_feature.auth_seq_id 
_pdbx_modification_feature.PDB_ins_code 
_pdbx_modification_feature.symmetry 
_pdbx_modification_feature.modified_residue_auth_comp_id 
_pdbx_modification_feature.modified_residue_auth_asym_id 
_pdbx_modification_feature.modified_residue_auth_seq_id 
_pdbx_modification_feature.modified_residue_PDB_ins_code 
_pdbx_modification_feature.modified_residue_symmetry 
_pdbx_modification_feature.comp_id_linking_atom 
_pdbx_modification_feature.modified_residue_id_linking_atom 
_pdbx_modification_feature.modified_residue_id 
_pdbx_modification_feature.ref_pcm_id 
_pdbx_modification_feature.ref_comp_id 
_pdbx_modification_feature.type 
_pdbx_modification_feature.category 
1 CYS A 7  ? CYS A 36 ? CYS A 7  ? 1_555 CYS A 36 ? 1_555 SG SG . . . None 'Disulfide bridge' 
2 CYS A 14 ? CYS A 43 ? CYS A 14 ? 1_555 CYS A 43 ? 1_555 SG SG . . . None 'Disulfide bridge' 
3 CYS A 28 ? CYS A 54 ? CYS A 28 ? 1_555 CYS A 54 ? 1_555 SG SG . . . None 'Disulfide bridge' 
# 
_struct_sheet.id               AA1 
_struct_sheet.type             ? 
_struct_sheet.number_strands   5 
_struct_sheet.details          ? 
# 
loop_
_struct_sheet_order.sheet_id 
_struct_sheet_order.range_id_1 
_struct_sheet_order.range_id_2 
_struct_sheet_order.offset 
_struct_sheet_order.sense 
AA1 1 2 ? anti-parallel 
AA1 2 3 ? anti-parallel 
AA1 3 4 ? anti-parallel 
AA1 4 5 ? anti-parallel 
# 
loop_
_struct_sheet_range.sheet_id 
_struct_sheet_range.id 
_struct_sheet_range.beg_label_comp_id 
_struct_sheet_range.beg_label_asym_id 
_struct_sheet_range.beg_label_seq_id 
_struct_sheet_range.pdbx_beg_PDB_ins_code 
_struct_sheet_range.end_label_comp_id 
_struct_sheet_range.end_label_asym_id 
_struct_sheet_range.end_label_seq_id 
_struct_sheet_range.pdbx_end_PDB_ins_code 
_struct_sheet_range.beg_auth_comp_id 
_struct_sheet_range.beg_auth_asym_id 
_struct_sheet_range.beg_auth_seq_id 
_struct_sheet_range.end_auth_comp_id 
_struct_sheet_range.end_auth_asym_id 
_struct_sheet_range.end_auth_seq_id 
AA1 1 ASP A 23 ? LYS A 27 ? ASP A 23 LYS A 27 
AA1 2 GLU A 13 ? LYS A 17 ? GLU A 13 LYS A 17 
AA1 3 LYS A 2  ? THR A 8  ? LYS A 2  THR A 8  
AA1 4 ASN A 41 ? ASP A 46 ? ASN A 41 ASP A 46 
AA1 5 VAL A 52 ? CYS A 54 ? VAL A 52 CYS A 54 
# 
loop_
_pdbx_struct_sheet_hbond.sheet_id 
_pdbx_struct_sheet_hbond.range_id_1 
_pdbx_struct_sheet_hbond.range_id_2 
_pdbx_struct_sheet_hbond.range_1_label_atom_id 
_pdbx_struct_sheet_hbond.range_1_label_comp_id 
_pdbx_struct_sheet_hbond.range_1_label_asym_id 
_pdbx_struct_sheet_hbond.range_1_label_seq_id 
_pdbx_struct_sheet_hbond.range_1_PDB_ins_code 
_pdbx_struct_sheet_hbond.range_1_auth_atom_id 
_pdbx_struct_sheet_hbond.range_1_auth_comp_id 
_pdbx_struct_sheet_hbond.range_1_auth_asym_id 
_pdbx_struct_sheet_hbond.range_1_auth_seq_id 
_pdbx_struct_sheet_hbond.range_2_label_atom_id 
_pdbx_struct_sheet_hbond.range_2_label_comp_id 
_pdbx_struct_sheet_hbond.range_2_label_asym_id 
_pdbx_struct_sheet_hbond.range_2_label_seq_id 
_pdbx_struct_sheet_hbond.range_2_PDB_ins_code 
_pdbx_struct_sheet_hbond.range_2_auth_atom_id 
_pdbx_struct_sheet_hbond.range_2_auth_comp_id 
_pdbx_struct_sheet_hbond.range_2_auth_asym_id 
_pdbx_struct_sheet_hbond.range_2_auth_seq_id 
AA1 1 2 O ILE A 26 ? O ILE A 26 N CYS A 14 ? N CYS A 14 
AA1 2 3 O LYS A 15 ? O LYS A 15 N LYS A 6  ? N LYS A 6  
AA1 3 4 N TYR A 3  ? N TYR A 3  O VAL A 45 ? O VAL A 45 
AA1 4 5 N THR A 44 ? N THR A 44 O ASP A 53 ? O ASP A 53 
# 
loop_
_struct_site.id 
_struct_site.pdbx_evidence_code 
_struct_site.pdbx_auth_asym_id 
_struct_site.pdbx_auth_comp_id 
_struct_site.pdbx_auth_seq_id 
_struct_site.pdbx_auth_ins_code 
_struct_site.pdbx_num_residues 
_struct_site.details 
AC1 Software A GOL 201 ? 7  'binding site for residue GOL A 201' 
AC2 Software A T3Y 202 ? 16 'binding site for residue T3Y A 202' 
# 
loop_
_struct_site_gen.id 
_struct_site_gen.site_id 
_struct_site_gen.pdbx_num_res 
_struct_site_gen.label_comp_id 
_struct_site_gen.label_asym_id 
_struct_site_gen.label_seq_id 
_struct_site_gen.pdbx_auth_ins_code 
_struct_site_gen.auth_comp_id 
_struct_site_gen.auth_asym_id 
_struct_site_gen.auth_seq_id 
_struct_site_gen.label_atom_id 
_struct_site_gen.label_alt_id 
_struct_site_gen.symmetry 
_struct_site_gen.details 
1  AC1 7  SER A 10 ? SER A 10  . ? 1_656 ? 
2  AC1 7  ASN A 12 ? ASN A 12  . ? 1_656 ? 
3  AC1 7  ASP A 19 ? ASP A 19  . ? 1_555 ? 
4  AC1 7  ALA A 20 ? ALA A 20  . ? 1_555 ? 
5  AC1 7  LYS A 27 ? LYS A 27  . ? 1_656 ? 
6  AC1 7  HOH D .  ? HOH A 305 . ? 1_555 ? 
7  AC1 7  HOH D .  ? HOH A 312 . ? 1_555 ? 
8  AC2 16 ALA A 1  ? ALA A 1   . ? 1_454 ? 
9  AC2 16 THR A 4  ? THR A 4   . ? 1_554 ? 
10 AC2 16 LYS A 6  ? LYS A 6   . ? 1_554 ? 
11 AC2 16 LYS A 17 ? LYS A 17  . ? 1_554 ? 
12 AC2 16 PRO A 29 ? PRO A 29  . ? 1_555 ? 
13 AC2 16 LYS A 30 ? LYS A 30  . ? 1_555 ? 
14 AC2 16 PHE A 31 ? PHE A 31  . ? 1_555 ? 
15 AC2 16 ASP A 32 ? ASP A 32  . ? 1_555 ? 
16 AC2 16 LYS A 35 ? LYS A 35  . ? 1_555 ? 
17 AC2 16 THR A 47 ? THR A 47  . ? 1_454 ? 
18 AC2 16 HOH D .  ? HOH A 302 . ? 1_555 ? 
19 AC2 16 HOH D .  ? HOH A 303 . ? 1_555 ? 
20 AC2 16 HOH D .  ? HOH A 304 . ? 1_454 ? 
21 AC2 16 HOH D .  ? HOH A 319 . ? 1_454 ? 
22 AC2 16 HOH D .  ? HOH A 339 . ? 1_555 ? 
23 AC2 16 HOH D .  ? HOH A 344 . ? 1_555 ? 
# 
_pdbx_entry_details.entry_id                   6HA4 
_pdbx_entry_details.compound_details           ? 
_pdbx_entry_details.source_details             ? 
_pdbx_entry_details.nonpolymer_details         ? 
_pdbx_entry_details.sequence_details           ? 
_pdbx_entry_details.has_ligand_of_interest     ? 
_pdbx_entry_details.has_protein_modification   Y 
# 
_pdbx_refine_tls.pdbx_refine_id   'X-RAY DIFFRACTION' 
_pdbx_refine_tls.id               1 
_pdbx_refine_tls.details          ? 
_pdbx_refine_tls.method           refined 
_pdbx_refine_tls.origin_x         0.0584 
_pdbx_refine_tls.origin_y         -0.3552 
_pdbx_refine_tls.origin_z         0.3531 
_pdbx_refine_tls.T[1][1]          -0.0176 
_pdbx_refine_tls.T[2][2]          -0.0073 
_pdbx_refine_tls.T[3][3]          -0.0379 
_pdbx_refine_tls.T[1][2]          -0.0241 
_pdbx_refine_tls.T[1][3]          -0.0049 
_pdbx_refine_tls.T[2][3]          -0.0078 
_pdbx_refine_tls.L[1][1]          0.9955 
_pdbx_refine_tls.L[2][2]          0.8436 
_pdbx_refine_tls.L[3][3]          1.1981 
_pdbx_refine_tls.L[1][2]          -0.2164 
_pdbx_refine_tls.L[1][3]          -0.1510 
_pdbx_refine_tls.L[2][3]          -0.2921 
_pdbx_refine_tls.S[1][1]          0.0317 
_pdbx_refine_tls.S[1][2]          -0.0785 
_pdbx_refine_tls.S[1][3]          0.0393 
_pdbx_refine_tls.S[2][1]          -0.0412 
_pdbx_refine_tls.S[2][2]          -0.0350 
_pdbx_refine_tls.S[2][3]          -0.0026 
_pdbx_refine_tls.S[3][1]          -0.0147 
_pdbx_refine_tls.S[3][2]          -0.0127 
_pdbx_refine_tls.S[3][3]          0.0034 
# 
_pdbx_refine_tls_group.pdbx_refine_id      'X-RAY DIFFRACTION' 
_pdbx_refine_tls_group.id                  1 
_pdbx_refine_tls_group.refine_tls_id       1 
_pdbx_refine_tls_group.beg_auth_asym_id    ? 
_pdbx_refine_tls_group.beg_auth_seq_id     ? 
_pdbx_refine_tls_group.beg_label_asym_id   ? 
_pdbx_refine_tls_group.beg_label_seq_id    ? 
_pdbx_refine_tls_group.end_auth_asym_id    ? 
_pdbx_refine_tls_group.end_auth_seq_id     ? 
_pdbx_refine_tls_group.end_label_asym_id   ? 
_pdbx_refine_tls_group.end_label_seq_id    ? 
_pdbx_refine_tls_group.selection           ? 
_pdbx_refine_tls_group.selection_details   '{ A|* }' 
# 
loop_
_chem_comp_atom.comp_id 
_chem_comp_atom.atom_id 
_chem_comp_atom.type_symbol 
_chem_comp_atom.pdbx_aromatic_flag 
_chem_comp_atom.pdbx_stereo_config 
_chem_comp_atom.pdbx_ordinal 
ALA N    N N N 1   
ALA CA   C N S 2   
ALA C    C N N 3   
ALA O    O N N 4   
ALA CB   C N N 5   
ALA OXT  O N N 6   
ALA H    H N N 7   
ALA H2   H N N 8   
ALA HA   H N N 9   
ALA HB1  H N N 10  
ALA HB2  H N N 11  
ALA HB3  H N N 12  
ALA HXT  H N N 13  
ASN N    N N N 14  
ASN CA   C N S 15  
ASN C    C N N 16  
ASN O    O N N 17  
ASN CB   C N N 18  
ASN CG   C N N 19  
ASN OD1  O N N 20  
ASN ND2  N N N 21  
ASN OXT  O N N 22  
ASN H    H N N 23  
ASN H2   H N N 24  
ASN HA   H N N 25  
ASN HB2  H N N 26  
ASN HB3  H N N 27  
ASN HD21 H N N 28  
ASN HD22 H N N 29  
ASN HXT  H N N 30  
ASP N    N N N 31  
ASP CA   C N S 32  
ASP C    C N N 33  
ASP O    O N N 34  
ASP CB   C N N 35  
ASP CG   C N N 36  
ASP OD1  O N N 37  
ASP OD2  O N N 38  
ASP OXT  O N N 39  
ASP H    H N N 40  
ASP H2   H N N 41  
ASP HA   H N N 42  
ASP HB2  H N N 43  
ASP HB3  H N N 44  
ASP HD2  H N N 45  
ASP HXT  H N N 46  
CYS N    N N N 47  
CYS CA   C N R 48  
CYS C    C N N 49  
CYS O    O N N 50  
CYS CB   C N N 51  
CYS SG   S N N 52  
CYS OXT  O N N 53  
CYS H    H N N 54  
CYS H2   H N N 55  
CYS HA   H N N 56  
CYS HB2  H N N 57  
CYS HB3  H N N 58  
CYS HG   H N N 59  
CYS HXT  H N N 60  
GLU N    N N N 61  
GLU CA   C N S 62  
GLU C    C N N 63  
GLU O    O N N 64  
GLU CB   C N N 65  
GLU CG   C N N 66  
GLU CD   C N N 67  
GLU OE1  O N N 68  
GLU OE2  O N N 69  
GLU OXT  O N N 70  
GLU H    H N N 71  
GLU H2   H N N 72  
GLU HA   H N N 73  
GLU HB2  H N N 74  
GLU HB3  H N N 75  
GLU HG2  H N N 76  
GLU HG3  H N N 77  
GLU HE2  H N N 78  
GLU HXT  H N N 79  
GLY N    N N N 80  
GLY CA   C N N 81  
GLY C    C N N 82  
GLY O    O N N 83  
GLY OXT  O N N 84  
GLY H    H N N 85  
GLY H2   H N N 86  
GLY HA2  H N N 87  
GLY HA3  H N N 88  
GLY HXT  H N N 89  
GOL C1   C N N 90  
GOL O1   O N N 91  
GOL C2   C N N 92  
GOL O2   O N N 93  
GOL C3   C N N 94  
GOL O3   O N N 95  
GOL H11  H N N 96  
GOL H12  H N N 97  
GOL HO1  H N N 98  
GOL H2   H N N 99  
GOL HO2  H N N 100 
GOL H31  H N N 101 
GOL H32  H N N 102 
GOL HO3  H N N 103 
HOH O    O N N 104 
HOH H1   H N N 105 
HOH H2   H N N 106 
ILE N    N N N 107 
ILE CA   C N S 108 
ILE C    C N N 109 
ILE O    O N N 110 
ILE CB   C N S 111 
ILE CG1  C N N 112 
ILE CG2  C N N 113 
ILE CD1  C N N 114 
ILE OXT  O N N 115 
ILE H    H N N 116 
ILE H2   H N N 117 
ILE HA   H N N 118 
ILE HB   H N N 119 
ILE HG12 H N N 120 
ILE HG13 H N N 121 
ILE HG21 H N N 122 
ILE HG22 H N N 123 
ILE HG23 H N N 124 
ILE HD11 H N N 125 
ILE HD12 H N N 126 
ILE HD13 H N N 127 
ILE HXT  H N N 128 
LYS N    N N N 129 
LYS CA   C N S 130 
LYS C    C N N 131 
LYS O    O N N 132 
LYS CB   C N N 133 
LYS CG   C N N 134 
LYS CD   C N N 135 
LYS CE   C N N 136 
LYS NZ   N N N 137 
LYS OXT  O N N 138 
LYS H    H N N 139 
LYS H2   H N N 140 
LYS HA   H N N 141 
LYS HB2  H N N 142 
LYS HB3  H N N 143 
LYS HG2  H N N 144 
LYS HG3  H N N 145 
LYS HD2  H N N 146 
LYS HD3  H N N 147 
LYS HE2  H N N 148 
LYS HE3  H N N 149 
LYS HZ1  H N N 150 
LYS HZ2  H N N 151 
LYS HZ3  H N N 152 
LYS HXT  H N N 153 
PHE N    N N N 154 
PHE CA   C N S 155 
PHE C    C N N 156 
PHE O    O N N 157 
PHE CB   C N N 158 
PHE CG   C Y N 159 
PHE CD1  C Y N 160 
PHE CD2  C Y N 161 
PHE CE1  C Y N 162 
PHE CE2  C Y N 163 
PHE CZ   C Y N 164 
PHE OXT  O N N 165 
PHE H    H N N 166 
PHE H2   H N N 167 
PHE HA   H N N 168 
PHE HB2  H N N 169 
PHE HB3  H N N 170 
PHE HD1  H N N 171 
PHE HD2  H N N 172 
PHE HE1  H N N 173 
PHE HE2  H N N 174 
PHE HZ   H N N 175 
PHE HXT  H N N 176 
PRO N    N N N 177 
PRO CA   C N S 178 
PRO C    C N N 179 
PRO O    O N N 180 
PRO CB   C N N 181 
PRO CG   C N N 182 
PRO CD   C N N 183 
PRO OXT  O N N 184 
PRO H    H N N 185 
PRO HA   H N N 186 
PRO HB2  H N N 187 
PRO HB3  H N N 188 
PRO HG2  H N N 189 
PRO HG3  H N N 190 
PRO HD2  H N N 191 
PRO HD3  H N N 192 
PRO HXT  H N N 193 
SER N    N N N 194 
SER CA   C N S 195 
SER C    C N N 196 
SER O    O N N 197 
SER CB   C N N 198 
SER OG   O N N 199 
SER OXT  O N N 200 
SER H    H N N 201 
SER H2   H N N 202 
SER HA   H N N 203 
SER HB2  H N N 204 
SER HB3  H N N 205 
SER HG   H N N 206 
SER HXT  H N N 207 
T3Y O3   O N N 208 
T3Y S1   S N N 209 
T3Y O1   O N N 210 
T3Y O2   O N N 211 
T3Y C1   C Y N 212 
T3Y C24  C Y N 213 
T3Y C23  C Y N 214 
T3Y C22  C N N 215 
T3Y C2   C Y N 216 
T3Y C3   C Y N 217 
T3Y C25  C Y N 218 
T3Y O13  O N N 219 
T3Y C4   C N N 220 
T3Y C5   C Y N 221 
T3Y C6   C Y N 222 
T3Y C7   C Y N 223 
T3Y S2   S N N 224 
T3Y O4   O N N 225 
T3Y O5   O N N 226 
T3Y O6   O N N 227 
T3Y C8   C Y N 228 
T3Y C28  C Y N 229 
T3Y O16  O N N 230 
T3Y C9   C Y N 231 
T3Y C10  C N N 232 
T3Y C11  C Y N 233 
T3Y C12  C Y N 234 
T3Y C13  C Y N 235 
T3Y S3   S N N 236 
T3Y O7   O N N 237 
T3Y O8   O N N 238 
T3Y O9   O N N 239 
T3Y C14  C Y N 240 
T3Y C27  C Y N 241 
T3Y O15  O N N 242 
T3Y C15  C Y N 243 
T3Y C16  C N N 244 
T3Y C17  C Y N 245 
T3Y C18  C Y N 246 
T3Y C26  C Y N 247 
T3Y O14  O N N 248 
T3Y C21  C Y N 249 
T3Y C20  C Y N 250 
T3Y C19  C Y N 251 
T3Y S4   S N N 252 
T3Y O11  O N N 253 
T3Y O10  O N N 254 
T3Y O12  O N N 255 
T3Y HO3  H N N 256 
T3Y H24  H N N 257 
T3Y H22  H N N 258 
T3Y H22A H N N 259 
T3Y H2   H N N 260 
T3Y HO13 H N N 261 
T3Y H4   H N N 262 
T3Y H4A  H N N 263 
T3Y H6   H N N 264 
T3Y HO5  H N N 265 
T3Y H8   H N N 266 
T3Y HO16 H N N 267 
T3Y H10  H N N 268 
T3Y H10A H N N 269 
T3Y H12  H N N 270 
T3Y HO8  H N N 271 
T3Y H14  H N N 272 
T3Y HO15 H N N 273 
T3Y H16  H N N 274 
T3Y H16A H N N 275 
T3Y H18  H N N 276 
T3Y HO14 H N N 277 
T3Y H20  H N N 278 
T3Y HO10 H N N 279 
THR N    N N N 280 
THR CA   C N S 281 
THR C    C N N 282 
THR O    O N N 283 
THR CB   C N R 284 
THR OG1  O N N 285 
THR CG2  C N N 286 
THR OXT  O N N 287 
THR H    H N N 288 
THR H2   H N N 289 
THR HA   H N N 290 
THR HB   H N N 291 
THR HG1  H N N 292 
THR HG21 H N N 293 
THR HG22 H N N 294 
THR HG23 H N N 295 
THR HXT  H N N 296 
TYR N    N N N 297 
TYR CA   C N S 298 
TYR C    C N N 299 
TYR O    O N N 300 
TYR CB   C N N 301 
TYR CG   C Y N 302 
TYR CD1  C Y N 303 
TYR CD2  C Y N 304 
TYR CE1  C Y N 305 
TYR CE2  C Y N 306 
TYR CZ   C Y N 307 
TYR OH   O N N 308 
TYR OXT  O N N 309 
TYR H    H N N 310 
TYR H2   H N N 311 
TYR HA   H N N 312 
TYR HB2  H N N 313 
TYR HB3  H N N 314 
TYR HD1  H N N 315 
TYR HD2  H N N 316 
TYR HE1  H N N 317 
TYR HE2  H N N 318 
TYR HH   H N N 319 
TYR HXT  H N N 320 
VAL N    N N N 321 
VAL CA   C N S 322 
VAL C    C N N 323 
VAL O    O N N 324 
VAL CB   C N N 325 
VAL CG1  C N N 326 
VAL CG2  C N N 327 
VAL OXT  O N N 328 
VAL H    H N N 329 
VAL H2   H N N 330 
VAL HA   H N N 331 
VAL HB   H N N 332 
VAL HG11 H N N 333 
VAL HG12 H N N 334 
VAL HG13 H N N 335 
VAL HG21 H N N 336 
VAL HG22 H N N 337 
VAL HG23 H N N 338 
VAL HXT  H N N 339 
# 
loop_
_chem_comp_bond.comp_id 
_chem_comp_bond.atom_id_1 
_chem_comp_bond.atom_id_2 
_chem_comp_bond.value_order 
_chem_comp_bond.pdbx_aromatic_flag 
_chem_comp_bond.pdbx_stereo_config 
_chem_comp_bond.pdbx_ordinal 
ALA N   CA   sing N N 1   
ALA N   H    sing N N 2   
ALA N   H2   sing N N 3   
ALA CA  C    sing N N 4   
ALA CA  CB   sing N N 5   
ALA CA  HA   sing N N 6   
ALA C   O    doub N N 7   
ALA C   OXT  sing N N 8   
ALA CB  HB1  sing N N 9   
ALA CB  HB2  sing N N 10  
ALA CB  HB3  sing N N 11  
ALA OXT HXT  sing N N 12  
ASN N   CA   sing N N 13  
ASN N   H    sing N N 14  
ASN N   H2   sing N N 15  
ASN CA  C    sing N N 16  
ASN CA  CB   sing N N 17  
ASN CA  HA   sing N N 18  
ASN C   O    doub N N 19  
ASN C   OXT  sing N N 20  
ASN CB  CG   sing N N 21  
ASN CB  HB2  sing N N 22  
ASN CB  HB3  sing N N 23  
ASN CG  OD1  doub N N 24  
ASN CG  ND2  sing N N 25  
ASN ND2 HD21 sing N N 26  
ASN ND2 HD22 sing N N 27  
ASN OXT HXT  sing N N 28  
ASP N   CA   sing N N 29  
ASP N   H    sing N N 30  
ASP N   H2   sing N N 31  
ASP CA  C    sing N N 32  
ASP CA  CB   sing N N 33  
ASP CA  HA   sing N N 34  
ASP C   O    doub N N 35  
ASP C   OXT  sing N N 36  
ASP CB  CG   sing N N 37  
ASP CB  HB2  sing N N 38  
ASP CB  HB3  sing N N 39  
ASP CG  OD1  doub N N 40  
ASP CG  OD2  sing N N 41  
ASP OD2 HD2  sing N N 42  
ASP OXT HXT  sing N N 43  
CYS N   CA   sing N N 44  
CYS N   H    sing N N 45  
CYS N   H2   sing N N 46  
CYS CA  C    sing N N 47  
CYS CA  CB   sing N N 48  
CYS CA  HA   sing N N 49  
CYS C   O    doub N N 50  
CYS C   OXT  sing N N 51  
CYS CB  SG   sing N N 52  
CYS CB  HB2  sing N N 53  
CYS CB  HB3  sing N N 54  
CYS SG  HG   sing N N 55  
CYS OXT HXT  sing N N 56  
GLU N   CA   sing N N 57  
GLU N   H    sing N N 58  
GLU N   H2   sing N N 59  
GLU CA  C    sing N N 60  
GLU CA  CB   sing N N 61  
GLU CA  HA   sing N N 62  
GLU C   O    doub N N 63  
GLU C   OXT  sing N N 64  
GLU CB  CG   sing N N 65  
GLU CB  HB2  sing N N 66  
GLU CB  HB3  sing N N 67  
GLU CG  CD   sing N N 68  
GLU CG  HG2  sing N N 69  
GLU CG  HG3  sing N N 70  
GLU CD  OE1  doub N N 71  
GLU CD  OE2  sing N N 72  
GLU OE2 HE2  sing N N 73  
GLU OXT HXT  sing N N 74  
GLY N   CA   sing N N 75  
GLY N   H    sing N N 76  
GLY N   H2   sing N N 77  
GLY CA  C    sing N N 78  
GLY CA  HA2  sing N N 79  
GLY CA  HA3  sing N N 80  
GLY C   O    doub N N 81  
GLY C   OXT  sing N N 82  
GLY OXT HXT  sing N N 83  
GOL C1  O1   sing N N 84  
GOL C1  C2   sing N N 85  
GOL C1  H11  sing N N 86  
GOL C1  H12  sing N N 87  
GOL O1  HO1  sing N N 88  
GOL C2  O2   sing N N 89  
GOL C2  C3   sing N N 90  
GOL C2  H2   sing N N 91  
GOL O2  HO2  sing N N 92  
GOL C3  O3   sing N N 93  
GOL C3  H31  sing N N 94  
GOL C3  H32  sing N N 95  
GOL O3  HO3  sing N N 96  
HOH O   H1   sing N N 97  
HOH O   H2   sing N N 98  
ILE N   CA   sing N N 99  
ILE N   H    sing N N 100 
ILE N   H2   sing N N 101 
ILE CA  C    sing N N 102 
ILE CA  CB   sing N N 103 
ILE CA  HA   sing N N 104 
ILE C   O    doub N N 105 
ILE C   OXT  sing N N 106 
ILE CB  CG1  sing N N 107 
ILE CB  CG2  sing N N 108 
ILE CB  HB   sing N N 109 
ILE CG1 CD1  sing N N 110 
ILE CG1 HG12 sing N N 111 
ILE CG1 HG13 sing N N 112 
ILE CG2 HG21 sing N N 113 
ILE CG2 HG22 sing N N 114 
ILE CG2 HG23 sing N N 115 
ILE CD1 HD11 sing N N 116 
ILE CD1 HD12 sing N N 117 
ILE CD1 HD13 sing N N 118 
ILE OXT HXT  sing N N 119 
LYS N   CA   sing N N 120 
LYS N   H    sing N N 121 
LYS N   H2   sing N N 122 
LYS CA  C    sing N N 123 
LYS CA  CB   sing N N 124 
LYS CA  HA   sing N N 125 
LYS C   O    doub N N 126 
LYS C   OXT  sing N N 127 
LYS CB  CG   sing N N 128 
LYS CB  HB2  sing N N 129 
LYS CB  HB3  sing N N 130 
LYS CG  CD   sing N N 131 
LYS CG  HG2  sing N N 132 
LYS CG  HG3  sing N N 133 
LYS CD  CE   sing N N 134 
LYS CD  HD2  sing N N 135 
LYS CD  HD3  sing N N 136 
LYS CE  NZ   sing N N 137 
LYS CE  HE2  sing N N 138 
LYS CE  HE3  sing N N 139 
LYS NZ  HZ1  sing N N 140 
LYS NZ  HZ2  sing N N 141 
LYS NZ  HZ3  sing N N 142 
LYS OXT HXT  sing N N 143 
PHE N   CA   sing N N 144 
PHE N   H    sing N N 145 
PHE N   H2   sing N N 146 
PHE CA  C    sing N N 147 
PHE CA  CB   sing N N 148 
PHE CA  HA   sing N N 149 
PHE C   O    doub N N 150 
PHE C   OXT  sing N N 151 
PHE CB  CG   sing N N 152 
PHE CB  HB2  sing N N 153 
PHE CB  HB3  sing N N 154 
PHE CG  CD1  doub Y N 155 
PHE CG  CD2  sing Y N 156 
PHE CD1 CE1  sing Y N 157 
PHE CD1 HD1  sing N N 158 
PHE CD2 CE2  doub Y N 159 
PHE CD2 HD2  sing N N 160 
PHE CE1 CZ   doub Y N 161 
PHE CE1 HE1  sing N N 162 
PHE CE2 CZ   sing Y N 163 
PHE CE2 HE2  sing N N 164 
PHE CZ  HZ   sing N N 165 
PHE OXT HXT  sing N N 166 
PRO N   CA   sing N N 167 
PRO N   CD   sing N N 168 
PRO N   H    sing N N 169 
PRO CA  C    sing N N 170 
PRO CA  CB   sing N N 171 
PRO CA  HA   sing N N 172 
PRO C   O    doub N N 173 
PRO C   OXT  sing N N 174 
PRO CB  CG   sing N N 175 
PRO CB  HB2  sing N N 176 
PRO CB  HB3  sing N N 177 
PRO CG  CD   sing N N 178 
PRO CG  HG2  sing N N 179 
PRO CG  HG3  sing N N 180 
PRO CD  HD2  sing N N 181 
PRO CD  HD3  sing N N 182 
PRO OXT HXT  sing N N 183 
SER N   CA   sing N N 184 
SER N   H    sing N N 185 
SER N   H2   sing N N 186 
SER CA  C    sing N N 187 
SER CA  CB   sing N N 188 
SER CA  HA   sing N N 189 
SER C   O    doub N N 190 
SER C   OXT  sing N N 191 
SER CB  OG   sing N N 192 
SER CB  HB2  sing N N 193 
SER CB  HB3  sing N N 194 
SER OG  HG   sing N N 195 
SER OXT HXT  sing N N 196 
T3Y S1  O3   sing N N 197 
T3Y O3  HO3  sing N N 198 
T3Y O2  S1   doub N N 199 
T3Y S1  O1   doub N N 200 
T3Y S1  C1   sing N N 201 
T3Y C1  C2   doub Y N 202 
T3Y C1  C24  sing Y N 203 
T3Y C24 C23  doub Y N 204 
T3Y C24 H24  sing N N 205 
T3Y C23 C25  sing Y N 206 
T3Y C23 C22  sing N N 207 
T3Y C22 C21  sing N N 208 
T3Y C22 H22  sing N N 209 
T3Y C22 H22A sing N N 210 
T3Y C2  C3   sing Y N 211 
T3Y C2  H2   sing N N 212 
T3Y C3  C4   sing N N 213 
T3Y C3  C25  doub Y N 214 
T3Y C25 O13  sing N N 215 
T3Y O13 HO13 sing N N 216 
T3Y C4  C5   sing N N 217 
T3Y C4  H4   sing N N 218 
T3Y C4  H4A  sing N N 219 
T3Y C5  C6   doub Y N 220 
T3Y C5  C28  sing Y N 221 
T3Y C6  C7   sing Y N 222 
T3Y C6  H6   sing N N 223 
T3Y C7  S2   sing N N 224 
T3Y C7  C8   doub Y N 225 
T3Y O6  S2   doub N N 226 
T3Y S2  O4   doub N N 227 
T3Y S2  O5   sing N N 228 
T3Y O5  HO5  sing N N 229 
T3Y C9  C8   sing Y N 230 
T3Y C8  H8   sing N N 231 
T3Y O16 C28  sing N N 232 
T3Y C28 C9   doub Y N 233 
T3Y O16 HO16 sing N N 234 
T3Y C9  C10  sing N N 235 
T3Y C10 C11  sing N N 236 
T3Y C10 H10  sing N N 237 
T3Y C10 H10A sing N N 238 
T3Y C27 C11  doub Y N 239 
T3Y C11 C12  sing Y N 240 
T3Y C12 C13  doub Y N 241 
T3Y C12 H12  sing N N 242 
T3Y C14 C13  sing Y N 243 
T3Y C13 S3   sing N N 244 
T3Y O9  S3   doub N N 245 
T3Y S3  O7   doub N N 246 
T3Y S3  O8   sing N N 247 
T3Y O8  HO8  sing N N 248 
T3Y C15 C14  doub Y N 249 
T3Y C14 H14  sing N N 250 
T3Y O15 C27  sing N N 251 
T3Y C27 C15  sing Y N 252 
T3Y O15 HO15 sing N N 253 
T3Y C16 C15  sing N N 254 
T3Y C17 C16  sing N N 255 
T3Y C16 H16  sing N N 256 
T3Y C16 H16A sing N N 257 
T3Y C26 C17  doub Y N 258 
T3Y C17 C18  sing Y N 259 
T3Y C19 C18  doub Y N 260 
T3Y C18 H18  sing N N 261 
T3Y C21 C26  sing Y N 262 
T3Y O14 C26  sing N N 263 
T3Y O14 HO14 sing N N 264 
T3Y C21 C20  doub Y N 265 
T3Y C20 C19  sing Y N 266 
T3Y C20 H20  sing N N 267 
T3Y C19 S4   sing N N 268 
T3Y O11 S4   doub N N 269 
T3Y S4  O12  doub N N 270 
T3Y S4  O10  sing N N 271 
T3Y O10 HO10 sing N N 272 
THR N   CA   sing N N 273 
THR N   H    sing N N 274 
THR N   H2   sing N N 275 
THR CA  C    sing N N 276 
THR CA  CB   sing N N 277 
THR CA  HA   sing N N 278 
THR C   O    doub N N 279 
THR C   OXT  sing N N 280 
THR CB  OG1  sing N N 281 
THR CB  CG2  sing N N 282 
THR CB  HB   sing N N 283 
THR OG1 HG1  sing N N 284 
THR CG2 HG21 sing N N 285 
THR CG2 HG22 sing N N 286 
THR CG2 HG23 sing N N 287 
THR OXT HXT  sing N N 288 
TYR N   CA   sing N N 289 
TYR N   H    sing N N 290 
TYR N   H2   sing N N 291 
TYR CA  C    sing N N 292 
TYR CA  CB   sing N N 293 
TYR CA  HA   sing N N 294 
TYR C   O    doub N N 295 
TYR C   OXT  sing N N 296 
TYR CB  CG   sing N N 297 
TYR CB  HB2  sing N N 298 
TYR CB  HB3  sing N N 299 
TYR CG  CD1  doub Y N 300 
TYR CG  CD2  sing Y N 301 
TYR CD1 CE1  sing Y N 302 
TYR CD1 HD1  sing N N 303 
TYR CD2 CE2  doub Y N 304 
TYR CD2 HD2  sing N N 305 
TYR CE1 CZ   doub Y N 306 
TYR CE1 HE1  sing N N 307 
TYR CE2 CZ   sing Y N 308 
TYR CE2 HE2  sing N N 309 
TYR CZ  OH   sing N N 310 
TYR OH  HH   sing N N 311 
TYR OXT HXT  sing N N 312 
VAL N   CA   sing N N 313 
VAL N   H    sing N N 314 
VAL N   H2   sing N N 315 
VAL CA  C    sing N N 316 
VAL CA  CB   sing N N 317 
VAL CA  HA   sing N N 318 
VAL C   O    doub N N 319 
VAL C   OXT  sing N N 320 
VAL CB  CG1  sing N N 321 
VAL CB  CG2  sing N N 322 
VAL CB  HB   sing N N 323 
VAL CG1 HG11 sing N N 324 
VAL CG1 HG12 sing N N 325 
VAL CG1 HG13 sing N N 326 
VAL CG2 HG21 sing N N 327 
VAL CG2 HG22 sing N N 328 
VAL CG2 HG23 sing N N 329 
VAL OXT HXT  sing N N 330 
# 
loop_
_pdbx_audit_support.funding_organization 
_pdbx_audit_support.country 
_pdbx_audit_support.grant_number 
_pdbx_audit_support.ordinal 
'Science Foundation Ireland' Ireland 13/CDA/2168  1 
'Science Foundation Ireland' Ireland 13/ERC/B2912 2 
# 
_pdbx_initial_refinement_model.id               1 
_pdbx_initial_refinement_model.entity_id_list   ? 
_pdbx_initial_refinement_model.type             'experimental model' 
_pdbx_initial_refinement_model.source_name      PDB 
_pdbx_initial_refinement_model.accession_code   2MHV 
_pdbx_initial_refinement_model.details          ? 
# 
_atom_sites.entry_id                    6HA4 
_atom_sites.fract_transf_matrix[1][1]   0.01853962 
_atom_sites.fract_transf_matrix[1][2]   -0.01088323 
_atom_sites.fract_transf_matrix[1][3]   -0.04223310 
_atom_sites.fract_transf_matrix[2][1]   -0.01277679 
_atom_sites.fract_transf_matrix[2][2]   -0.02333274 
_atom_sites.fract_transf_matrix[2][3]   0.00040392 
_atom_sites.fract_transf_matrix[3][1]   -0.02099670 
_atom_sites.fract_transf_matrix[3][2]   0.01103012 
_atom_sites.fract_transf_matrix[3][3]   -0.02700427 
_atom_sites.fract_transf_vector[1]      0.393921 
_atom_sites.fract_transf_vector[2]      0.112645 
_atom_sites.fract_transf_vector[3]      1.142516 
# 
loop_
_atom_type.symbol 
C 
N 
O 
S 
# 
loop_
_atom_site.group_PDB 
_atom_site.id 
_atom_site.type_symbol 
_atom_site.label_atom_id 
_atom_site.label_alt_id 
_atom_site.label_comp_id 
_atom_site.label_asym_id 
_atom_site.label_entity_id 
_atom_site.label_seq_id 
_atom_site.pdbx_PDB_ins_code 
_atom_site.Cartn_x 
_atom_site.Cartn_y 
_atom_site.Cartn_z 
_atom_site.occupancy 
_atom_site.B_iso_or_equiv 
_atom_site.pdbx_formal_charge 
_atom_site.auth_seq_id 
_atom_site.auth_comp_id 
_atom_site.auth_asym_id 
_atom_site.auth_atom_id 
_atom_site.pdbx_PDB_model_num 
ATOM   1   N N   . ALA A 1 1  ? 2.107   4.097   -13.271 1.00 20.64 ? 1   ALA A N   1 
ATOM   2   C CA  . ALA A 1 1  ? 0.931   4.716   -12.671 1.00 19.11 ? 1   ALA A CA  1 
ATOM   3   C C   . ALA A 1 1  ? 1.141   4.874   -11.172 1.00 19.87 ? 1   ALA A C   1 
ATOM   4   O O   . ALA A 1 1  ? 1.698   3.980   -10.551 1.00 17.77 ? 1   ALA A O   1 
ATOM   5   C CB  . ALA A 1 1  ? -0.296  3.850   -12.921 1.00 20.26 ? 1   ALA A CB  1 
ATOM   6   N N   . LYS A 1 2  ? 0.680   5.989   -10.584 1.00 17.21 ? 2   LYS A N   1 
ATOM   7   C CA  A LYS A 1 2  ? 0.758   6.214   -9.141  0.50 16.62 ? 2   LYS A CA  1 
ATOM   8   C CA  B LYS A 1 2  ? 0.762   6.187   -9.138  0.50 17.01 ? 2   LYS A CA  1 
ATOM   9   C C   . LYS A 1 2  ? -0.636  6.085   -8.543  1.00 19.75 ? 2   LYS A C   1 
ATOM   10  O O   . LYS A 1 2  ? -1.526  6.849   -8.917  1.00 23.22 ? 2   LYS A O   1 
ATOM   11  C CB  A LYS A 1 2  ? 1.345   7.602   -8.858  0.50 19.22 ? 2   LYS A CB  1 
ATOM   12  C CB  B LYS A 1 2  ? 1.399   7.539   -8.787  0.50 20.42 ? 2   LYS A CB  1 
ATOM   13  C CG  A LYS A 1 2  ? 2.780   7.740   -9.342  0.50 18.47 ? 2   LYS A CG  1 
ATOM   14  C CG  B LYS A 1 2  ? 1.724   7.682   -7.296  0.50 30.02 ? 2   LYS A CG  1 
ATOM   15  C CD  A LYS A 1 2  ? 3.212   9.186   -9.439  0.50 26.54 ? 2   LYS A CD  1 
ATOM   16  C CD  B LYS A 1 2  ? 3.210   7.540   -7.007  0.50 33.59 ? 2   LYS A CD  1 
ATOM   17  C CE  A LYS A 1 2  ? 4.598   9.308   -10.021 0.50 20.19 ? 2   LYS A CE  1 
ATOM   18  C CE  B LYS A 1 2  ? 3.475   7.180   -5.564  0.50 32.22 ? 2   LYS A CE  1 
ATOM   19  N NZ  A LYS A 1 2  ? 5.655   8.959   -9.034  0.50 22.49 ? 2   LYS A NZ  1 
ATOM   20  N NZ  B LYS A 1 2  ? 4.929   7.064   -5.261  0.50 35.67 ? 2   LYS A NZ  1 
ATOM   21  N N   . TYR A 1 3  ? -0.842  5.098   -7.654  1.00 13.98 ? 3   TYR A N   1 
ATOM   22  C CA  . TYR A 1 3  ? -2.148  4.841   -7.062  1.00 14.48 ? 3   TYR A CA  1 
ATOM   23  C C   . TYR A 1 3  ? -2.145  5.051   -5.564  1.00 15.61 ? 3   TYR A C   1 
ATOM   24  O O   . TYR A 1 3  ? -1.123  4.867   -4.905  1.00 16.03 ? 3   TYR A O   1 
ATOM   25  C CB  . TYR A 1 3  ? -2.581  3.401   -7.370  1.00 15.60 ? 3   TYR A CB  1 
ATOM   26  C CG  . TYR A 1 3  ? -2.804  3.154   -8.844  1.00 16.07 ? 3   TYR A CG  1 
ATOM   27  C CD1 . TYR A 1 3  ? -3.693  3.933   -9.572  1.00 17.28 ? 3   TYR A CD1 1 
ATOM   28  C CD2 . TYR A 1 3  ? -2.088  2.179   -9.523  1.00 15.93 ? 3   TYR A CD2 1 
ATOM   29  C CE1 . TYR A 1 3  ? -3.927  3.693   -10.920 1.00 18.29 ? 3   TYR A CE1 1 
ATOM   30  C CE2 . TYR A 1 3  ? -2.308  1.933   -10.875 1.00 16.26 ? 3   TYR A CE2 1 
ATOM   31  C CZ  . TYR A 1 3  ? -3.214  2.708   -11.574 1.00 20.31 ? 3   TYR A CZ  1 
ATOM   32  O OH  . TYR A 1 3  ? -3.411  2.516   -12.920 1.00 20.82 ? 3   TYR A OH  1 
ATOM   33  N N   . THR A 1 4  ? -3.308  5.379   -5.023  1.00 14.83 ? 4   THR A N   1 
ATOM   34  C CA  . THR A 1 4  ? -3.517  5.470   -3.590  1.00 13.45 ? 4   THR A CA  1 
ATOM   35  C C   . THR A 1 4  ? -4.476  4.371   -3.184  1.00 14.89 ? 4   THR A C   1 
ATOM   36  O O   . THR A 1 4  ? -5.474  4.133   -3.866  1.00 15.69 ? 4   THR A O   1 
ATOM   37  C CB  . THR A 1 4  ? -4.083  6.837   -3.207  1.00 17.06 ? 4   THR A CB  1 
ATOM   38  O OG1 . THR A 1 4  ? -3.201  7.853   -3.677  1.00 21.70 ? 4   THR A OG1 1 
ATOM   39  C CG2 . THR A 1 4  ? -4.268  6.978   -1.707  1.00 18.41 ? 4   THR A CG2 1 
ATOM   40  N N   . GLY A 1 5  ? -4.174  3.712   -2.077  1.00 11.42 ? 5   GLY A N   1 
ATOM   41  C CA  . GLY A 1 5  ? -5.030  2.672   -1.538  1.00 12.66 ? 5   GLY A CA  1 
ATOM   42  C C   . GLY A 1 5  ? -5.128  2.749   -0.034  1.00 13.36 ? 5   GLY A C   1 
ATOM   43  O O   . GLY A 1 5  ? -4.903  3.807   0.565   1.00 13.99 ? 5   GLY A O   1 
ATOM   44  N N   . LYS A 1 6  ? -5.516  1.626   0.570   1.00 11.68 ? 6   LYS A N   1 
ATOM   45  C CA  . LYS A 1 6  ? -5.710  1.497   2.008   1.00 12.83 ? 6   LYS A CA  1 
ATOM   46  C C   . LYS A 1 6  ? -4.894  0.328   2.487   1.00 13.33 ? 6   LYS A C   1 
ATOM   47  O O   . LYS A 1 6  ? -4.934  -0.731  1.855   1.00 14.35 ? 6   LYS A O   1 
ATOM   48  C CB  . LYS A 1 6  ? -7.188  1.207   2.308   1.00 16.10 ? 6   LYS A CB  1 
ATOM   49  C CG  . LYS A 1 6  ? -8.111  2.364   2.007   1.00 24.08 ? 6   LYS A CG  1 
ATOM   50  C CD  . LYS A 1 6  ? -7.878  3.475   2.989   1.00 27.96 ? 6   LYS A CD  1 
ATOM   51  C CE  . LYS A 1 6  ? -9.049  4.410   3.101   1.00 26.39 ? 6   LYS A CE  1 
ATOM   52  N NZ  . LYS A 1 6  ? -8.832  5.436   4.148   1.00 34.96 ? 6   LYS A NZ  1 
ATOM   53  N N   . CYS A 1 7  ? -4.215  0.470   3.630   1.00 13.26 ? 7   CYS A N   1 
ATOM   54  C CA  . CYS A 1 7  ? -3.422  -0.624  4.161   1.00 12.88 ? 7   CYS A CA  1 
ATOM   55  C C   . CYS A 1 7  ? -4.058  -1.267  5.384   1.00 15.90 ? 7   CYS A C   1 
ATOM   56  O O   . CYS A 1 7  ? -4.884  -0.648  6.053   1.00 15.20 ? 7   CYS A O   1 
ATOM   57  C CB  . CYS A 1 7  ? -1.981  -0.188  4.431   1.00 13.57 ? 7   CYS A CB  1 
ATOM   58  S SG  . CYS A 1 7  ? -1.781  1.005   5.782   1.00 18.34 ? 7   CYS A SG  1 
ATOM   59  N N   . THR A 1 8  ? -3.710  -2.539  5.635   1.00 14.78 ? 8   THR A N   1 
ATOM   60  C CA  . THR A 1 8  ? -4.128  -3.270  6.832   1.00 14.76 ? 8   THR A CA  1 
ATOM   61  C C   . THR A 1 8  ? -2.914  -3.453  7.732   1.00 17.71 ? 8   THR A C   1 
ATOM   62  O O   . THR A 1 8  ? -1.815  -3.717  7.239   1.00 17.05 ? 8   THR A O   1 
ATOM   63  C CB  . THR A 1 8  ? -4.740  -4.623  6.460   1.00 21.70 ? 8   THR A CB  1 
ATOM   64  O OG1 . THR A 1 8  ? -3.833  -5.360  5.646   1.00 27.53 ? 8   THR A OG1 1 
ATOM   65  C CG2 . THR A 1 8  ? -6.065  -4.484  5.756   1.00 24.93 ? 8   THR A CG2 1 
ATOM   66  N N   . LYS A 1 9  ? -3.094  -3.290  9.040   1.00 15.33 ? 9   LYS A N   1 
ATOM   67  C CA  . LYS A 1 9  ? -1.983  -3.322  9.980   1.00 15.47 ? 9   LYS A CA  1 
ATOM   68  C C   . LYS A 1 9  ? -1.406  -4.718  10.227  1.00 17.61 ? 9   LYS A C   1 
ATOM   69  O O   . LYS A 1 9  ? -0.183  -4.871  10.208  1.00 16.40 ? 9   LYS A O   1 
ATOM   70  C CB  . LYS A 1 9  ? -2.413  -2.694  11.312  1.00 17.61 ? 9   LYS A CB  1 
ATOM   71  C CG  . LYS A 1 9  ? -1.331  -2.750  12.374  1.00 17.02 ? 9   LYS A CG  1 
ATOM   72  C CD  . LYS A 1 9  ? -1.831  -2.208  13.699  1.00 19.30 ? 9   LYS A CD  1 
ATOM   73  C CE  . LYS A 1 9  ? -0.845  -2.446  14.819  1.00 23.23 ? 9   LYS A CE  1 
ATOM   74  N NZ  . LYS A 1 9  ? 0.362   -1.592  14.694  1.00 34.14 ? 9   LYS A NZ  1 
ATOM   75  N N   . SER A 1 10 ? -2.255  -5.720  10.482  1.00 14.75 ? 10  SER A N   1 
ATOM   76  C CA  A SER A 1 10 ? -1.759  -7.046  10.838  0.70 14.16 ? 10  SER A CA  1 
ATOM   77  C CA  B SER A 1 10 ? -1.764  -7.054  10.837  0.30 14.26 ? 10  SER A CA  1 
ATOM   78  C C   . SER A 1 10 ? -1.010  -7.721  9.687   1.00 17.06 ? 10  SER A C   1 
ATOM   79  O O   . SER A 1 10 ? 0.067   -8.266  9.908   1.00 16.34 ? 10  SER A O   1 
ATOM   80  C CB  A SER A 1 10 ? -2.896  -7.920  11.354  0.70 16.13 ? 10  SER A CB  1 
ATOM   81  C CB  B SER A 1 10 ? -2.898  -7.945  11.340  0.30 17.31 ? 10  SER A CB  1 
ATOM   82  O OG  A SER A 1 10 ? -3.406  -7.338  12.542  0.70 21.53 ? 10  SER A OG  1 
ATOM   83  O OG  B SER A 1 10 ? -3.637  -8.518  10.274  0.30 24.31 ? 10  SER A OG  1 
ATOM   84  N N   . LYS A 1 11 ? -1.510  -7.607  8.449   1.00 14.95 ? 11  LYS A N   1 
ATOM   85  C CA  . LYS A 1 11 ? -0.805  -8.191  7.303   1.00 14.11 ? 11  LYS A CA  1 
ATOM   86  C C   . LYS A 1 11 ? 0.236   -7.227  6.720   1.00 15.84 ? 11  LYS A C   1 
ATOM   87  O O   . LYS A 1 11 ? 1.051   -7.626  5.884   1.00 15.97 ? 11  LYS A O   1 
ATOM   88  C CB  . LYS A 1 11 ? -1.800  -8.591  6.208   1.00 14.35 ? 11  LYS A CB  1 
ATOM   89  C CG  . LYS A 1 11 ? -2.693  -9.760  6.581   1.00 14.93 ? 11  LYS A CG  1 
ATOM   90  C CD  . LYS A 1 11 ? -3.706  -10.010 5.483   1.00 19.22 ? 11  LYS A CD  1 
ATOM   91  C CE  . LYS A 1 11 ? -4.436  -11.319 5.640   1.00 23.10 ? 11  LYS A CE  1 
ATOM   92  N NZ  . LYS A 1 11 ? -5.487  -11.470 4.602   1.00 25.95 ? 11  LYS A NZ  1 
ATOM   93  N N   . ASN A 1 12 ? 0.203   -5.958  7.149   1.00 13.91 ? 12  ASN A N   1 
ATOM   94  C CA  . ASN A 1 12 ? 1.078   -4.917  6.622   1.00 12.73 ? 12  ASN A CA  1 
ATOM   95  C C   . ASN A 1 12 ? 1.015   -4.871  5.101   1.00 14.19 ? 12  ASN A C   1 
ATOM   96  O O   . ASN A 1 12 ? 2.045   -4.867  4.431   1.00 13.03 ? 12  ASN A O   1 
ATOM   97  C CB  . ASN A 1 12 ? 2.514   -5.103  7.099   1.00 14.81 ? 12  ASN A CB  1 
ATOM   98  C CG  . ASN A 1 12 ? 3.336   -3.849  6.952   1.00 16.28 ? 12  ASN A CG  1 
ATOM   99  O OD1 . ASN A 1 12 ? 2.802   -2.734  6.914   1.00 16.16 ? 12  ASN A OD1 1 
ATOM   100 N ND2 . ASN A 1 12 ? 4.643   -3.990  6.802   1.00 15.13 ? 12  ASN A ND2 1 
ATOM   101 N N   . GLU A 1 13 ? -0.201  -4.838  4.560   1.00 12.92 ? 13  GLU A N   1 
ATOM   102 C CA  . GLU A 1 13 ? -0.413  -4.882  3.120   1.00 13.73 ? 13  GLU A CA  1 
ATOM   103 C C   . GLU A 1 13 ? -1.145  -3.653  2.641   1.00 15.30 ? 13  GLU A C   1 
ATOM   104 O O   . GLU A 1 13 ? -2.021  -3.141  3.340   1.00 14.99 ? 13  GLU A O   1 
ATOM   105 C CB  . GLU A 1 13 ? -1.224  -6.120  2.736   1.00 15.55 ? 13  GLU A CB  1 
ATOM   106 C CG  . GLU A 1 13 ? -0.388  -7.373  2.591   1.00 27.68 ? 13  GLU A CG  1 
ATOM   107 C CD  . GLU A 1 13 ? -1.174  -8.547  2.053   1.00 45.44 ? 13  GLU A CD  1 
ATOM   108 O OE1 . GLU A 1 13 ? -2.424  -8.509  2.121   1.00 23.06 ? 13  GLU A OE1 1 
ATOM   109 O OE2 . GLU A 1 13 ? -0.540  -9.498  1.543   1.00 50.15 ? 13  GLU A OE2 1 
ATOM   110 N N   . CYS A 1 14 ? -0.848  -3.241  1.408   1.00 12.48 ? 14  CYS A N   1 
ATOM   111 C CA  . CYS A 1 14 ? -1.513  -2.125  0.758   1.00 11.62 ? 14  CYS A CA  1 
ATOM   112 C C   . CYS A 1 14 ? -2.479  -2.674  -0.282  1.00 13.70 ? 14  CYS A C   1 
ATOM   113 O O   . CYS A 1 14 ? -2.065  -3.447  -1.149  1.00 15.08 ? 14  CYS A O   1 
ATOM   114 C CB  . CYS A 1 14 ? -0.486  -1.197  0.116   1.00 11.94 ? 14  CYS A CB  1 
ATOM   115 S SG  . CYS A 1 14 ? -1.213  0.180   -0.810  1.00 15.45 ? 14  CYS A SG  1 
ATOM   116 N N   . LYS A 1 15 ? -3.754  -2.264  -0.210  1.00 11.95 ? 15  LYS A N   1 
ATOM   117 C CA  . LYS A 1 15 ? -4.762  -2.674  -1.179  1.00 11.71 ? 15  LYS A CA  1 
ATOM   118 C C   . LYS A 1 15 ? -5.072  -1.497  -2.084  1.00 13.80 ? 15  LYS A C   1 
ATOM   119 O O   . LYS A 1 15 ? -5.525  -0.459  -1.603  1.00 13.65 ? 15  LYS A O   1 
ATOM   120 C CB  . LYS A 1 15 ? -6.029  -3.129  -0.453  1.00 13.43 ? 15  LYS A CB  1 
ATOM   121 C CG  . LYS A 1 15 ? -7.166  -3.537  -1.380  1.00 15.77 ? 15  LYS A CG  1 
ATOM   122 C CD  . LYS A 1 15 ? -8.449  -3.733  -0.594  1.00 20.69 ? 15  LYS A CD  1 
ATOM   123 C CE  . LYS A 1 15 ? -9.568  -4.286  -1.432  1.00 24.02 ? 15  LYS A CE  1 
ATOM   124 N NZ  . LYS A 1 15 ? -10.806 -4.467  -0.632  1.00 31.48 ? 15  LYS A NZ  1 
ATOM   125 N N   . TYR A 1 16 ? -4.824  -1.639  -3.385  1.00 12.46 ? 16  TYR A N   1 
ATOM   126 C CA  . TYR A 1 16 ? -5.109  -0.571  -4.336  1.00 12.06 ? 16  TYR A CA  1 
ATOM   127 C C   . TYR A 1 16 ? -5.745  -1.135  -5.603  1.00 15.35 ? 16  TYR A C   1 
ATOM   128 O O   . TYR A 1 16 ? -5.644  -2.330  -5.868  1.00 14.42 ? 16  TYR A O   1 
ATOM   129 C CB  . TYR A 1 16 ? -3.827  0.199   -4.684  1.00 13.72 ? 16  TYR A CB  1 
ATOM   130 C CG  . TYR A 1 16 ? -2.828  -0.595  -5.494  1.00 14.59 ? 16  TYR A CG  1 
ATOM   131 C CD1 . TYR A 1 16 ? -1.945  -1.472  -4.879  1.00 16.14 ? 16  TYR A CD1 1 
ATOM   132 C CD2 . TYR A 1 16 ? -2.744  -0.446  -6.873  1.00 17.07 ? 16  TYR A CD2 1 
ATOM   133 C CE1 . TYR A 1 16 ? -1.025  -2.206  -5.616  1.00 16.97 ? 16  TYR A CE1 1 
ATOM   134 C CE2 . TYR A 1 16 ? -1.830  -1.176  -7.622  1.00 17.48 ? 16  TYR A CE2 1 
ATOM   135 C CZ  . TYR A 1 16 ? -0.970  -2.055  -6.989  1.00 19.43 ? 16  TYR A CZ  1 
ATOM   136 O OH  . TYR A 1 16 ? -0.024  -2.746  -7.707  1.00 21.24 ? 16  TYR A OH  1 
ATOM   137 N N   . LYS A 1 17 ? -6.333  -0.270  -6.422  1.00 15.99 ? 17  LYS A N   1 
ATOM   138 C CA  . LYS A 1 17 ? -6.896  -0.698  -7.700  1.00 16.33 ? 17  LYS A CA  1 
ATOM   139 C C   . LYS A 1 17 ? -5.884  -0.438  -8.808  1.00 19.84 ? 17  LYS A C   1 
ATOM   140 O O   . LYS A 1 17 ? -5.436  0.695   -8.970  1.00 19.79 ? 17  LYS A O   1 
ATOM   141 C CB  . LYS A 1 17 ? -8.208  0.040   -7.983  1.00 18.84 ? 17  LYS A CB  1 
ATOM   142 C CG  . LYS A 1 17 ? -9.392  -0.527  -7.211  1.00 22.75 ? 17  LYS A CG  1 
ATOM   143 C CD  . LYS A 1 17 ? -10.667 0.272   -7.468  1.00 28.74 ? 17  LYS A CD  1 
ATOM   144 C CE  . LYS A 1 17 ? -11.572 -0.371  -8.489  1.00 43.83 ? 17  LYS A CE  1 
ATOM   145 N NZ  . LYS A 1 17 ? -12.843 0.378   -8.643  1.00 58.16 ? 17  LYS A NZ  1 
ATOM   146 N N   . ASN A 1 18 ? -5.506  -1.485  -9.558  1.00 16.00 ? 18  ASN A N   1 
ATOM   147 C CA  . ASN A 1 18 ? -4.475  -1.378  -10.597 1.00 16.87 ? 18  ASN A CA  1 
ATOM   148 C C   . ASN A 1 18 ? -5.015  -0.740  -11.888 1.00 19.85 ? 18  ASN A C   1 
ATOM   149 O O   . ASN A 1 18 ? -6.143  -0.257  -11.894 1.00 19.17 ? 18  ASN A O   1 
ATOM   150 C CB  . ASN A 1 18 ? -3.846  -2.756  -10.860 1.00 18.72 ? 18  ASN A CB  1 
ATOM   151 C CG  . ASN A 1 18 ? -4.705  -3.716  -11.642 1.00 21.50 ? 18  ASN A CG  1 
ATOM   152 O OD1 . ASN A 1 18 ? -5.824  -3.403  -12.048 1.00 18.80 ? 18  ASN A OD1 1 
ATOM   153 N ND2 . ASN A 1 18 ? -4.214  -4.935  -11.840 1.00 21.46 ? 18  ASN A ND2 1 
ATOM   154 N N   . ASP A 1 19 ? -4.224  -0.740  -12.980 1.00 18.54 ? 19  ASP A N   1 
ATOM   155 C CA  . ASP A 1 19 ? -4.644  -0.125  -14.246 1.00 18.97 ? 19  ASP A CA  1 
ATOM   156 C C   . ASP A 1 19 ? -6.030  -0.591  -14.660 1.00 20.86 ? 19  ASP A C   1 
ATOM   157 O O   . ASP A 1 19 ? -6.780  0.191   -15.241 1.00 20.35 ? 19  ASP A O   1 
ATOM   158 C CB  . ASP A 1 19 ? -3.672  -0.474  -15.388 1.00 20.72 ? 19  ASP A CB  1 
ATOM   159 C CG  . ASP A 1 19 ? -2.276  0.103   -15.287 1.00 23.39 ? 19  ASP A CG  1 
ATOM   160 O OD1 . ASP A 1 19 ? -2.017  0.872   -14.344 1.00 25.40 ? 19  ASP A OD1 1 
ATOM   161 O OD2 . ASP A 1 19 ? -1.459  -0.167  -16.191 1.00 25.46 ? 19  ASP A OD2 1 
ATOM   162 N N   . ALA A 1 20 ? -6.307  -1.895  -14.505 1.00 17.88 ? 20  ALA A N   1 
ATOM   163 C CA  . ALA A 1 20 ? -7.560  -2.491  -14.968 1.00 17.24 ? 20  ALA A CA  1 
ATOM   164 C C   . ALA A 1 20 ? -8.712  -2.340  -13.972 1.00 19.94 ? 20  ALA A C   1 
ATOM   165 O O   . ALA A 1 20 ? -9.839  -2.713  -14.281 1.00 19.72 ? 20  ALA A O   1 
ATOM   166 C CB  . ALA A 1 20 ? -7.349  -3.961  -15.285 1.00 18.89 ? 20  ALA A CB  1 
ATOM   167 N N   . GLY A 1 21 ? -8.430  -1.810  -12.793 1.00 18.62 ? 21  GLY A N   1 
ATOM   168 C CA  . GLY A 1 21 ? -9.440  -1.649  -11.756 1.00 19.27 ? 21  GLY A CA  1 
ATOM   169 C C   . GLY A 1 21 ? -9.482  -2.819  -10.794 1.00 21.53 ? 21  GLY A C   1 
ATOM   170 O O   . GLY A 1 21 ? -10.359 -2.875  -9.931  1.00 21.95 ? 21  GLY A O   1 
ATOM   171 N N   . LYS A 1 22 ? -8.552  -3.776  -10.943 1.00 16.92 ? 22  LYS A N   1 
ATOM   172 C CA  . LYS A 1 22 ? -8.514  -4.962  -10.093 1.00 17.15 ? 22  LYS A CA  1 
ATOM   173 C C   . LYS A 1 22 ? -7.910  -4.642  -8.732  1.00 19.51 ? 22  LYS A C   1 
ATOM   174 O O   . LYS A 1 22 ? -6.829  -4.063  -8.665  1.00 17.57 ? 22  LYS A O   1 
ATOM   175 C CB  . LYS A 1 22 ? -7.681  -6.068  -10.765 1.00 17.79 ? 22  LYS A CB  1 
ATOM   176 C CG  . LYS A 1 22 ? -7.752  -7.407  -10.043 1.00 20.13 ? 22  LYS A CG  1 
ATOM   177 C CD  . LYS A 1 22 ? -7.298  -8.570  -10.924 1.00 26.15 ? 22  LYS A CD  1 
ATOM   178 C CE  . LYS A 1 22 ? -5.805  -8.766  -10.929 1.00 27.38 ? 22  LYS A CE  1 
ATOM   179 N NZ  . LYS A 1 22 ? -5.378  -9.680  -12.029 1.00 27.10 ? 22  LYS A NZ  1 
ATOM   180 N N   . ASP A 1 23 ? -8.536  -5.126  -7.655  1.00 17.52 ? 23  ASP A N   1 
ATOM   181 C CA  . ASP A 1 23 ? -7.961  -4.987  -6.318  1.00 16.65 ? 23  ASP A CA  1 
ATOM   182 C C   . ASP A 1 23 ? -6.638  -5.734  -6.291  1.00 18.55 ? 23  ASP A C   1 
ATOM   183 O O   . ASP A 1 23 ? -6.568  -6.881  -6.726  1.00 18.84 ? 23  ASP A O   1 
ATOM   184 C CB  . ASP A 1 23 ? -8.897  -5.558  -5.238  1.00 19.28 ? 23  ASP A CB  1 
ATOM   185 C CG  . ASP A 1 23 ? -10.104 -4.693  -4.947  1.00 24.95 ? 23  ASP A CG  1 
ATOM   186 O OD1 . ASP A 1 23 ? -10.046 -3.480  -5.229  1.00 24.28 ? 23  ASP A OD1 1 
ATOM   187 O OD2 . ASP A 1 23 ? -11.098 -5.225  -4.412  1.00 32.04 ? 23  ASP A OD2 1 
ATOM   188 N N   . THR A 1 24 ? -5.584  -5.063  -5.836  1.00 14.44 ? 24  THR A N   1 
ATOM   189 C CA  . THR A 1 24 ? -4.238  -5.613  -5.810  1.00 14.57 ? 24  THR A CA  1 
ATOM   190 C C   . THR A 1 24 ? -3.673  -5.424  -4.416  1.00 16.24 ? 24  THR A C   1 
ATOM   191 O O   . THR A 1 24 ? -3.767  -4.329  -3.856  1.00 14.78 ? 24  THR A O   1 
ATOM   192 C CB  . THR A 1 24 ? -3.385  -4.920  -6.871  1.00 18.99 ? 24  THR A CB  1 
ATOM   193 O OG1 . THR A 1 24 ? -4.041  -5.051  -8.135  1.00 16.96 ? 24  THR A OG1 1 
ATOM   194 C CG2 . THR A 1 24 ? -1.978  -5.483  -6.946  1.00 18.06 ? 24  THR A CG2 1 
ATOM   195 N N   . PHE A 1 25 ? -3.186  -6.508  -3.813  1.00 13.99 ? 25  PHE A N   1 
ATOM   196 C CA  . PHE A 1 25 ? -2.637  -6.493  -2.464  1.00 14.58 ? 25  PHE A CA  1 
ATOM   197 C C   . PHE A 1 25 ? -1.138  -6.693  -2.542  1.00 20.04 ? 25  PHE A C   1 
ATOM   198 O O   . PHE A 1 25 ? -0.679  -7.697  -3.081  1.00 20.89 ? 25  PHE A O   1 
ATOM   199 C CB  . PHE A 1 25 ? -3.266  -7.609  -1.619  1.00 16.79 ? 25  PHE A CB  1 
ATOM   200 C CG  . PHE A 1 25 ? -4.735  -7.422  -1.333  1.00 19.08 ? 25  PHE A CG  1 
ATOM   201 C CD1 . PHE A 1 25 ? -5.693  -7.842  -2.243  1.00 21.10 ? 25  PHE A CD1 1 
ATOM   202 C CD2 . PHE A 1 25 ? -5.162  -6.889  -0.129  1.00 21.75 ? 25  PHE A CD2 1 
ATOM   203 C CE1 . PHE A 1 25 ? -7.049  -7.687  -1.970  1.00 21.84 ? 25  PHE A CE1 1 
ATOM   204 C CE2 . PHE A 1 25 ? -6.517  -6.763  0.155   1.00 24.38 ? 25  PHE A CE2 1 
ATOM   205 C CZ  . PHE A 1 25 ? -7.453  -7.163  -0.766  1.00 23.17 ? 25  PHE A CZ  1 
ATOM   206 N N   . ILE A 1 26 ? -0.369  -5.735  -2.032  1.00 15.12 ? 26  ILE A N   1 
ATOM   207 C CA  . ILE A 1 26 ? 1.085   -5.845  -2.020  1.00 15.04 ? 26  ILE A CA  1 
ATOM   208 C C   . ILE A 1 26 ? 1.607   -5.561  -0.629  1.00 17.42 ? 26  ILE A C   1 
ATOM   209 O O   . ILE A 1 26 ? 0.965   -4.859  0.154   1.00 17.18 ? 26  ILE A O   1 
ATOM   210 C CB  . ILE A 1 26 ? 1.730   -4.918  -3.063  1.00 17.92 ? 26  ILE A CB  1 
ATOM   211 C CG1 . ILE A 1 26 ? 1.326   -3.461  -2.826  1.00 18.70 ? 26  ILE A CG1 1 
ATOM   212 C CG2 . ILE A 1 26 ? 1.371   -5.380  -4.476  1.00 18.75 ? 26  ILE A CG2 1 
ATOM   213 C CD1 . ILE A 1 26 ? 2.118   -2.526  -3.560  1.00 31.49 ? 26  ILE A CD1 1 
ATOM   214 N N   . LYS A 1 27 ? 2.800   -6.049  -0.349  1.00 14.96 ? 27  LYS A N   1 
ATOM   215 C CA  . LYS A 1 27 ? 3.392   -5.949  0.975   1.00 15.27 ? 27  LYS A CA  1 
ATOM   216 C C   . LYS A 1 27 ? 3.969   -4.552  1.194   1.00 15.96 ? 27  LYS A C   1 
ATOM   217 O O   . LYS A 1 27 ? 4.705   -4.053  0.341   1.00 15.87 ? 27  LYS A O   1 
ATOM   218 C CB  . LYS A 1 27 ? 4.491   -7.023  1.089   1.00 17.36 ? 27  LYS A CB  1 
ATOM   219 C CG  . LYS A 1 27 ? 5.180   -7.149  2.437   1.00 32.06 ? 27  LYS A CG  1 
ATOM   220 C CD  . LYS A 1 27 ? 4.218   -7.104  3.603   1.00 44.48 ? 27  LYS A CD  1 
ATOM   221 C CE  . LYS A 1 27 ? 4.861   -7.606  4.864   1.00 55.15 ? 27  LYS A CE  1 
ATOM   222 N NZ  . LYS A 1 27 ? 6.079   -6.827  5.213   1.00 59.84 ? 27  LYS A NZ  1 
ATOM   223 N N   . CYS A 1 28 ? 3.613   -3.893  2.305   1.00 13.48 ? 28  CYS A N   1 
ATOM   224 C CA  . CYS A 1 28 ? 4.308   -2.672  2.704   1.00 14.43 ? 28  CYS A CA  1 
ATOM   225 C C   . CYS A 1 28 ? 5.699   -3.100  3.150   1.00 16.22 ? 28  CYS A C   1 
ATOM   226 O O   . CYS A 1 28 ? 5.838   -4.159  3.765   1.00 16.16 ? 28  CYS A O   1 
ATOM   227 C CB  . CYS A 1 28 ? 3.597   -1.955  3.852   1.00 14.66 ? 28  CYS A CB  1 
ATOM   228 S SG  . CYS A 1 28 ? 1.848   -1.582  3.575   1.00 17.28 ? 28  CYS A SG  1 
ATOM   229 N N   . PRO A 1 29 ? 6.676   -2.189  3.122   1.00 14.42 ? 29  PRO A N   1 
ATOM   230 C CA  . PRO A 1 29 ? 7.957   -2.480  3.779   1.00 13.58 ? 29  PRO A CA  1 
ATOM   231 C C   . PRO A 1 29 ? 7.802   -2.612  5.290   1.00 16.55 ? 29  PRO A C   1 
ATOM   232 O O   . PRO A 1 29 ? 6.865   -2.056  5.870   1.00 14.95 ? 29  PRO A O   1 
ATOM   233 C CB  . PRO A 1 29 ? 8.816   -1.259  3.425   1.00 15.05 ? 29  PRO A CB  1 
ATOM   234 C CG  . PRO A 1 29 ? 8.174   -0.684  2.193   1.00 17.54 ? 29  PRO A CG  1 
ATOM   235 C CD  . PRO A 1 29 ? 6.713   -0.887  2.433   1.00 13.74 ? 29  PRO A CD  1 
ATOM   236 N N   . LYS A 1 30 ? 8.730   -3.325  5.928   1.00 14.41 ? 30  LYS A N   1 
ATOM   237 C CA  . LYS A 1 30 ? 8.763   -3.388  7.382   1.00 14.51 ? 30  LYS A CA  1 
ATOM   238 C C   . LYS A 1 30 ? 9.267   -2.062  7.962   1.00 16.11 ? 30  LYS A C   1 
ATOM   239 O O   . LYS A 1 30 ? 8.847   -1.677  9.054   1.00 17.09 ? 30  LYS A O   1 
ATOM   240 C CB  . LYS A 1 30 ? 9.653   -4.549  7.852   1.00 16.59 ? 30  LYS A CB  1 
ATOM   241 C CG  . LYS A 1 30 ? 9.868   -4.578  9.358   1.00 17.95 ? 30  LYS A CG  1 
ATOM   242 C CD  . LYS A 1 30 ? 10.597  -5.827  9.797   1.00 18.23 ? 30  LYS A CD  1 
ATOM   243 C CE  . LYS A 1 30 ? 10.694  -5.929  11.296  1.00 24.27 ? 30  LYS A CE  1 
ATOM   244 N NZ  . LYS A 1 30 ? 9.361   -6.061  11.942  1.00 23.82 ? 30  LYS A NZ  1 
ATOM   245 N N   . PHE A 1 31 ? 10.179  -1.377  7.257   1.00 14.38 ? 31  PHE A N   1 
ATOM   246 C CA  . PHE A 1 31 ? 10.762  -0.133  7.764   1.00 15.21 ? 31  PHE A CA  1 
ATOM   247 C C   . PHE A 1 31 ? 9.697   0.794   8.329   1.00 18.89 ? 31  PHE A C   1 
ATOM   248 O O   . PHE A 1 31 ? 8.684   1.020   7.676   1.00 17.25 ? 31  PHE A O   1 
ATOM   249 C CB  . PHE A 1 31 ? 11.567  0.583   6.671   1.00 17.67 ? 31  PHE A CB  1 
ATOM   250 C CG  . PHE A 1 31 ? 12.927  -0.021  6.417   1.00 20.60 ? 31  PHE A CG  1 
ATOM   251 C CD1 . PHE A 1 31 ? 13.880  -0.073  7.419   1.00 23.79 ? 31  PHE A CD1 1 
ATOM   252 C CD2 . PHE A 1 31 ? 13.278  -0.474  5.156   1.00 23.67 ? 31  PHE A CD2 1 
ATOM   253 C CE1 . PHE A 1 31 ? 15.136  -0.625  7.183   1.00 25.52 ? 31  PHE A CE1 1 
ATOM   254 C CE2 . PHE A 1 31 ? 14.531  -1.029  4.921   1.00 27.00 ? 31  PHE A CE2 1 
ATOM   255 C CZ  . PHE A 1 31 ? 15.459  -1.083  5.931   1.00 25.73 ? 31  PHE A CZ  1 
ATOM   256 N N   . ASP A 1 32 ? 9.916   1.308   9.552   1.00 18.66 ? 32  ASP A N   1 
ATOM   257 C CA  . ASP A 1 32 ? 8.916   2.088   10.289  1.00 18.56 ? 32  ASP A CA  1 
ATOM   258 C C   . ASP A 1 32 ? 8.237   3.164   9.462   1.00 23.05 ? 32  ASP A C   1 
ATOM   259 O O   . ASP A 1 32 ? 7.016   3.293   9.525   1.00 22.80 ? 32  ASP A O   1 
ATOM   260 C CB  . ASP A 1 32 ? 9.550   2.744   11.528  1.00 21.41 ? 32  ASP A CB  1 
ATOM   261 C CG  . ASP A 1 32 ? 9.926   1.776   12.624  1.00 28.93 ? 32  ASP A CG  1 
ATOM   262 O OD1 . ASP A 1 32 ? 9.334   0.679   12.676  1.00 30.24 ? 32  ASP A OD1 1 
ATOM   263 O OD2 . ASP A 1 32 ? 10.802  2.123   13.441  1.00 27.73 ? 32  ASP A OD2 1 
ATOM   264 N N   . ASN A 1 33 ? 9.010   3.958   8.716   1.00 21.08 ? 33  ASN A N   1 
ATOM   265 C CA  . ASN A 1 33 ? 8.461   5.107   7.996   1.00 20.96 ? 33  ASN A CA  1 
ATOM   266 C C   . ASN A 1 33 ? 7.633   4.725   6.765   1.00 21.67 ? 33  ASN A C   1 
ATOM   267 O O   . ASN A 1 33 ? 7.002   5.601   6.170   1.00 20.93 ? 33  ASN A O   1 
ATOM   268 C CB  . ASN A 1 33 ? 9.579   6.088   7.620   1.00 22.13 ? 33  ASN A CB  1 
ATOM   269 C CG  . ASN A 1 33 ? 10.493  5.610   6.517   1.00 40.46 ? 33  ASN A CG  1 
ATOM   270 O OD1 . ASN A 1 33 ? 10.723  4.408   6.334   1.00 27.76 ? 33  ASN A OD1 1 
ATOM   271 N ND2 . ASN A 1 33 ? 11.064  6.548   5.773   1.00 32.14 ? 33  ASN A ND2 1 
ATOM   272 N N   . LYS A 1 34 ? 7.623   3.438   6.378   1.00 16.72 ? 34  LYS A N   1 
ATOM   273 C CA  . LYS A 1 34 ? 6.851   2.975   5.222   1.00 16.43 ? 34  LYS A CA  1 
ATOM   274 C C   . LYS A 1 34 ? 5.851   1.871   5.588   1.00 17.08 ? 34  LYS A C   1 
ATOM   275 O O   . LYS A 1 34 ? 5.172   1.354   4.703   1.00 13.81 ? 34  LYS A O   1 
ATOM   276 C CB  . LYS A 1 34 ? 7.805   2.459   4.132   1.00 17.52 ? 34  LYS A CB  1 
ATOM   277 C CG  . LYS A 1 34 ? 8.682   3.533   3.495   1.00 20.81 ? 34  LYS A CG  1 
ATOM   278 C CD  . LYS A 1 34 ? 9.895   2.904   2.819   1.00 28.55 ? 34  LYS A CD  1 
ATOM   279 C CE  . LYS A 1 34 ? 10.458  3.708   1.675   1.00 29.81 ? 34  LYS A CE  1 
ATOM   280 N NZ  . LYS A 1 34 ? 11.182  2.832   0.718   1.00 32.51 ? 34  LYS A NZ  1 
ATOM   281 N N   . LYS A 1 35 ? 5.780   1.474   6.866   1.00 15.54 ? 35  LYS A N   1 
ATOM   282 C CA  . LYS A 1 35 ? 4.905   0.377   7.269   1.00 15.96 ? 35  LYS A CA  1 
ATOM   283 C C   . LYS A 1 35 ? 3.490   0.847   7.573   1.00 16.40 ? 35  LYS A C   1 
ATOM   284 O O   . LYS A 1 35 ? 3.283   1.990   7.981   1.00 16.01 ? 35  LYS A O   1 
ATOM   285 C CB  . LYS A 1 35 ? 5.499   -0.358  8.485   1.00 21.05 ? 35  LYS A CB  1 
ATOM   286 C CG  . LYS A 1 35 ? 4.850   -0.008  9.825   1.00 35.54 ? 35  LYS A CG  1 
ATOM   287 C CD  . LYS A 1 35 ? 5.703   -0.383  11.038  1.00 37.39 ? 35  LYS A CD  1 
ATOM   288 C CE  . LYS A 1 35 ? 6.428   -1.706  10.926  1.00 34.47 ? 35  LYS A CE  1 
ATOM   289 N NZ  . LYS A 1 35 ? 7.787   -1.661  11.535  1.00 22.66 ? 35  LYS A NZ  1 
ATOM   290 N N   . CYS A 1 36 ? 2.526   -0.068  7.484   1.00 13.51 ? 36  CYS A N   1 
ATOM   291 C CA  . CYS A 1 36 ? 1.162   0.254   7.882   1.00 14.07 ? 36  CYS A CA  1 
ATOM   292 C C   . CYS A 1 36 ? 1.048   0.238   9.393   1.00 16.70 ? 36  CYS A C   1 
ATOM   293 O O   . CYS A 1 36 ? 1.338   -0.783  10.007  1.00 16.66 ? 36  CYS A O   1 
ATOM   294 C CB  . CYS A 1 36 ? 0.169   -0.715  7.258   1.00 14.12 ? 36  CYS A CB  1 
ATOM   295 S SG  . CYS A 1 36 ? -1.548  -0.181  7.429   1.00 18.04 ? 36  CYS A SG  1 
ATOM   296 N N   . THR A 1 37 ? 0.554   1.328   9.992   1.00 15.32 ? 37  THR A N   1 
ATOM   297 C CA  . THR A 1 37 ? 0.444   1.407   11.450  1.00 16.05 ? 37  THR A CA  1 
ATOM   298 C C   . THR A 1 37 ? -0.993  1.319   11.977  1.00 19.51 ? 37  THR A C   1 
ATOM   299 O O   . THR A 1 37 ? -1.178  1.212   13.188  1.00 19.75 ? 37  THR A O   1 
ATOM   300 C CB  . THR A 1 37 ? 1.139   2.671   11.966  1.00 19.15 ? 37  THR A CB  1 
ATOM   301 O OG1 . THR A 1 37 ? 0.471   3.826   11.456  1.00 19.62 ? 37  THR A OG1 1 
ATOM   302 C CG2 . THR A 1 37 ? 2.614   2.714   11.597  1.00 19.44 ? 37  THR A CG2 1 
ATOM   303 N N   . LYS A 1 38 ? -2.000  1.333   11.093  1.00 16.93 ? 38  LYS A N   1 
ATOM   304 C CA  . LYS A 1 38 ? -3.398  1.254   11.513  1.00 16.98 ? 38  LYS A CA  1 
ATOM   305 C C   . LYS A 1 38 ? -4.255  0.854   10.324  1.00 19.68 ? 38  LYS A C   1 
ATOM   306 O O   . LYS A 1 38 ? -3.998  1.310   9.211   1.00 18.18 ? 38  LYS A O   1 
ATOM   307 C CB  . LYS A 1 38 ? -3.866  2.609   12.079  1.00 19.04 ? 38  LYS A CB  1 
ATOM   308 C CG  . LYS A 1 38 ? -5.312  2.593   12.576  1.00 22.58 ? 38  LYS A CG  1 
ATOM   309 C CD  . LYS A 1 38 ? -5.773  3.949   13.084  1.00 24.23 ? 38  LYS A CD  1 
ATOM   310 C CE  . LYS A 1 38 ? -7.087  3.857   13.830  1.00 29.96 ? 38  LYS A CE  1 
ATOM   311 N NZ  . LYS A 1 38 ? -7.944  5.041   13.593  1.00 42.44 ? 38  LYS A NZ  1 
ATOM   312 N N   . ASP A 1 39 ? -5.285  0.026   10.553  1.00 16.81 ? 39  ASP A N   1 
ATOM   313 C CA  A ASP A 1 39 ? -6.180  -0.394  9.479   0.50 15.75 ? 39  ASP A CA  1 
ATOM   314 C CA  B ASP A 1 39 ? -6.188  -0.396  9.483   0.50 15.80 ? 39  ASP A CA  1 
ATOM   315 C C   . ASP A 1 39 ? -6.804  0.819   8.808   1.00 19.74 ? 39  ASP A C   1 
ATOM   316 O O   . ASP A 1 39 ? -7.234  1.757   9.489   1.00 18.27 ? 39  ASP A O   1 
ATOM   317 C CB  A ASP A 1 39 ? -7.282  -1.325  10.015  0.50 17.08 ? 39  ASP A CB  1 
ATOM   318 C CB  B ASP A 1 39 ? -7.308  -1.301  10.029  0.50 17.18 ? 39  ASP A CB  1 
ATOM   319 C CG  A ASP A 1 39 ? -6.775  -2.689  10.420  0.50 22.06 ? 39  ASP A CG  1 
ATOM   320 C CG  B ASP A 1 39 ? -6.878  -2.718  10.341  0.50 23.36 ? 39  ASP A CG  1 
ATOM   321 O OD1 A ASP A 1 39 ? -5.936  -3.251  9.685   0.50 16.85 ? 39  ASP A OD1 1 
ATOM   322 O OD1 B ASP A 1 39 ? -5.697  -3.047  10.101  0.50 20.27 ? 39  ASP A OD1 1 
ATOM   323 O OD2 A ASP A 1 39 ? -7.230  -3.206  11.464  0.50 25.21 ? 39  ASP A OD2 1 
ATOM   324 O OD2 B ASP A 1 39 ? -7.723  -3.499  10.832  0.50 24.91 ? 39  ASP A OD2 1 
ATOM   325 N N   . ASN A 1 40 ? -6.876  0.784   7.473   1.00 16.74 ? 40  ASN A N   1 
ATOM   326 C CA  . ASN A 1 40 ? -7.453  1.842   6.653   1.00 16.20 ? 40  ASN A CA  1 
ATOM   327 C C   . ASN A 1 40 ? -6.572  3.080   6.587   1.00 16.03 ? 40  ASN A C   1 
ATOM   328 O O   . ASN A 1 40 ? -7.006  4.083   6.035   1.00 15.46 ? 40  ASN A O   1 
ATOM   329 C CB  . ASN A 1 40 ? -8.879  2.196   7.112   1.00 20.39 ? 40  ASN A CB  1 
ATOM   330 C CG  . ASN A 1 40 ? -9.874  2.260   5.978   1.00 50.35 ? 40  ASN A CG  1 
ATOM   331 O OD1 . ASN A 1 40 ? -10.014 1.317   5.192   1.00 49.70 ? 40  ASN A OD1 1 
ATOM   332 N ND2 . ASN A 1 40 ? -10.609 3.359   5.878   1.00 41.92 ? 40  ASN A ND2 1 
ATOM   333 N N   . ASN A 1 41 ? -5.298  2.987   6.996   1.00 12.97 ? 41  ASN A N   1 
ATOM   334 C CA  . ASN A 1 41 ? -4.379  4.091   6.734   1.00 12.28 ? 41  ASN A CA  1 
ATOM   335 C C   . ASN A 1 41 ? -4.093  4.171   5.246   1.00 15.54 ? 41  ASN A C   1 
ATOM   336 O O   . ASN A 1 41 ? -4.330  3.219   4.506   1.00 14.19 ? 41  ASN A O   1 
ATOM   337 C CB  . ASN A 1 41 ? -3.072  3.943   7.509   1.00 13.78 ? 41  ASN A CB  1 
ATOM   338 C CG  . ASN A 1 41 ? -3.143  4.515   8.899   1.00 20.16 ? 41  ASN A CG  1 
ATOM   339 O OD1 . ASN A 1 41 ? -4.198  4.932   9.373   1.00 17.90 ? 41  ASN A OD1 1 
ATOM   340 N ND2 . ASN A 1 41 ? -2.031  4.493   9.605   1.00 16.99 ? 41  ASN A ND2 1 
ATOM   341 N N   . LYS A 1 42 ? -3.653  5.331   4.797   1.00 14.49 ? 42  LYS A N   1 
ATOM   342 C CA  . LYS A 1 42 ? -3.339  5.536   3.396   1.00 14.35 ? 42  LYS A CA  1 
ATOM   343 C C   . LYS A 1 42 ? -2.078  4.785   3.006   1.00 15.62 ? 42  LYS A C   1 
ATOM   344 O O   . LYS A 1 42 ? -1.138  4.693   3.796   1.00 15.13 ? 42  LYS A O   1 
ATOM   345 C CB  . LYS A 1 42 ? -3.127  7.027   3.149   1.00 16.33 ? 42  LYS A CB  1 
ATOM   346 C CG  . LYS A 1 42 ? -2.843  7.363   1.691   1.00 22.10 ? 42  LYS A CG  1 
ATOM   347 C CD  . LYS A 1 42 ? -2.795  8.854   1.455   1.00 22.39 ? 42  LYS A CD  1 
ATOM   348 C CE  . LYS A 1 42 ? -1.639  9.520   2.153   1.00 19.05 ? 42  LYS A CE  1 
ATOM   349 N NZ  . LYS A 1 42 ? -0.345  9.276   1.464   1.00 32.01 ? 42  LYS A NZ  1 
ATOM   350 N N   . CYS A 1 43 ? -2.041  4.271   1.778   1.00 11.82 ? 43  CYS A N   1 
ATOM   351 C CA  . CYS A 1 43 ? -0.797  3.788   1.197   1.00 11.74 ? 43  CYS A CA  1 
ATOM   352 C C   . CYS A 1 43 ? -0.753  4.223   -0.256  1.00 12.25 ? 43  CYS A C   1 
ATOM   353 O O   . CYS A 1 43 ? -1.796  4.450   -0.862  1.00 12.16 ? 43  CYS A O   1 
ATOM   354 C CB  . CYS A 1 43 ? -0.661  2.274   1.335   1.00 12.33 ? 43  CYS A CB  1 
ATOM   355 S SG  . CYS A 1 43 ? -2.045  1.337   0.639   1.00 15.31 ? 43  CYS A SG  1 
ATOM   356 N N   . THR A 1 44 ? 0.445   4.349   -0.821  1.00 12.08 ? 44  THR A N   1 
ATOM   357 C CA  . THR A 1 44 ? 0.599   4.679   -2.237  1.00 12.65 ? 44  THR A CA  1 
ATOM   358 C C   . THR A 1 44 ? 1.511   3.673   -2.904  1.00 15.85 ? 44  THR A C   1 
ATOM   359 O O   . THR A 1 44 ? 2.350   3.064   -2.248  1.00 13.39 ? 44  THR A O   1 
ATOM   360 C CB  . THR A 1 44 ? 1.131   6.099   -2.430  1.00 16.73 ? 44  THR A CB  1 
ATOM   361 O OG1 . THR A 1 44 ? 2.395   6.222   -1.777  1.00 16.91 ? 44  THR A OG1 1 
ATOM   362 C CG2 . THR A 1 44 ? 0.175   7.153   -1.907  1.00 17.13 ? 44  THR A CG2 1 
ATOM   363 N N   . VAL A 1 45 ? 1.270   3.425   -4.185  1.00 13.11 ? 45  VAL A N   1 
ATOM   364 C CA  . VAL A 1 45 ? 2.063   2.489   -4.968  1.00 14.15 ? 45  VAL A CA  1 
ATOM   365 C C   . VAL A 1 45 ? 2.345   3.126   -6.313  1.00 15.85 ? 45  VAL A C   1 
ATOM   366 O O   . VAL A 1 45 ? 1.418   3.607   -6.955  1.00 17.70 ? 45  VAL A O   1 
ATOM   367 C CB  . VAL A 1 45 ? 1.300   1.162   -5.159  1.00 19.14 ? 45  VAL A CB  1 
ATOM   368 C CG1 . VAL A 1 45 ? 2.142   0.158   -5.945  1.00 19.49 ? 45  VAL A CG1 1 
ATOM   369 C CG2 . VAL A 1 45 ? 0.872   0.586   -3.816  1.00 20.05 ? 45  VAL A CG2 1 
ATOM   370 N N   . ASP A 1 46 ? 3.607   3.113   -6.752  1.00 13.55 ? 46  ASP A N   1 
ATOM   371 C CA  . ASP A 1 46 ? 3.974   3.524   -8.100  1.00 13.85 ? 46  ASP A CA  1 
ATOM   372 C C   . ASP A 1 46 ? 4.304   2.246   -8.842  1.00 15.34 ? 46  ASP A C   1 
ATOM   373 O O   . ASP A 1 46 ? 5.186   1.512   -8.411  1.00 15.46 ? 46  ASP A O   1 
ATOM   374 C CB  . ASP A 1 46 ? 5.174   4.468   -8.065  1.00 16.04 ? 46  ASP A CB  1 
ATOM   375 C CG  . ASP A 1 46 ? 5.559   5.019   -9.423  1.00 23.36 ? 46  ASP A CG  1 
ATOM   376 O OD1 . ASP A 1 46 ? 5.646   4.225   -10.380 1.00 21.50 ? 46  ASP A OD1 1 
ATOM   377 O OD2 . ASP A 1 46 ? 5.795   6.238   -9.522  1.00 25.56 ? 46  ASP A OD2 1 
ATOM   378 N N   . THR A 1 47 ? 3.526   1.915   -9.877  1.00 13.38 ? 47  THR A N   1 
ATOM   379 C CA  . THR A 1 47 ? 3.661   0.618   -10.539 1.00 13.80 ? 47  THR A CA  1 
ATOM   380 C C   . THR A 1 47 ? 4.888   0.529   -11.445 1.00 16.75 ? 47  THR A C   1 
ATOM   381 O O   . THR A 1 47 ? 5.252   -0.575  -11.852 1.00 16.68 ? 47  THR A O   1 
ATOM   382 C CB  . THR A 1 47 ? 2.382   0.274   -11.300 1.00 18.34 ? 47  THR A CB  1 
ATOM   383 O OG1 . THR A 1 47 ? 2.184   1.235   -12.332 1.00 18.08 ? 47  THR A OG1 1 
ATOM   384 C CG2 . THR A 1 47 ? 1.162   0.207   -10.389 1.00 19.45 ? 47  THR A CG2 1 
ATOM   385 N N   . TYR A 1 48 ? 5.534   1.655   -11.770 1.00 13.46 ? 48  TYR A N   1 
ATOM   386 C CA  . TYR A 1 48 ? 6.755   1.600   -12.565 1.00 13.67 ? 48  TYR A CA  1 
ATOM   387 C C   . TYR A 1 48 ? 7.967   1.276   -11.686 1.00 17.35 ? 48  TYR A C   1 
ATOM   388 O O   . TYR A 1 48 ? 8.747   0.392   -12.031 1.00 19.13 ? 48  TYR A O   1 
ATOM   389 C CB  . TYR A 1 48 ? 6.977   2.917   -13.316 1.00 14.04 ? 48  TYR A CB  1 
ATOM   390 C CG  . TYR A 1 48 ? 8.306   2.978   -14.034 1.00 15.38 ? 48  TYR A CG  1 
ATOM   391 C CD1 . TYR A 1 48 ? 8.519   2.262   -15.204 1.00 17.13 ? 48  TYR A CD1 1 
ATOM   392 C CD2 . TYR A 1 48 ? 9.358   3.730   -13.529 1.00 16.18 ? 48  TYR A CD2 1 
ATOM   393 C CE1 . TYR A 1 48 ? 9.732   2.334   -15.880 1.00 16.75 ? 48  TYR A CE1 1 
ATOM   394 C CE2 . TYR A 1 48 ? 10.585  3.782   -14.175 1.00 18.12 ? 48  TYR A CE2 1 
ATOM   395 C CZ  . TYR A 1 48 ? 10.778  3.059   -15.339 1.00 18.36 ? 48  TYR A CZ  1 
ATOM   396 O OH  . TYR A 1 48 ? 11.976  3.130   -16.007 1.00 22.13 ? 48  TYR A OH  1 
ATOM   397 N N   . ASN A 1 49 ? 8.162   2.028   -10.598 1.00 16.38 ? 49  ASN A N   1 
ATOM   398 C CA  . ASN A 1 49 ? 9.353   1.885   -9.757  1.00 16.79 ? 49  ASN A CA  1 
ATOM   399 C C   . ASN A 1 49 ? 9.097   1.015   -8.510  1.00 18.20 ? 49  ASN A C   1 
ATOM   400 O O   . ASN A 1 49 ? 10.041  0.714   -7.778  1.00 17.66 ? 49  ASN A O   1 
ATOM   401 C CB  . ASN A 1 49 ? 9.896   3.273   -9.364  1.00 16.28 ? 49  ASN A CB  1 
ATOM   402 C CG  . ASN A 1 49 ? 8.946   4.091   -8.530  1.00 24.42 ? 49  ASN A CG  1 
ATOM   403 O OD1 . ASN A 1 49 ? 8.046   3.560   -7.893  1.00 22.08 ? 49  ASN A OD1 1 
ATOM   404 N ND2 . ASN A 1 49 ? 9.131   5.403   -8.491  1.00 19.88 ? 49  ASN A ND2 1 
ATOM   405 N N   . ASN A 1 50 ? 7.837   0.593   -8.285  1.00 15.76 ? 50  ASN A N   1 
ATOM   406 C CA  . ASN A 1 50 ? 7.421   -0.188  -7.111  1.00 14.96 ? 50  ASN A CA  1 
ATOM   407 C C   . ASN A 1 50 ? 7.718   0.515   -5.784  1.00 16.93 ? 50  ASN A C   1 
ATOM   408 O O   . ASN A 1 50 ? 7.977   -0.144  -4.772  1.00 16.14 ? 50  ASN A O   1 
ATOM   409 C CB  . ASN A 1 50 ? 8.023   -1.586  -7.118  1.00 15.51 ? 50  ASN A CB  1 
ATOM   410 C CG  . ASN A 1 50 ? 7.174   -2.578  -6.365  1.00 14.96 ? 50  ASN A CG  1 
ATOM   411 O OD1 . ASN A 1 50 ? 5.940   -2.526  -6.388  1.00 19.05 ? 50  ASN A OD1 1 
ATOM   412 N ND2 . ASN A 1 50 ? 7.802   -3.538  -5.711  1.00 14.33 ? 50  ASN A ND2 1 
ATOM   413 N N   . ALA A 1 51 ? 7.615   1.842   -5.769  1.00 14.82 ? 51  ALA A N   1 
ATOM   414 C CA  . ALA A 1 51 ? 7.719   2.585   -4.519  1.00 14.90 ? 51  ALA A CA  1 
ATOM   415 C C   . ALA A 1 51 ? 6.425   2.352   -3.753  1.00 17.47 ? 51  ALA A C   1 
ATOM   416 O O   . ALA A 1 51 ? 5.362   2.726   -4.237  1.00 16.83 ? 51  ALA A O   1 
ATOM   417 C CB  . ALA A 1 51 ? 7.896   4.068   -4.799  1.00 16.54 ? 51  ALA A CB  1 
ATOM   418 N N   . VAL A 1 52 ? 6.496   1.622   -2.638  1.00 14.45 ? 52  VAL A N   1 
ATOM   419 C CA  . VAL A 1 52 ? 5.335   1.324   -1.810  1.00 15.56 ? 52  VAL A CA  1 
ATOM   420 C C   . VAL A 1 52 ? 5.521   2.052   -0.495  1.00 17.24 ? 52  VAL A C   1 
ATOM   421 O O   . VAL A 1 52 ? 6.490   1.796   0.220   1.00 16.96 ? 52  VAL A O   1 
ATOM   422 C CB  . VAL A 1 52 ? 5.169   -0.192  -1.590  1.00 20.35 ? 52  VAL A CB  1 
ATOM   423 C CG1 . VAL A 1 52 ? 3.936   -0.489  -0.737  1.00 19.76 ? 52  VAL A CG1 1 
ATOM   424 C CG2 . VAL A 1 52 ? 5.074   -0.917  -2.927  1.00 20.83 ? 52  VAL A CG2 1 
ATOM   425 N N   . ASP A 1 53 ? 4.593   2.951   -0.169  1.00 14.62 ? 53  ASP A N   1 
ATOM   426 C CA  A ASP A 1 53 ? 4.663   3.744   1.055   0.30 13.76 ? 53  ASP A CA  1 
ATOM   427 C CA  B ASP A 1 53 ? 4.658   3.739   1.059   0.70 14.05 ? 53  ASP A CA  1 
ATOM   428 C C   . ASP A 1 53 ? 3.342   3.631   1.812   1.00 16.10 ? 53  ASP A C   1 
ATOM   429 O O   . ASP A 1 53 ? 2.317   4.092   1.324   1.00 15.57 ? 53  ASP A O   1 
ATOM   430 C CB  A ASP A 1 53 ? 4.961   5.213   0.711   0.30 15.50 ? 53  ASP A CB  1 
ATOM   431 C CB  B ASP A 1 53 ? 4.961   5.207   0.732   0.70 15.95 ? 53  ASP A CB  1 
ATOM   432 C CG  A ASP A 1 53 ? 5.090   6.119   1.917   0.30 21.27 ? 53  ASP A CG  1 
ATOM   433 C CG  B ASP A 1 53 ? 6.357   5.422   0.191   0.70 23.27 ? 53  ASP A CG  1 
ATOM   434 O OD1 A ASP A 1 53 ? 5.550   5.639   2.976   0.30 21.76 ? 53  ASP A OD1 1 
ATOM   435 O OD1 B ASP A 1 53 ? 6.546   5.279   -1.036  0.70 24.20 ? 53  ASP A OD1 1 
ATOM   436 O OD2 A ASP A 1 53 ? 4.755   7.317   1.795   0.30 25.96 ? 53  ASP A OD2 1 
ATOM   437 O OD2 B ASP A 1 53 ? 7.263   5.728   0.993   0.70 28.49 ? 53  ASP A OD2 1 
ATOM   438 N N   . CYS A 1 54 ? 3.370   3.011   2.990   1.00 14.29 ? 54  CYS A N   1 
ATOM   439 C CA  . CYS A 1 54 ? 2.179   2.849   3.813   1.00 14.31 ? 54  CYS A CA  1 
ATOM   440 C C   . CYS A 1 54 ? 2.325   3.731   5.033   1.00 18.27 ? 54  CYS A C   1 
ATOM   441 O O   . CYS A 1 54 ? 3.444   4.046   5.432   1.00 18.25 ? 54  CYS A O   1 
ATOM   442 C CB  . CYS A 1 54 ? 2.001   1.383   4.189   1.00 14.60 ? 54  CYS A CB  1 
ATOM   443 S SG  . CYS A 1 54 ? 1.990   0.266   2.758   1.00 17.64 ? 54  CYS A SG  1 
ATOM   444 N N   . ASP A 1 55 ? 1.211   4.216   5.570   1.00 16.46 ? 55  ASP A N   1 
ATOM   445 C CA  . ASP A 1 55 ? 1.245   5.167   6.682   1.00 16.87 ? 55  ASP A CA  1 
ATOM   446 C C   . ASP A 1 55 ? 0.859   4.509   7.997   1.00 19.58 ? 55  ASP A C   1 
ATOM   447 O O   . ASP A 1 55 ? 1.214   5.065   9.054   1.00 23.28 ? 55  ASP A O   1 
ATOM   448 C CB  . ASP A 1 55 ? 0.305   6.348   6.405   1.00 20.02 ? 55  ASP A CB  1 
ATOM   449 C CG  . ASP A 1 55 ? 0.757   7.241   5.272   1.00 31.49 ? 55  ASP A CG  1 
ATOM   450 O OD1 . ASP A 1 55 ? 1.755   6.900   4.609   1.00 31.94 ? 55  ASP A OD1 1 
ATOM   451 O OD2 . ASP A 1 55 ? 0.111   8.284   5.049   1.00 39.31 ? 55  ASP A OD2 1 
ATOM   452 O OXT . ASP A 1 55 ? 0.134   3.496   7.982   1.00 19.54 ? 55  ASP A OXT 1 
HETATM 453 C C1  . GOL B 2 .  ? -4.003  -2.215  -18.857 1.00 38.02 ? 201 GOL A C1  1 
HETATM 454 O O1  . GOL B 2 .  ? -4.916  -1.346  -18.197 1.00 31.47 ? 201 GOL A O1  1 
HETATM 455 C C2  . GOL B 2 .  ? -4.546  -3.625  -18.919 1.00 42.10 ? 201 GOL A C2  1 
HETATM 456 O O2  . GOL B 2 .  ? -5.917  -3.633  -18.509 1.00 44.15 ? 201 GOL A O2  1 
HETATM 457 C C3  . GOL B 2 .  ? -4.437  -4.176  -20.321 1.00 44.25 ? 201 GOL A C3  1 
HETATM 458 O O3  . GOL B 2 .  ? -4.353  -5.594  -20.295 1.00 45.62 ? 201 GOL A O3  1 
HETATM 459 O O3  . T3Y C 3 .  ? 12.767  -4.112  3.390   1.00 20.87 ? 202 T3Y A O3  1 
HETATM 460 S S1  . T3Y C 3 .  ? 11.931  -4.199  4.612   1.00 17.06 ? 202 T3Y A S1  1 
HETATM 461 O O1  . T3Y C 3 .  ? 10.717  -4.995  4.328   1.00 18.03 ? 202 T3Y A O1  1 
HETATM 462 O O2  . T3Y C 3 .  ? 11.537  -2.827  4.989   1.00 18.35 ? 202 T3Y A O2  1 
HETATM 463 C C1  . T3Y C 3 .  ? 12.792  -4.915  5.775   1.00 13.79 ? 202 T3Y A C1  1 
HETATM 464 C C24 . T3Y C 3 .  ? 13.547  -4.154  6.682   1.00 13.95 ? 202 T3Y A C24 1 
HETATM 465 C C23 . T3Y C 3 .  ? 14.362  -4.748  7.655   1.00 14.01 ? 202 T3Y A C23 1 
HETATM 466 C C22 . T3Y C 3 .  ? 15.169  -3.888  8.614   1.00 16.23 ? 202 T3Y A C22 1 
HETATM 467 C C2  . T3Y C 3 .  ? 12.845  -6.315  5.804   1.00 15.01 ? 202 T3Y A C2  1 
HETATM 468 C C3  . T3Y C 3 .  ? 13.639  -7.005  6.715   1.00 16.76 ? 202 T3Y A C3  1 
HETATM 469 C C25 . T3Y C 3 .  ? 14.471  -6.231  7.671   1.00 15.46 ? 202 T3Y A C25 1 
HETATM 470 O O13 . T3Y C 3 .  ? 15.284  -6.885  8.543   1.00 17.33 ? 202 T3Y A O13 1 
HETATM 471 C C4  . T3Y C 3 .  ? 13.660  -8.516  6.725   1.00 19.54 ? 202 T3Y A C4  1 
HETATM 472 C C5  . T3Y C 3 .  ? 12.747  -9.035  7.818   1.00 20.41 ? 202 T3Y A C5  1 
HETATM 473 C C6  . T3Y C 3 .  ? 11.380  -9.149  7.586   1.00 23.85 ? 202 T3Y A C6  1 
HETATM 474 C C7  . T3Y C 3 .  ? 10.508  -9.596  8.582   1.00 27.01 ? 202 T3Y A C7  1 
HETATM 475 S S2  . T3Y C 3 .  ? 8.950   -9.704  8.222   1.00 36.27 ? 202 T3Y A S2  1 
HETATM 476 O O4  . T3Y C 3 .  ? 8.444   -8.368  7.837   1.00 39.53 ? 202 T3Y A O4  1 
HETATM 477 O O5  . T3Y C 3 .  ? 8.777   -10.622 7.073   1.00 36.91 ? 202 T3Y A O5  1 
HETATM 478 O O6  . T3Y C 3 .  ? 8.177   -10.199 9.381   1.00 36.21 ? 202 T3Y A O6  1 
HETATM 479 C C8  . T3Y C 3 .  ? 10.974  -9.977  9.849   1.00 22.80 ? 202 T3Y A C8  1 
HETATM 480 C C28 . T3Y C 3 .  ? 13.275  -9.391  9.161   1.00 19.74 ? 202 T3Y A C28 1 
HETATM 481 O O16 . T3Y C 3 .  ? 14.597  -9.303  9.454   1.00 21.82 ? 202 T3Y A O16 1 
HETATM 482 C C9  . T3Y C 3 .  ? 12.322  -9.875  10.190  1.00 19.25 ? 202 T3Y A C9  1 
HETATM 483 C C10 . T3Y C 3 .  ? 12.825  -10.263 11.570  1.00 20.49 ? 202 T3Y A C10 1 
HETATM 484 C C11 . T3Y C 3 .  ? 12.734  -9.081  12.517  1.00 19.10 ? 202 T3Y A C11 1 
HETATM 485 C C12 . T3Y C 3 .  ? 11.666  -8.995  13.405  1.00 18.84 ? 202 T3Y A C12 1 
HETATM 486 C C13 . T3Y C 3 .  ? 11.517  -7.901  14.262  1.00 17.07 ? 202 T3Y A C13 1 
HETATM 487 S S3  . T3Y C 3 .  ? 10.284  -7.856  15.284  1.00 21.50 ? 202 T3Y A S3  1 
HETATM 488 O O7  . T3Y C 3 .  ? 9.696   -9.207  15.444  1.00 25.28 ? 202 T3Y A O7  1 
HETATM 489 O O8  . T3Y C 3 .  ? 9.273   -6.931  14.740  1.00 25.24 ? 202 T3Y A O8  1 
HETATM 490 O O9  . T3Y C 3 .  ? 10.748  -7.358  16.599  1.00 22.87 ? 202 T3Y A O9  1 
HETATM 491 C C14 . T3Y C 3 .  ? 12.422  -6.836  14.243  1.00 18.42 ? 202 T3Y A C14 1 
HETATM 492 C C27 . T3Y C 3 .  ? 13.750  -7.998  12.508  1.00 17.51 ? 202 T3Y A C27 1 
HETATM 493 O O15 . T3Y C 3 .  ? 14.862  -8.073  11.731  1.00 21.47 ? 202 T3Y A O15 1 
HETATM 494 C C15 . T3Y C 3 .  ? 13.530  -6.827  13.400  1.00 16.24 ? 202 T3Y A C15 1 
HETATM 495 C C16 . T3Y C 3 .  ? 14.524  -5.682  13.444  1.00 17.28 ? 202 T3Y A C16 1 
HETATM 496 C C17 . T3Y C 3 .  ? 14.220  -4.663  12.361  1.00 16.55 ? 202 T3Y A C17 1 
HETATM 497 C C18 . T3Y C 3 .  ? 13.367  -3.577  12.595  1.00 14.79 ? 202 T3Y A C18 1 
HETATM 498 C C26 . T3Y C 3 .  ? 14.887  -4.770  11.043  1.00 15.60 ? 202 T3Y A C26 1 
HETATM 499 O O14 . T3Y C 3 .  ? 15.759  -5.783  10.785  1.00 17.80 ? 202 T3Y A O14 1 
HETATM 500 C C21 . T3Y C 3 .  ? 14.502  -3.804  9.979   1.00 14.29 ? 202 T3Y A C21 1 
HETATM 501 C C20 . T3Y C 3 .  ? 13.653  -2.745  10.316  1.00 15.62 ? 202 T3Y A C20 1 
HETATM 502 C C19 . T3Y C 3 .  ? 13.047  -2.651  11.583  1.00 15.13 ? 202 T3Y A C19 1 
HETATM 503 S S4  . T3Y C 3 .  ? 12.030  -1.443  11.921  1.00 16.31 ? 202 T3Y A S4  1 
HETATM 504 O O11 . T3Y C 3 .  ? 12.052  -0.446  10.829  1.00 15.85 ? 202 T3Y A O11 1 
HETATM 505 O O10 . T3Y C 3 .  ? 12.465  -0.773  13.170  1.00 19.88 ? 202 T3Y A O10 1 
HETATM 506 O O12 . T3Y C 3 .  ? 10.661  -1.986  12.062  1.00 18.63 ? 202 T3Y A O12 1 
HETATM 507 O O   . HOH D 4 .  ? -4.485  -7.268  8.174   1.00 25.71 ? 301 HOH A O   1 
HETATM 508 O O   . HOH D 4 .  ? 16.719  -10.446 8.509   1.00 24.71 ? 302 HOH A O   1 
HETATM 509 O O   . HOH D 4 .  ? 6.654   -6.852  14.889  1.00 32.49 ? 303 HOH A O   1 
HETATM 510 O O   . HOH D 4 .  ? 0.968   0.603   -14.598 1.00 25.54 ? 304 HOH A O   1 
HETATM 511 O O   . HOH D 4 .  ? -6.498  0.764   -18.491 1.00 20.96 ? 305 HOH A O   1 
HETATM 512 O O   . HOH D 4 .  ? 4.768   4.203   8.422   1.00 27.54 ? 306 HOH A O   1 
HETATM 513 O O   . HOH D 4 .  ? 4.383   6.553   5.190   1.00 33.81 ? 307 HOH A O   1 
HETATM 514 O O   . HOH D 4 .  ? -5.070  -5.667  10.412  1.00 20.93 ? 308 HOH A O   1 
HETATM 515 O O   . HOH D 4 .  ? 1.995   -4.499  -7.704  1.00 34.35 ? 309 HOH A O   1 
HETATM 516 O O   . HOH D 4 .  ? -7.678  1.765   -11.024 1.00 42.42 ? 310 HOH A O   1 
HETATM 517 O O   . HOH D 4 .  ? 8.410   -2.099  -12.974 1.00 35.07 ? 311 HOH A O   1 
HETATM 518 O O   . HOH D 4 .  ? -5.929  -7.564  -21.238 1.00 38.95 ? 312 HOH A O   1 
HETATM 519 O O   . HOH D 4 .  ? -4.785  6.773   11.258  1.00 21.27 ? 313 HOH A O   1 
HETATM 520 O O   . HOH D 4 .  ? -1.689  -11.584 2.815   1.00 33.46 ? 314 HOH A O   1 
HETATM 521 O O   . HOH D 4 .  ? 11.980  -1.132  -8.136  1.00 16.95 ? 315 HOH A O   1 
HETATM 522 O O   . HOH D 4 .  ? 8.838   6.330   -2.007  1.00 35.98 ? 316 HOH A O   1 
HETATM 523 O O   . HOH D 4 .  ? 4.494   -2.352  -8.667  1.00 32.48 ? 317 HOH A O   1 
HETATM 524 O O   . HOH D 4 .  ? 4.486   -4.311  -4.961  1.00 43.43 ? 318 HOH A O   1 
HETATM 525 O O   . HOH D 4 .  ? -0.380  -3.008  -10.381 1.00 24.36 ? 319 HOH A O   1 
HETATM 526 O O   . HOH D 4 .  ? 4.526   5.287   -3.252  1.00 20.95 ? 320 HOH A O   1 
HETATM 527 O O   . HOH D 4 .  ? 13.202  3.502   5.715   1.00 32.87 ? 321 HOH A O   1 
HETATM 528 O O   . HOH D 4 .  ? -6.148  3.018   -7.759  1.00 30.14 ? 322 HOH A O   1 
HETATM 529 O O   . HOH D 4 .  ? 1.365   6.664   1.927   1.00 25.79 ? 323 HOH A O   1 
HETATM 530 O O   . HOH D 4 .  ? -6.255  2.731   -16.079 1.00 19.89 ? 324 HOH A O   1 
HETATM 531 O O   . HOH D 4 .  ? -8.209  0.019   -1.529  1.00 37.10 ? 325 HOH A O   1 
HETATM 532 O O   . HOH D 4 .  ? -4.761  -6.923  3.609   1.00 29.31 ? 326 HOH A O   1 
HETATM 533 O O   . HOH D 4 .  ? 2.035   -10.109 5.310   1.00 31.73 ? 327 HOH A O   1 
HETATM 534 O O   . HOH D 4 .  ? 3.151   8.365   -0.261  1.00 34.50 ? 328 HOH A O   1 
HETATM 535 O O   . HOH D 4 .  ? 12.609  1.538   -1.255  1.00 23.33 ? 329 HOH A O   1 
HETATM 536 O O   . HOH D 4 .  ? 1.541   10.007  3.340   1.00 33.07 ? 330 HOH A O   1 
HETATM 537 O O   . HOH D 4 .  ? -4.831  4.371   -14.456 1.00 30.25 ? 331 HOH A O   1 
HETATM 538 O O   . HOH D 4 .  ? -8.285  1.315   12.055  1.00 33.22 ? 332 HOH A O   1 
HETATM 539 O O   . HOH D 4 .  ? -10.769 -6.831  -7.993  1.00 29.54 ? 333 HOH A O   1 
HETATM 540 O O   . HOH D 4 .  ? 4.426   5.642   -12.602 1.00 20.34 ? 334 HOH A O   1 
HETATM 541 O O   . HOH D 4 .  ? -6.549  -2.916  2.778   1.00 34.04 ? 335 HOH A O   1 
HETATM 542 O O   . HOH D 4 .  ? 9.052   1.129   -0.936  1.00 24.95 ? 336 HOH A O   1 
HETATM 543 O O   . HOH D 4 .  ? -2.290  8.454   -6.370  1.00 34.79 ? 337 HOH A O   1 
HETATM 544 O O   . HOH D 4 .  ? 4.050   -7.694  -2.403  1.00 31.70 ? 338 HOH A O   1 
HETATM 545 O O   . HOH D 4 .  ? 17.702  -6.966  6.905   1.00 20.09 ? 339 HOH A O   1 
HETATM 546 O O   . HOH D 4 .  ? -7.311  -9.393  5.569   1.00 37.35 ? 340 HOH A O   1 
HETATM 547 O O   . HOH D 4 .  ? -9.858  -1.113  -3.469  1.00 26.72 ? 341 HOH A O   1 
HETATM 548 O O   . HOH D 4 .  ? 7.970   6.659   -11.479 1.00 25.49 ? 342 HOH A O   1 
HETATM 549 O O   . HOH D 4 .  ? -5.529  -1.083  13.303  1.00 23.58 ? 343 HOH A O   1 
HETATM 550 O O   . HOH D 4 .  ? 15.794  -4.262  3.664   1.00 34.75 ? 344 HOH A O   1 
HETATM 551 O O   . HOH D 4 .  ? -4.290  -8.665  -7.679  1.00 35.94 ? 345 HOH A O   1 
HETATM 552 O O   . HOH D 4 .  ? -1.717  5.800   12.361  1.00 30.06 ? 346 HOH A O   1 
HETATM 553 O O   . HOH D 4 .  ? -8.399  -5.490  8.467   1.00 41.17 ? 347 HOH A O   1 
HETATM 554 O O   . HOH D 4 .  ? -4.922  -7.213  -13.968 1.00 32.25 ? 348 HOH A O   1 
HETATM 555 O O   . HOH D 4 .  ? -7.956  -1.690  5.689   1.00 33.37 ? 349 HOH A O   1 
HETATM 556 O O   . HOH D 4 .  ? 4.336   6.744   7.877   1.00 40.95 ? 350 HOH A O   1 
HETATM 557 O O   . HOH D 4 .  ? -13.613 -3.796  -6.215  1.00 43.53 ? 351 HOH A O   1 
HETATM 558 O O   . HOH D 4 .  ? -12.128 0.740   -12.044 1.00 41.69 ? 352 HOH A O   1 
HETATM 559 O O   . HOH D 4 .  ? -5.551  7.748   -8.406  1.00 45.64 ? 353 HOH A O   1 
HETATM 560 O O   . HOH D 4 .  ? -7.763  4.085   -9.651  1.00 34.95 ? 354 HOH A O   1 
HETATM 561 O O   . HOH D 4 .  ? -12.668 -0.915  -3.222  1.00 36.76 ? 355 HOH A O   1 
# 
loop_
_atom_site_anisotrop.id 
_atom_site_anisotrop.type_symbol 
_atom_site_anisotrop.pdbx_label_atom_id 
_atom_site_anisotrop.pdbx_label_alt_id 
_atom_site_anisotrop.pdbx_label_comp_id 
_atom_site_anisotrop.pdbx_label_asym_id 
_atom_site_anisotrop.pdbx_label_seq_id 
_atom_site_anisotrop.pdbx_PDB_ins_code 
_atom_site_anisotrop.U[1][1] 
_atom_site_anisotrop.U[2][2] 
_atom_site_anisotrop.U[3][3] 
_atom_site_anisotrop.U[1][2] 
_atom_site_anisotrop.U[1][3] 
_atom_site_anisotrop.U[2][3] 
_atom_site_anisotrop.pdbx_auth_seq_id 
_atom_site_anisotrop.pdbx_auth_comp_id 
_atom_site_anisotrop.pdbx_auth_asym_id 
_atom_site_anisotrop.pdbx_auth_atom_id 
1   N N   . ALA A 1  ? 0.2981 0.2596 0.2267 0.0062  0.0107  0.0168  1   ALA A N   
2   C CA  . ALA A 1  ? 0.2769 0.2394 0.2099 0.0056  0.0070  0.0154  1   ALA A CA  
3   C C   . ALA A 1  ? 0.2820 0.2471 0.2258 0.0009  0.0070  0.0128  1   ALA A C   
4   O O   . ALA A 1  ? 0.2535 0.2216 0.2000 -0.0018 0.0070  0.0105  1   ALA A O   
5   C CB  . ALA A 1  ? 0.2924 0.2573 0.2203 0.0066  0.0011  0.0120  1   ALA A CB  
6   N N   . LYS A 2  ? 0.2472 0.2106 0.1960 0.0004  0.0073  0.0132  2   LYS A N   
7   C CA  A LYS A 2  ? 0.2359 0.2019 0.1936 -0.0039 0.0066  0.0094  2   LYS A CA  
8   C CA  B LYS A 2  ? 0.2407 0.2068 0.1986 -0.0043 0.0068  0.0093  2   LYS A CA  
9   C C   . LYS A 2  ? 0.2736 0.2434 0.2332 -0.0031 0.0025  0.0061  2   LYS A C   
10  O O   . LYS A 2  ? 0.3185 0.2869 0.2767 0.0006  0.0014  0.0075  2   LYS A O   
11  C CB  A LYS A 2  ? 0.2692 0.2297 0.2314 -0.0054 0.0102  0.0113  2   LYS A CB  
12  C CB  B LYS A 2  ? 0.2838 0.2451 0.2470 -0.0062 0.0102  0.0109  2   LYS A CB  
13  C CG  A LYS A 2  ? 0.2597 0.2189 0.2231 -0.0074 0.0144  0.0149  2   LYS A CG  
14  C CG  B LYS A 2  ? 0.4023 0.3660 0.3726 -0.0109 0.0096  0.0066  2   LYS A CG  
15  C CD  A LYS A 2  ? 0.3632 0.3151 0.3302 -0.0089 0.0180  0.0179  2   LYS A CD  
16  C CD  B LYS A 2  ? 0.4452 0.4112 0.4199 -0.0154 0.0120  0.0075  2   LYS A CD  
17  C CE  A LYS A 2  ? 0.2820 0.2340 0.2510 -0.0110 0.0226  0.0225  2   LYS A CE  
18  C CE  B LYS A 2  ? 0.4242 0.3958 0.4042 -0.0196 0.0099  0.0029  2   LYS A CE  
19  N NZ  A LYS A 2  ? 0.3062 0.2647 0.2836 -0.0170 0.0227  0.0200  2   LYS A NZ  
20  N NZ  B LYS A 2  ? 0.4646 0.4408 0.4500 -0.0239 0.0114  0.0040  2   LYS A NZ  
21  N N   . TYR A 3  ? 0.1981 0.1733 0.1598 -0.0058 0.0002  0.0027  3   TYR A N   
22  C CA  . TYR A 3  ? 0.2019 0.1823 0.1661 -0.0055 -0.0030 0.0003  3   TYR A CA  
23  C C   . TYR A 3  ? 0.2131 0.1966 0.1835 -0.0085 -0.0024 -0.0028 3   TYR A C   
24  O O   . TYR A 3  ? 0.2178 0.2012 0.1901 -0.0117 -0.0010 -0.0038 3   TYR A O   
25  C CB  . TYR A 3  ? 0.2158 0.2001 0.1768 -0.0064 -0.0064 -0.0008 3   TYR A CB  
26  C CG  . TYR A 3  ? 0.2252 0.2071 0.1785 -0.0035 -0.0079 0.0011  3   TYR A CG  
27  C CD1 . TYR A 3  ? 0.2409 0.2231 0.1924 0.0004  -0.0095 0.0031  3   TYR A CD1 
28  C CD2 . TYR A 3  ? 0.2265 0.2053 0.1735 -0.0037 -0.0077 0.0010  3   TYR A CD2 
29  C CE1 . TYR A 3  ? 0.2571 0.2377 0.2002 0.0034  -0.0116 0.0048  3   TYR A CE1 
30  C CE2 . TYR A 3  ? 0.2345 0.2107 0.1725 -0.0007 -0.0094 0.0021  3   TYR A CE2 
31  C CZ  . TYR A 3  ? 0.2862 0.2635 0.2218 0.0026  -0.0114 0.0040  3   TYR A CZ  
32  O OH  . TYR A 3  ? 0.2966 0.2721 0.2223 0.0058  -0.0135 0.0051  3   TYR A OH  
33  N N   . THR A 4  ? 0.2012 0.1882 0.1742 -0.0069 -0.0038 -0.0042 4   THR A N   
34  C CA  . THR A 4  ? 0.1810 0.1717 0.1583 -0.0088 -0.0032 -0.0073 4   THR A CA  
35  C C   . THR A 4  ? 0.1957 0.1952 0.1748 -0.0097 -0.0058 -0.0080 4   THR A C   
36  O O   . THR A 4  ? 0.2048 0.2077 0.1839 -0.0076 -0.0082 -0.0066 4   THR A O   
37  C CB  . THR A 4  ? 0.2271 0.2148 0.2062 -0.0056 -0.0013 -0.0082 4   THR A CB  
38  O OG1 . THR A 4  ? 0.2896 0.2677 0.2671 -0.0055 0.0012  -0.0071 4   THR A OG1 
39  C CG2 . THR A 4  ? 0.2422 0.2332 0.2239 -0.0072 -0.0004 -0.0122 4   THR A CG2 
40  N N   . GLY A 5  ? 0.1499 0.1533 0.1308 -0.0130 -0.0056 -0.0098 5   GLY A N   
41  C CA  . GLY A 5  ? 0.1622 0.1735 0.1455 -0.0145 -0.0073 -0.0099 5   GLY A CA  
42  C C   . GLY A 5  ? 0.1686 0.1845 0.1544 -0.0157 -0.0057 -0.0118 5   GLY A C   
43  O O   . GLY A 5  ? 0.1776 0.1910 0.1631 -0.0144 -0.0036 -0.0140 5   GLY A O   
44  N N   . LYS A 6  ? 0.1447 0.1669 0.1321 -0.0182 -0.0065 -0.0112 6   LYS A N   
45  C CA  . LYS A 6  ? 0.1568 0.1850 0.1456 -0.0192 -0.0048 -0.0122 6   LYS A CA  
46  C C   . LYS A 6  ? 0.1634 0.1922 0.1508 -0.0226 -0.0053 -0.0109 6   LYS A C   
47  O O   . LYS A 6  ? 0.1768 0.2044 0.1641 -0.0244 -0.0070 -0.0088 6   LYS A O   
48  C CB  . LYS A 6  ? 0.1936 0.2308 0.1871 -0.0185 -0.0049 -0.0110 6   LYS A CB  
49  C CG  . LYS A 6  ? 0.2932 0.3323 0.2892 -0.0140 -0.0041 -0.0116 6   LYS A CG  
50  C CD  . LYS A 6  ? 0.3438 0.3809 0.3376 -0.0113 -0.0008 -0.0147 6   LYS A CD  
51  C CE  . LYS A 6  ? 0.3216 0.3627 0.3185 -0.0059 0.0012  -0.0151 6   LYS A CE  
52  N NZ  . LYS A 6  ? 0.4327 0.4699 0.4258 -0.0033 0.0046  -0.0193 6   LYS A NZ  
53  N N   . CYS A 7  ? 0.1625 0.1931 0.1482 -0.0234 -0.0040 -0.0121 7   CYS A N   
54  C CA  . CYS A 7  ? 0.1577 0.1897 0.1421 -0.0257 -0.0043 -0.0102 7   CYS A CA  
55  C C   . CYS A 7  ? 0.1931 0.2328 0.1782 -0.0266 -0.0033 -0.0087 7   CYS A C   
56  O O   . CYS A 7  ? 0.1825 0.2270 0.1682 -0.0252 -0.0016 -0.0101 7   CYS A O   
57  C CB  . CYS A 7  ? 0.1679 0.1976 0.1502 -0.0262 -0.0044 -0.0114 7   CYS A CB  
58  S SG  . CYS A 7  ? 0.2280 0.2607 0.2081 -0.0262 -0.0035 -0.0157 7   CYS A SG  
59  N N   . THR A 8  ? 0.1790 0.2192 0.1634 -0.0285 -0.0036 -0.0053 8   THR A N   
60  C CA  . THR A 8  ? 0.1765 0.2235 0.1610 -0.0295 -0.0021 -0.0024 8   THR A CA  
61  C C   . THR A 8  ? 0.2148 0.2632 0.1952 -0.0293 -0.0022 -0.0019 8   THR A C   
62  O O   . THR A 8  ? 0.2081 0.2521 0.1877 -0.0292 -0.0035 -0.0012 8   THR A O   
63  C CB  . THR A 8  ? 0.2639 0.3095 0.2509 -0.0320 -0.0025 0.0016  8   THR A CB  
64  O OG1 . THR A 8  ? 0.3412 0.3786 0.3263 -0.0324 -0.0039 0.0027  8   THR A OG1 
65  C CG2 . THR A 8  ? 0.3028 0.3500 0.2944 -0.0330 -0.0031 0.0013  8   THR A CG2 
66  N N   . LYS A 9  ? 0.1830 0.2385 0.1609 -0.0287 -0.0008 -0.0021 9   LYS A N   
67  C CA  . LYS A 9  ? 0.1852 0.2439 0.1587 -0.0284 -0.0015 -0.0015 9   LYS A CA  
68  C C   . LYS A 9  ? 0.2124 0.2716 0.1853 -0.0287 -0.0017 0.0045  9   LYS A C   
69  O O   . LYS A 9  ? 0.1975 0.2560 0.1695 -0.0281 -0.0033 0.0054  9   LYS A O   
70  C CB  . LYS A 9  ? 0.2113 0.2774 0.1804 -0.0273 0.0000  -0.0039 9   LYS A CB  
71  C CG  . LYS A 9  ? 0.2041 0.2752 0.1675 -0.0271 -0.0015 -0.0038 9   LYS A CG  
72  C CD  . LYS A 9  ? 0.2327 0.3107 0.1898 -0.0256 0.0002  -0.0063 9   LYS A CD  
73  C CE  . LYS A 9  ? 0.2825 0.3671 0.2332 -0.0254 -0.0019 -0.0054 9   LYS A CE  
74  N NZ  . LYS A 9  ? 0.4216 0.5046 0.3711 -0.0269 -0.0058 -0.0105 9   LYS A NZ  
75  N N   . SER A 10 ? 0.1754 0.2355 0.1495 -0.0296 0.0001  0.0091  10  SER A N   
76  C CA  A SER A 10 ? 0.1687 0.2277 0.1417 -0.0295 0.0005  0.0153  10  SER A CA  
77  C CA  B SER A 10 ? 0.1700 0.2289 0.1430 -0.0295 0.0006  0.0154  10  SER A CA  
78  C C   . SER A 10 ? 0.2081 0.2574 0.1826 -0.0293 -0.0009 0.0164  10  SER A C   
79  O O   . SER A 10 ? 0.1996 0.2487 0.1725 -0.0274 -0.0014 0.0194  10  SER A O   
80  C CB  A SER A 10 ? 0.1925 0.2537 0.1666 -0.0312 0.0033  0.0204  10  SER A CB  
81  C CB  B SER A 10 ? 0.2075 0.2684 0.1817 -0.0313 0.0032  0.0205  10  SER A CB  
82  O OG  A SER A 10 ? 0.2585 0.3297 0.2297 -0.0301 0.0051  0.0195  10  SER A OG  
83  O OG  B SER A 10 ? 0.2968 0.3510 0.2760 -0.0341 0.0033  0.0212  10  SER A OG  
84  N N   . LYS A 11 ? 0.1826 0.2251 0.1603 -0.0307 -0.0014 0.0140  11  LYS A N   
85  C CA  . LYS A 11 ? 0.1753 0.2080 0.1527 -0.0298 -0.0024 0.0143  11  LYS A CA  
86  C C   . LYS A 11 ? 0.1973 0.2300 0.1746 -0.0279 -0.0036 0.0107  11  LYS A C   
87  O O   . LYS A 11 ? 0.2010 0.2278 0.1779 -0.0263 -0.0037 0.0114  11  LYS A O   
88  C CB  . LYS A 11 ? 0.1801 0.2054 0.1596 -0.0323 -0.0029 0.0133  11  LYS A CB  
89  C CG  . LYS A 11 ? 0.1877 0.2112 0.1685 -0.0353 -0.0018 0.0175  11  LYS A CG  
90  C CD  . LYS A 11 ? 0.2431 0.2607 0.2263 -0.0386 -0.0034 0.0154  11  LYS A CD  
91  C CE  . LYS A 11 ? 0.2933 0.3062 0.2782 -0.0428 -0.0027 0.0194  11  LYS A CE  
92  N NZ  . LYS A 11 ? 0.3295 0.3390 0.3175 -0.0470 -0.0052 0.0166  11  LYS A NZ  
93  N N   . ASN A 12 ? 0.1707 0.2096 0.1483 -0.0282 -0.0041 0.0069  12  ASN A N   
94  C CA  . ASN A 12 ? 0.1556 0.1943 0.1339 -0.0276 -0.0051 0.0035  12  ASN A CA  
95  C C   . ASN A 12 ? 0.1765 0.2067 0.1558 -0.0271 -0.0051 0.0023  12  ASN A C   
96  O O   . ASN A 12 ? 0.1627 0.1902 0.1421 -0.0258 -0.0050 0.0028  12  ASN A O   
97  C CB  . ASN A 12 ? 0.1805 0.2235 0.1586 -0.0262 -0.0059 0.0055  12  ASN A CB  
98  C CG  . ASN A 12 ? 0.1977 0.2434 0.1776 -0.0270 -0.0071 0.0019  12  ASN A CG  
99  O OD1 . ASN A 12 ? 0.1964 0.2412 0.1763 -0.0285 -0.0072 -0.0026 12  ASN A OD1 
100 N ND2 . ASN A 12 ? 0.1813 0.2299 0.1636 -0.0262 -0.0077 0.0037  12  ASN A ND2 
101 N N   . GLU A 13 ? 0.1614 0.1884 0.1411 -0.0281 -0.0052 0.0011  13  GLU A N   
102 C CA  . GLU A 13 ? 0.1743 0.1937 0.1534 -0.0277 -0.0057 0.0000  13  GLU A CA  
103 C C   . GLU A 13 ? 0.1936 0.2136 0.1739 -0.0276 -0.0062 -0.0032 13  GLU A C   
104 O O   . GLU A 13 ? 0.1874 0.2126 0.1694 -0.0281 -0.0059 -0.0043 13  GLU A O   
105 C CB  . GLU A 13 ? 0.1992 0.2139 0.1777 -0.0292 -0.0063 0.0017  13  GLU A CB  
106 C CG  . GLU A 13 ? 0.3558 0.3643 0.3316 -0.0281 -0.0055 0.0047  13  GLU A CG  
107 C CD  . GLU A 13 ? 0.5838 0.5846 0.5582 -0.0301 -0.0063 0.0054  13  GLU A CD  
108 O OE1 . GLU A 13 ? 0.2986 0.3020 0.2756 -0.0333 -0.0075 0.0048  13  GLU A OE1 
109 O OE2 . GLU A 13 ? 0.6474 0.6395 0.6184 -0.0286 -0.0056 0.0067  13  GLU A OE2 
110 N N   . CYS A 14 ? 0.1603 0.1747 0.1393 -0.0263 -0.0065 -0.0042 14  CYS A N   
111 C CA  . CYS A 14 ? 0.1495 0.1629 0.1290 -0.0254 -0.0069 -0.0062 14  CYS A CA  
112 C C   . CYS A 14 ? 0.1772 0.1875 0.1557 -0.0254 -0.0087 -0.0061 14  CYS A C   
113 O O   . CYS A 14 ? 0.1980 0.2022 0.1727 -0.0251 -0.0091 -0.0054 14  CYS A O   
114 C CB  . CYS A 14 ? 0.1551 0.1649 0.1338 -0.0240 -0.0057 -0.0068 14  CYS A CB  
115 S SG  . CYS A 14 ? 0.2006 0.2072 0.1791 -0.0220 -0.0058 -0.0083 14  CYS A SG  
116 N N   . LYS A 15 ? 0.1528 0.1673 0.1339 -0.0256 -0.0097 -0.0068 15  LYS A N   
117 C CA  . LYS A 15 ? 0.1501 0.1639 0.1311 -0.0262 -0.0124 -0.0067 15  LYS A CA  
118 C C   . LYS A 15 ? 0.1770 0.1900 0.1572 -0.0231 -0.0129 -0.0076 15  LYS A C   
119 O O   . LYS A 15 ? 0.1727 0.1899 0.1561 -0.0213 -0.0118 -0.0081 15  LYS A O   
120 C CB  . LYS A 15 ? 0.1674 0.1891 0.1537 -0.0288 -0.0132 -0.0059 15  LYS A CB  
121 C CG  . LYS A 15 ? 0.1960 0.2194 0.1838 -0.0304 -0.0168 -0.0060 15  LYS A CG  
122 C CD  . LYS A 15 ? 0.2522 0.2863 0.2476 -0.0327 -0.0170 -0.0046 15  LYS A CD  
123 C CE  . LYS A 15 ? 0.2921 0.3298 0.2908 -0.0358 -0.0212 -0.0044 15  LYS A CE  
124 N NZ  . LYS A 15 ? 0.3793 0.4295 0.3874 -0.0383 -0.0209 -0.0022 15  LYS A NZ  
125 N N   . TYR A 16 ? 0.1637 0.1708 0.1390 -0.0219 -0.0144 -0.0075 16  TYR A N   
126 C CA  . TYR A 16 ? 0.1596 0.1655 0.1332 -0.0184 -0.0150 -0.0073 16  TYR A CA  
127 C C   . TYR A 16 ? 0.2031 0.2077 0.1725 -0.0184 -0.0188 -0.0074 16  TYR A C   
128 O O   . TYR A 16 ? 0.1935 0.1947 0.1597 -0.0210 -0.0205 -0.0083 16  TYR A O   
129 C CB  . TYR A 16 ? 0.1839 0.1834 0.1541 -0.0162 -0.0119 -0.0066 16  TYR A CB  
130 C CG  . TYR A 16 ? 0.1991 0.1923 0.1632 -0.0161 -0.0113 -0.0061 16  TYR A CG  
131 C CD1 . TYR A 16 ? 0.2191 0.2112 0.1833 -0.0179 -0.0099 -0.0062 16  TYR A CD1 
132 C CD2 . TYR A 16 ? 0.2342 0.2226 0.1918 -0.0134 -0.0119 -0.0053 16  TYR A CD2 
133 C CE1 . TYR A 16 ? 0.2332 0.2195 0.1920 -0.0166 -0.0088 -0.0056 16  TYR A CE1 
134 C CE2 . TYR A 16 ? 0.2435 0.2259 0.1946 -0.0124 -0.0107 -0.0051 16  TYR A CE2 
135 C CZ  . TYR A 16 ? 0.2683 0.2495 0.2203 -0.0139 -0.0090 -0.0054 16  TYR A CZ  
136 O OH  . TYR A 16 ? 0.2954 0.2708 0.2410 -0.0119 -0.0070 -0.0049 16  TYR A OH  
137 N N   . LYS A 17 ? 0.2110 0.2170 0.1794 -0.0151 -0.0202 -0.0065 17  LYS A N   
138 C CA  . LYS A 17 ? 0.2174 0.2227 0.1804 -0.0147 -0.0245 -0.0068 17  LYS A CA  
139 C C   . LYS A 17 ? 0.2679 0.2644 0.2215 -0.0115 -0.0229 -0.0061 17  LYS A C   
140 O O   . LYS A 17 ? 0.2680 0.2625 0.2212 -0.0079 -0.0200 -0.0040 17  LYS A O   
141 C CB  . LYS A 17 ? 0.2449 0.2589 0.2122 -0.0123 -0.0275 -0.0055 17  LYS A CB  
142 C CG  . LYS A 17 ? 0.2879 0.3124 0.2640 -0.0161 -0.0301 -0.0059 17  LYS A CG  
143 C CD  . LYS A 17 ? 0.3583 0.3935 0.3401 -0.0128 -0.0327 -0.0040 17  LYS A CD  
144 C CE  . LYS A 17 ? 0.5479 0.5889 0.5285 -0.0149 -0.0395 -0.0043 17  LYS A CE  
145 N NZ  . LYS A 17 ? 0.7224 0.7766 0.7107 -0.0112 -0.0419 -0.0016 17  LYS A NZ  
146 N N   . ASN A 18 ? 0.2239 0.2144 0.1695 -0.0126 -0.0245 -0.0078 18  ASN A N   
147 C CA  . ASN A 18 ? 0.2409 0.2233 0.1767 -0.0091 -0.0221 -0.0070 18  ASN A CA  
148 C C   . ASN A 18 ? 0.2808 0.2635 0.2097 -0.0051 -0.0246 -0.0055 18  ASN A C   
149 O O   . ASN A 18 ? 0.2684 0.2583 0.2016 -0.0047 -0.0282 -0.0048 18  ASN A O   
150 C CB  . ASN A 18 ? 0.2691 0.2441 0.1982 -0.0108 -0.0221 -0.0095 18  ASN A CB  
151 C CG  . ASN A 18 ? 0.3072 0.2800 0.2295 -0.0129 -0.0278 -0.0129 18  ASN A CG  
152 O OD1 . ASN A 18 ? 0.2708 0.2497 0.1939 -0.0133 -0.0325 -0.0131 18  ASN A OD1 
153 N ND2 . ASN A 18 ? 0.3120 0.2761 0.2275 -0.0143 -0.0276 -0.0157 18  ASN A ND2 
154 N N   . ASP A 19 ? 0.2701 0.2460 0.1884 -0.0016 -0.0228 -0.0047 19  ASP A N   
155 C CA  . ASP A 19 ? 0.2783 0.2543 0.1882 0.0028  -0.0248 -0.0026 19  ASP A CA  
156 C C   . ASP A 19 ? 0.3008 0.2827 0.2091 0.0011  -0.0325 -0.0051 19  ASP A C   
157 O O   . ASP A 19 ? 0.2928 0.2801 0.2004 0.0044  -0.0353 -0.0025 19  ASP A O   
158 C CB  . ASP A 19 ? 0.3076 0.2756 0.2040 0.0063  -0.0222 -0.0024 19  ASP A CB  
159 C CG  . ASP A 19 ? 0.3427 0.3063 0.2397 0.0087  -0.0144 0.0013  19  ASP A CG  
160 O OD1 . ASP A 19 ? 0.3639 0.3299 0.2713 0.0074  -0.0113 0.0034  19  ASP A OD1 
161 O OD2 . ASP A 19 ? 0.3744 0.3324 0.2606 0.0119  -0.0114 0.0019  19  ASP A OD2 
162 N N   . ALA A 20 ? 0.2640 0.2444 0.1711 -0.0039 -0.0361 -0.0098 20  ALA A N   
163 C CA  . ALA A 20 ? 0.2544 0.2404 0.1603 -0.0071 -0.0442 -0.0127 20  ALA A CA  
164 C C   . ALA A 20 ? 0.2797 0.2776 0.2004 -0.0109 -0.0471 -0.0119 20  ALA A C   
165 O O   . ALA A 20 ? 0.2738 0.2792 0.1963 -0.0139 -0.0539 -0.0135 20  ALA A O   
166 C CB  . ALA A 20 ? 0.2810 0.2582 0.1784 -0.0113 -0.0466 -0.0181 20  ALA A CB  
167 N N   . GLY A 21 ? 0.2587 0.2590 0.1896 -0.0108 -0.0421 -0.0097 21  GLY A N   
168 C CA  . GLY A 21 ? 0.2587 0.2702 0.2033 -0.0135 -0.0436 -0.0089 21  GLY A CA  
169 C C   . GLY A 21 ? 0.2857 0.2966 0.2356 -0.0202 -0.0435 -0.0114 21  GLY A C   
170 O O   . GLY A 21 ? 0.2841 0.3047 0.2451 -0.0231 -0.0445 -0.0107 21  GLY A O   
171 N N   . LYS A 22 ? 0.2338 0.2330 0.1760 -0.0222 -0.0419 -0.0140 22  LYS A N   
172 C CA  . LYS A 22 ? 0.2363 0.2329 0.1825 -0.0280 -0.0416 -0.0158 22  LYS A CA  
173 C C   . LYS A 22 ? 0.2632 0.2611 0.2170 -0.0276 -0.0357 -0.0135 22  LYS A C   
174 O O   . LYS A 22 ? 0.2411 0.2345 0.1921 -0.0235 -0.0311 -0.0122 22  LYS A O   
175 C CB  . LYS A 22 ? 0.2531 0.2355 0.1875 -0.0289 -0.0415 -0.0192 22  LYS A CB  
176 C CG  . LYS A 22 ? 0.2834 0.2608 0.2206 -0.0350 -0.0419 -0.0209 22  LYS A CG  
177 C CD  . LYS A 22 ? 0.3689 0.3315 0.2932 -0.0361 -0.0433 -0.0252 22  LYS A CD  
178 C CE  . LYS A 22 ? 0.3905 0.3420 0.3075 -0.0310 -0.0371 -0.0248 22  LYS A CE  
179 N NZ  . LYS A 22 ? 0.3968 0.3340 0.2990 -0.0299 -0.0383 -0.0294 22  LYS A NZ  
180 N N   . ASP A 23 ? 0.2329 0.2370 0.1958 -0.0321 -0.0358 -0.0129 23  ASP A N   
181 C CA  . ASP A 23 ? 0.2196 0.2249 0.1882 -0.0320 -0.0307 -0.0111 23  ASP A CA  
182 C C   . ASP A 23 ? 0.2498 0.2434 0.2114 -0.0316 -0.0278 -0.0118 23  ASP A C   
183 O O   . ASP A 23 ? 0.2579 0.2436 0.2144 -0.0343 -0.0296 -0.0136 23  ASP A O   
184 C CB  . ASP A 23 ? 0.2470 0.2606 0.2252 -0.0370 -0.0312 -0.0099 23  ASP A CB  
185 C CG  . ASP A 23 ? 0.3110 0.3387 0.2984 -0.0363 -0.0325 -0.0083 23  ASP A CG  
186 O OD1 . ASP A 23 ? 0.3018 0.3320 0.2887 -0.0310 -0.0315 -0.0077 23  ASP A OD1 
187 O OD2 . ASP A 23 ? 0.3953 0.4315 0.3907 -0.0409 -0.0340 -0.0073 23  ASP A OD2 
188 N N   . THR A 24 ? 0.1982 0.1907 0.1597 -0.0280 -0.0233 -0.0104 24  THR A N   
189 C CA  . THR A 24 ? 0.2043 0.1884 0.1607 -0.0265 -0.0200 -0.0102 24  THR A CA  
190 C C   . THR A 24 ? 0.2219 0.2106 0.1844 -0.0268 -0.0166 -0.0082 24  THR A C   
191 O O   . THR A 24 ? 0.1996 0.1950 0.1669 -0.0256 -0.0153 -0.0075 24  THR A O   
192 C CB  . THR A 24 ? 0.2641 0.2437 0.2139 -0.0218 -0.0184 -0.0102 24  THR A CB  
193 O OG1 . THR A 24 ? 0.2415 0.2181 0.1846 -0.0213 -0.0221 -0.0120 24  THR A OG1 
194 C CG2 . THR A 24 ? 0.2563 0.2287 0.2015 -0.0195 -0.0146 -0.0095 24  THR A CG2 
195 N N   . PHE A 25 ? 0.1948 0.1797 0.1569 -0.0281 -0.0153 -0.0073 25  PHE A N   
196 C CA  . PHE A 25 ? 0.1991 0.1889 0.1660 -0.0283 -0.0126 -0.0051 25  PHE A CA  
197 C C   . PHE A 25 ? 0.2708 0.2560 0.2343 -0.0250 -0.0097 -0.0039 25  PHE A C   
198 O O   . PHE A 25 ? 0.2862 0.2630 0.2446 -0.0240 -0.0092 -0.0038 25  PHE A O   
199 C CB  . PHE A 25 ? 0.2261 0.2163 0.1956 -0.0322 -0.0132 -0.0036 25  PHE A CB  
200 C CG  . PHE A 25 ? 0.2506 0.2485 0.2258 -0.0358 -0.0154 -0.0037 25  PHE A CG  
201 C CD1 . PHE A 25 ? 0.2771 0.2727 0.2517 -0.0387 -0.0190 -0.0055 25  PHE A CD1 
202 C CD2 . PHE A 25 ? 0.2789 0.2870 0.2603 -0.0364 -0.0139 -0.0022 25  PHE A CD2 
203 C CE1 . PHE A 25 ? 0.2810 0.2861 0.2627 -0.0420 -0.0211 -0.0051 25  PHE A CE1 
204 C CE2 . PHE A 25 ? 0.3076 0.3239 0.2948 -0.0390 -0.0151 -0.0018 25  PHE A CE2 
205 C CZ  . PHE A 25 ? 0.2921 0.3078 0.2806 -0.0419 -0.0188 -0.0029 25  PHE A CZ  
206 N N   . ILE A 26 ? 0.2057 0.1965 0.1723 -0.0234 -0.0077 -0.0030 26  ILE A N   
207 C CA  . ILE A 26 ? 0.2053 0.1951 0.1710 -0.0206 -0.0051 -0.0013 26  ILE A CA  
208 C C   . ILE A 26 ? 0.2310 0.2291 0.2017 -0.0215 -0.0043 0.0002  26  ILE A C   
209 O O   . ILE A 26 ? 0.2249 0.2290 0.1988 -0.0235 -0.0052 -0.0009 26  ILE A O   
210 C CB  . ILE A 26 ? 0.2429 0.2313 0.2067 -0.0181 -0.0037 -0.0017 26  ILE A CB  
211 C CG1 . ILE A 26 ? 0.2498 0.2433 0.2175 -0.0193 -0.0042 -0.0028 26  ILE A CG1 
212 C CG2 . ILE A 26 ? 0.2587 0.2385 0.2152 -0.0164 -0.0045 -0.0031 26  ILE A CG2 
213 C CD1 . ILE A 26 ? 0.4122 0.4047 0.3795 -0.0175 -0.0022 -0.0021 26  ILE A CD1 
214 N N   . LYS A 27 ? 0.1994 0.1985 0.1706 -0.0194 -0.0026 0.0026  27  LYS A N   
215 C CA  . LYS A 27 ? 0.1991 0.2068 0.1742 -0.0201 -0.0026 0.0044  27  LYS A CA  
216 C C   . LYS A 27 ? 0.2045 0.2187 0.1833 -0.0210 -0.0026 0.0030  27  LYS A C   
217 O O   . LYS A 27 ? 0.2035 0.2164 0.1830 -0.0198 -0.0012 0.0031  27  LYS A O   
218 C CB  . LYS A 27 ? 0.2260 0.2330 0.2006 -0.0168 -0.0009 0.0081  27  LYS A CB  
219 C CG  . LYS A 27 ? 0.4080 0.4243 0.3860 -0.0166 -0.0013 0.0111  27  LYS A CG  
220 C CD  . LYS A 27 ? 0.5637 0.5845 0.5418 -0.0196 -0.0029 0.0107  27  LYS A CD  
221 C CE  . LYS A 27 ? 0.6959 0.7245 0.6750 -0.0185 -0.0032 0.0144  27  LYS A CE  
222 N NZ  . LYS A 27 ? 0.7507 0.7892 0.7335 -0.0181 -0.0041 0.0143  27  LYS A NZ  
223 N N   . CYS A 28 ? 0.1701 0.1909 0.1512 -0.0234 -0.0039 0.0015  28  CYS A N   
224 C CA  . CYS A 28 ? 0.1794 0.2054 0.1635 -0.0250 -0.0042 -0.0003 28  CYS A CA  
225 C C   . CYS A 28 ? 0.1988 0.2318 0.1857 -0.0243 -0.0042 0.0027  28  CYS A C   
226 O O   . CYS A 28 ? 0.1975 0.2328 0.1835 -0.0227 -0.0044 0.0057  28  CYS A O   
227 C CB  . CYS A 28 ? 0.1809 0.2112 0.1650 -0.0273 -0.0055 -0.0035 28  CYS A CB  
228 S SG  . CYS A 28 ? 0.2162 0.2422 0.1982 -0.0273 -0.0054 -0.0059 28  CYS A SG  
229 N N   . PRO A 29 ? 0.1731 0.2106 0.1642 -0.0258 -0.0043 0.0022  29  PRO A N   
230 C CA  . PRO A 29 ? 0.1577 0.2052 0.1529 -0.0256 -0.0052 0.0049  29  PRO A CA  
231 C C   . PRO A 29 ? 0.1932 0.2484 0.1872 -0.0272 -0.0080 0.0041  29  PRO A C   
232 O O   . PRO A 29 ? 0.1746 0.2281 0.1654 -0.0292 -0.0090 0.0004  29  PRO A O   
233 C CB  . PRO A 29 ? 0.1734 0.2242 0.1741 -0.0288 -0.0053 0.0034  29  PRO A CB  
234 C CG  . PRO A 29 ? 0.2092 0.2493 0.2078 -0.0283 -0.0029 0.0021  29  PRO A CG  
235 C CD  . PRO A 29 ? 0.1651 0.1992 0.1579 -0.0279 -0.0037 -0.0005 29  PRO A CD  
236 N N   . LYS A 30 ? 0.1624 0.2266 0.1587 -0.0254 -0.0090 0.0081  30  LYS A N   
237 C CA  . LYS A 30 ? 0.1611 0.2345 0.1557 -0.0266 -0.0120 0.0079  30  LYS A CA  
238 C C   . LYS A 30 ? 0.1783 0.2586 0.1754 -0.0316 -0.0151 0.0032  30  LYS A C   
239 O O   . LYS A 30 ? 0.1909 0.2746 0.1836 -0.0337 -0.0175 -0.0001 30  LYS A O   
240 C CB  . LYS A 30 ? 0.1842 0.2657 0.1804 -0.0227 -0.0124 0.0142  30  LYS A CB  
241 C CG  . LYS A 30 ? 0.1983 0.2913 0.1924 -0.0236 -0.0160 0.0146  30  LYS A CG  
242 C CD  . LYS A 30 ? 0.1992 0.2992 0.1943 -0.0184 -0.0162 0.0220  30  LYS A CD  
243 C CE  . LYS A 30 ? 0.2733 0.3846 0.2644 -0.0187 -0.0197 0.0231  30  LYS A CE  
244 N NZ  . LYS A 30 ? 0.2724 0.3775 0.2552 -0.0195 -0.0187 0.0214  30  LYS A NZ  
245 N N   . PHE A 31 ? 0.1536 0.2356 0.1572 -0.0338 -0.0150 0.0029  31  PHE A N   
246 C CA  . PHE A 31 ? 0.1612 0.2487 0.1680 -0.0397 -0.0182 -0.0016 31  PHE A CA  
247 C C   . PHE A 31 ? 0.2123 0.2929 0.2127 -0.0426 -0.0191 -0.0083 31  PHE A C   
248 O O   . PHE A 31 ? 0.1963 0.2656 0.1936 -0.0412 -0.0162 -0.0098 31  PHE A O   
249 C CB  . PHE A 31 ? 0.1901 0.2766 0.2048 -0.0422 -0.0165 -0.0009 31  PHE A CB  
250 C CG  . PHE A 31 ? 0.2203 0.3191 0.2436 -0.0404 -0.0164 0.0051  31  PHE A CG  
251 C CD1 . PHE A 31 ? 0.2539 0.3682 0.2818 -0.0426 -0.0208 0.0061  31  PHE A CD1 
252 C CD2 . PHE A 31 ? 0.2592 0.3546 0.2857 -0.0365 -0.0119 0.0096  31  PHE A CD2 
253 C CE1 . PHE A 31 ? 0.2685 0.3958 0.3055 -0.0403 -0.0205 0.0124  31  PHE A CE1 
254 C CE2 . PHE A 31 ? 0.2945 0.4019 0.3294 -0.0340 -0.0110 0.0155  31  PHE A CE2 
255 C CZ  . PHE A 31 ? 0.2710 0.3947 0.3118 -0.0359 -0.0152 0.0170  31  PHE A CZ  
256 N N   . ASP A 32 ? 0.2079 0.2955 0.2057 -0.0460 -0.0231 -0.0124 32  ASP A N   
257 C CA  . ASP A 32 ? 0.2114 0.2927 0.2013 -0.0477 -0.0237 -0.0191 32  ASP A CA  
258 C C   . ASP A 32 ? 0.2727 0.3406 0.2625 -0.0492 -0.0211 -0.0235 32  ASP A C   
259 O O   . ASP A 32 ? 0.2740 0.3344 0.2581 -0.0466 -0.0189 -0.0256 32  ASP A O   
260 C CB  . ASP A 32 ? 0.2454 0.3352 0.2329 -0.0523 -0.0288 -0.0242 32  ASP A CB  
261 C CG  . ASP A 32 ? 0.3371 0.4405 0.3214 -0.0502 -0.0319 -0.0208 32  ASP A CG  
262 O OD1 . ASP A 32 ? 0.3549 0.4583 0.3359 -0.0449 -0.0294 -0.0157 32  ASP A OD1 
263 O OD2 . ASP A 32 ? 0.3184 0.4321 0.3032 -0.0540 -0.0370 -0.0231 32  ASP A OD2 
264 N N   . ASN A 33 ? 0.2464 0.3116 0.2429 -0.0530 -0.0210 -0.0239 33  ASN A N   
265 C CA  . ASN A 33 ? 0.2495 0.3013 0.2457 -0.0544 -0.0185 -0.0275 33  ASN A CA  
266 C C   . ASN A 33 ? 0.2615 0.3046 0.2574 -0.0494 -0.0141 -0.0237 33  ASN A C   
267 O O   . ASN A 33 ? 0.2561 0.2883 0.2509 -0.0493 -0.0120 -0.0260 33  ASN A O   
268 C CB  . ASN A 33 ? 0.2619 0.3135 0.2656 -0.0607 -0.0196 -0.0287 33  ASN A CB  
269 C CG  . ASN A 33 ? 0.4896 0.5458 0.5020 -0.0603 -0.0177 -0.0217 33  ASN A CG  
270 O OD1 . ASN A 33 ? 0.3258 0.3896 0.3397 -0.0560 -0.0169 -0.0162 33  ASN A OD1 
271 N ND2 . ASN A 33 ? 0.3838 0.4353 0.4023 -0.0646 -0.0163 -0.0216 33  ASN A ND2 
272 N N   . LYS A 34 ? 0.1970 0.2447 0.1937 -0.0453 -0.0130 -0.0181 34  LYS A N   
273 C CA  . LYS A 34 ? 0.1963 0.2364 0.1918 -0.0410 -0.0097 -0.0151 34  LYS A CA  
274 C C   . LYS A 34 ? 0.2058 0.2467 0.1964 -0.0372 -0.0094 -0.0136 34  LYS A C   
275 O O   . LYS A 34 ? 0.1667 0.2021 0.1561 -0.0342 -0.0075 -0.0114 34  LYS A O   
276 C CB  . LYS A 34 ? 0.2078 0.2495 0.2083 -0.0399 -0.0079 -0.0098 34  LYS A CB  
277 C CG  . LYS A 34 ? 0.2482 0.2881 0.2544 -0.0436 -0.0070 -0.0099 34  LYS A CG  
278 C CD  . LYS A 34 ? 0.3418 0.3886 0.3542 -0.0425 -0.0054 -0.0042 34  LYS A CD  
279 C CE  . LYS A 34 ? 0.3575 0.4004 0.3747 -0.0441 -0.0023 -0.0020 34  LYS A CE  
280 N NZ  . LYS A 34 ? 0.3896 0.4366 0.4092 -0.0398 0.0008  0.0039  34  LYS A NZ  
281 N N   . LYS A 35 ? 0.1849 0.2329 0.1726 -0.0375 -0.0113 -0.0144 35  LYS A N   
282 C CA  . LYS A 35 ? 0.1910 0.2404 0.1750 -0.0345 -0.0106 -0.0122 35  LYS A CA  
283 C C   . LYS A 35 ? 0.1994 0.2444 0.1792 -0.0337 -0.0094 -0.0155 35  LYS A C   
284 O O   . LYS A 35 ? 0.1958 0.2388 0.1738 -0.0351 -0.0097 -0.0206 35  LYS A O   
285 C CB  . LYS A 35 ? 0.2525 0.3122 0.2350 -0.0344 -0.0128 -0.0101 35  LYS A CB  
286 C CG  . LYS A 35 ? 0.4366 0.5006 0.4130 -0.0351 -0.0138 -0.0135 35  LYS A CG  
287 C CD  . LYS A 35 ? 0.4571 0.5322 0.4314 -0.0355 -0.0168 -0.0120 35  LYS A CD  
288 C CE  . LYS A 35 ? 0.4172 0.4977 0.3947 -0.0330 -0.0169 -0.0048 35  LYS A CE  
289 N NZ  . LYS A 35 ? 0.2632 0.3550 0.2429 -0.0344 -0.0208 -0.0038 35  LYS A NZ  
290 N N   . CYS A 36 ? 0.1633 0.2078 0.1420 -0.0314 -0.0081 -0.0127 36  CYS A N   
291 C CA  . CYS A 36 ? 0.1716 0.2153 0.1478 -0.0304 -0.0067 -0.0149 36  CYS A CA  
292 C C   . CYS A 36 ? 0.2040 0.2550 0.1757 -0.0305 -0.0070 -0.0163 36  CYS A C   
293 O O   . CYS A 36 ? 0.2018 0.2587 0.1723 -0.0302 -0.0075 -0.0123 36  CYS A O   
294 C CB  . CYS A 36 ? 0.1723 0.2143 0.1499 -0.0289 -0.0054 -0.0112 36  CYS A CB  
295 S SG  . CYS A 36 ? 0.2219 0.2643 0.1993 -0.0274 -0.0034 -0.0133 36  CYS A SG  
296 N N   . THR A 37 ? 0.1878 0.2381 0.1562 -0.0303 -0.0065 -0.0217 37  THR A N   
297 C CA  . THR A 37 ? 0.1968 0.2539 0.1591 -0.0301 -0.0066 -0.0238 37  THR A CA  
298 C C   . THR A 37 ? 0.2407 0.3001 0.2004 -0.0272 -0.0033 -0.0237 37  THR A C   
299 O O   . THR A 37 ? 0.2437 0.3096 0.1972 -0.0263 -0.0027 -0.0244 37  THR A O   
300 C CB  . THR A 37 ? 0.2381 0.2930 0.1966 -0.0321 -0.0086 -0.0306 37  THR A CB  
301 O OG1 . THR A 37 ? 0.2470 0.2929 0.2056 -0.0312 -0.0067 -0.0354 37  THR A OG1 
302 C CG2 . THR A 37 ? 0.2402 0.2960 0.2024 -0.0357 -0.0120 -0.0300 37  THR A CG2 
303 N N   . LYS A 38 ? 0.2078 0.2636 0.1720 -0.0256 -0.0011 -0.0222 38  LYS A N   
304 C CA  . LYS A 38 ? 0.2070 0.2671 0.1709 -0.0229 0.0022  -0.0215 38  LYS A CA  
305 C C   . LYS A 38 ? 0.2396 0.2975 0.2106 -0.0225 0.0029  -0.0181 38  LYS A C   
306 O O   . LYS A 38 ? 0.2220 0.2729 0.1959 -0.0228 0.0016  -0.0192 38  LYS A O   
307 C CB  . LYS A 38 ? 0.2355 0.2933 0.1946 -0.0202 0.0041  -0.0281 38  LYS A CB  
308 C CG  . LYS A 38 ? 0.2782 0.3422 0.2375 -0.0164 0.0084  -0.0272 38  LYS A CG  
309 C CD  . LYS A 38 ? 0.3021 0.3625 0.2562 -0.0124 0.0110  -0.0339 38  LYS A CD  
310 C CE  . LYS A 38 ? 0.3719 0.4411 0.3254 -0.0079 0.0160  -0.0325 38  LYS A CE  
311 N NZ  . LYS A 38 ? 0.5312 0.5961 0.4852 -0.0025 0.0192  -0.0366 38  LYS A NZ  
312 N N   . ASP A 39 ? 0.2001 0.2645 0.1740 -0.0221 0.0049  -0.0138 39  ASP A N   
313 C CA  A ASP A 39 ? 0.1845 0.2485 0.1655 -0.0225 0.0048  -0.0109 39  ASP A CA  
314 C CA  B ASP A 39 ? 0.1851 0.2491 0.1661 -0.0225 0.0048  -0.0109 39  ASP A CA  
315 C C   . ASP A 39 ? 0.2354 0.2963 0.2184 -0.0194 0.0054  -0.0145 39  ASP A C   
316 O O   . ASP A 39 ? 0.2171 0.2797 0.1973 -0.0161 0.0079  -0.0179 39  ASP A O   
317 C CB  A ASP A 39 ? 0.1971 0.2703 0.1818 -0.0233 0.0071  -0.0060 39  ASP A CB  
318 C CB  B ASP A 39 ? 0.1983 0.2716 0.1830 -0.0232 0.0072  -0.0061 39  ASP A CB  
319 C CG  A ASP A 39 ? 0.2602 0.3342 0.2438 -0.0264 0.0066  -0.0010 39  ASP A CG  
320 C CG  B ASP A 39 ? 0.2764 0.3506 0.2607 -0.0265 0.0067  -0.0007 39  ASP A CG  
321 O OD1 A ASP A 39 ? 0.1966 0.2636 0.1801 -0.0283 0.0039  0.0000  39  ASP A OD1 
322 O OD1 B ASP A 39 ? 0.2400 0.3085 0.2215 -0.0277 0.0043  -0.0006 39  ASP A OD1 
323 O OD2 A ASP A 39 ? 0.2979 0.3796 0.2804 -0.0265 0.0093  0.0024  39  ASP A OD2 
324 O OD2 B ASP A 39 ? 0.2927 0.3739 0.2801 -0.0278 0.0089  0.0038  39  ASP A OD2 
325 N N   . ASN A 40 ? 0.1976 0.2538 0.1848 -0.0200 0.0033  -0.0134 40  ASN A N   
326 C CA  . ASN A 40 ? 0.1911 0.2438 0.1805 -0.0167 0.0034  -0.0154 40  ASN A CA  
327 C C   . ASN A 40 ? 0.1935 0.2369 0.1785 -0.0153 0.0034  -0.0199 40  ASN A C   
328 O O   . ASN A 40 ? 0.1874 0.2266 0.1732 -0.0119 0.0042  -0.0215 40  ASN A O   
329 C CB  . ASN A 40 ? 0.2400 0.3016 0.2333 -0.0130 0.0063  -0.0149 40  ASN A CB  
330 C CG  . ASN A 40 ? 0.6162 0.6803 0.6163 -0.0115 0.0050  -0.0127 40  ASN A CG  
331 O OD1 . ASN A 40 ? 0.6065 0.6717 0.6101 -0.0150 0.0020  -0.0096 40  ASN A OD1 
332 N ND2 . ASN A 40 ? 0.5087 0.5737 0.5104 -0.0060 0.0069  -0.0141 40  ASN A ND2 
333 N N   . ASN A 41 ? 0.1575 0.1972 0.1381 -0.0181 0.0023  -0.0215 41  ASN A N   
334 C CA  . ASN A 41 ? 0.1526 0.1834 0.1306 -0.0182 0.0018  -0.0253 41  ASN A CA  
335 C C   . ASN A 41 ? 0.1951 0.2194 0.1759 -0.0184 0.0005  -0.0231 41  ASN A C   
336 O O   . ASN A 41 ? 0.1764 0.2029 0.1599 -0.0191 -0.0008 -0.0193 41  ASN A O   
337 C CB  . ASN A 41 ? 0.1729 0.2035 0.1472 -0.0217 0.0004  -0.0271 41  ASN A CB  
338 C CG  . ASN A 41 ? 0.2547 0.2879 0.2236 -0.0210 0.0015  -0.0316 41  ASN A CG  
339 O OD1 . ASN A 41 ? 0.2257 0.2610 0.1933 -0.0175 0.0042  -0.0332 41  ASN A OD1 
340 N ND2 . ASN A 41 ? 0.2153 0.2498 0.1807 -0.0241 -0.0004 -0.0336 41  ASN A ND2 
341 N N   . LYS A 42 ? 0.1850 0.2007 0.1649 -0.0176 0.0009  -0.0254 42  LYS A N   
342 C CA  . LYS A 42 ? 0.1848 0.1942 0.1664 -0.0174 0.0002  -0.0230 42  LYS A CA  
343 C C   . LYS A 42 ? 0.2010 0.2099 0.1826 -0.0210 -0.0013 -0.0209 42  LYS A C   
344 O O   . LYS A 42 ? 0.1944 0.2053 0.1751 -0.0241 -0.0018 -0.0224 42  LYS A O   
345 C CB  . LYS A 42 ? 0.2136 0.2129 0.1938 -0.0160 0.0018  -0.0256 42  LYS A CB  
346 C CG  . LYS A 42 ? 0.2887 0.2811 0.2700 -0.0150 0.0017  -0.0223 42  LYS A CG  
347 C CD  . LYS A 42 ? 0.2963 0.2779 0.2766 -0.0131 0.0038  -0.0240 42  LYS A CD  
348 C CE  . LYS A 42 ? 0.2563 0.2321 0.2355 -0.0177 0.0042  -0.0278 42  LYS A CE  
349 N NZ  . LYS A 42 ? 0.4202 0.3948 0.4013 -0.0221 0.0034  -0.0250 42  LYS A NZ  
350 N N   . CYS A 43 ? 0.1530 0.1603 0.1356 -0.0204 -0.0021 -0.0174 43  CYS A N   
351 C CA  . CYS A 43 ? 0.1528 0.1583 0.1351 -0.0226 -0.0025 -0.0154 43  CYS A CA  
352 C C   . CYS A 43 ? 0.1616 0.1606 0.1432 -0.0206 -0.0019 -0.0131 43  CYS A C   
353 O O   . CYS A 43 ? 0.1611 0.1588 0.1421 -0.0176 -0.0022 -0.0124 43  CYS A O   
354 C CB  . CYS A 43 ? 0.1586 0.1692 0.1407 -0.0237 -0.0037 -0.0131 43  CYS A CB  
355 S SG  . CYS A 43 ? 0.1960 0.2079 0.1778 -0.0221 -0.0051 -0.0112 43  CYS A SG  
356 N N   . THR A 44 ? 0.1604 0.1563 0.1421 -0.0219 -0.0010 -0.0115 44  THR A N   
357 C CA  . THR A 44 ? 0.1702 0.1602 0.1501 -0.0199 0.0002  -0.0085 44  THR A CA  
358 C C   . THR A 44 ? 0.2109 0.2021 0.1894 -0.0201 0.0005  -0.0058 44  THR A C   
359 O O   . THR A 44 ? 0.1774 0.1731 0.1580 -0.0223 0.0005  -0.0059 44  THR A O   
360 C CB  . THR A 44 ? 0.2237 0.2071 0.2049 -0.0205 0.0024  -0.0084 44  THR A CB  
361 O OG1 . THR A 44 ? 0.2241 0.2095 0.2088 -0.0249 0.0029  -0.0093 44  THR A OG1 
362 C CG2 . THR A 44 ? 0.2300 0.2096 0.2113 -0.0189 0.0026  -0.0112 44  THR A CG2 
363 N N   . VAL A 45 ? 0.1786 0.1663 0.1531 -0.0173 0.0008  -0.0036 45  VAL A N   
364 C CA  . VAL A 45 ? 0.1929 0.1802 0.1644 -0.0163 0.0018  -0.0012 45  VAL A CA  
365 C C   . VAL A 45 ? 0.2175 0.1995 0.1853 -0.0137 0.0040  0.0017  45  VAL A C   
366 O O   . VAL A 45 ? 0.2431 0.2219 0.2077 -0.0112 0.0030  0.0020  45  VAL A O   
367 C CB  . VAL A 45 ? 0.2572 0.2451 0.2247 -0.0153 -0.0007 -0.0021 45  VAL A CB  
368 C CG1 . VAL A 45 ? 0.2641 0.2495 0.2270 -0.0135 0.0006  -0.0005 45  VAL A CG1 
369 C CG2 . VAL A 45 ? 0.2658 0.2590 0.2370 -0.0178 -0.0026 -0.0041 45  VAL A CG2 
370 N N   . ASP A 46 ? 0.1883 0.1700 0.1564 -0.0136 0.0072  0.0045  46  ASP A N   
371 C CA  . ASP A 46 ? 0.1951 0.1725 0.1589 -0.0107 0.0102  0.0082  46  ASP A CA  
372 C C   . ASP A 46 ? 0.2160 0.1934 0.1735 -0.0077 0.0107  0.0087  46  ASP A C   
373 O O   . ASP A 46 ? 0.2153 0.1965 0.1756 -0.0085 0.0120  0.0090  46  ASP A O   
374 C CB  . ASP A 46 ? 0.2206 0.1984 0.1905 -0.0130 0.0140  0.0111  46  ASP A CB  
375 C CG  . ASP A 46 ? 0.3161 0.2897 0.2817 -0.0101 0.0181  0.0161  46  ASP A CG  
376 O OD1 . ASP A 46 ? 0.2953 0.2683 0.2534 -0.0061 0.0191  0.0174  46  ASP A OD1 
377 O OD2 . ASP A 46 ? 0.3440 0.3141 0.3129 -0.0118 0.0204  0.0186  46  ASP A OD2 
378 N N   . THR A 47 ? 0.1955 0.1686 0.1440 -0.0043 0.0092  0.0086  47  THR A N   
379 C CA  . THR A 47 ? 0.2043 0.1751 0.1448 -0.0015 0.0092  0.0076  47  THR A CA  
380 C C   . THR A 47 ? 0.2434 0.2130 0.1800 0.0019  0.0145  0.0112  47  THR A C   
381 O O   . THR A 47 ? 0.2452 0.2127 0.1757 0.0046  0.0155  0.0103  47  THR A O   
382 C CB  . THR A 47 ? 0.2659 0.2330 0.1977 0.0003  0.0049  0.0054  47  THR A CB  
383 O OG1 . THR A 47 ? 0.2650 0.2300 0.1919 0.0033  0.0060  0.0083  47  THR A OG1 
384 C CG2 . THR A 47 ? 0.2772 0.2476 0.2141 -0.0030 0.0000  0.0023  47  THR A CG2 
385 N N   . TYR A 48 ? 0.2003 0.1708 0.1403 0.0018  0.0184  0.0155  48  TYR A N   
386 C CA  . TYR A 48 ? 0.2034 0.1748 0.1413 0.0048  0.0244  0.0197  48  TYR A CA  
387 C C   . TYR A 48 ? 0.2439 0.2229 0.1923 0.0025  0.0269  0.0208  48  TYR A C   
388 O O   . TYR A 48 ? 0.2668 0.2473 0.2127 0.0061  0.0299  0.0218  48  TYR A O   
389 C CB  . TYR A 48 ? 0.2085 0.1783 0.1464 0.0054  0.0280  0.0248  48  TYR A CB  
390 C CG  . TYR A 48 ? 0.2244 0.1972 0.1629 0.0077  0.0350  0.0302  48  TYR A CG  
391 C CD1 . TYR A 48 ? 0.2515 0.2216 0.1778 0.0140  0.0380  0.0314  48  TYR A CD1 
392 C CD2 . TYR A 48 ? 0.2283 0.2070 0.1793 0.0036  0.0386  0.0341  48  TYR A CD2 
393 C CE1 . TYR A 48 ? 0.2452 0.2191 0.1721 0.0169  0.0454  0.0370  48  TYR A CE1 
394 C CE2 . TYR A 48 ? 0.2507 0.2340 0.2038 0.0055  0.0454  0.0398  48  TYR A CE2 
395 C CZ  . TYR A 48 ? 0.2583 0.2397 0.1995 0.0125  0.0491  0.0414  48  TYR A CZ  
396 O OH  . TYR A 48 ? 0.3036 0.2905 0.2466 0.0151  0.0568  0.0476  48  TYR A OH  
397 N N   . ASN A 49 ? 0.2264 0.2101 0.1860 -0.0028 0.0257  0.0207  49  ASN A N   
398 C CA  . ASN A 49 ? 0.2249 0.2176 0.1954 -0.0057 0.0274  0.0222  49  ASN A CA  
399 C C   . ASN A 49 ? 0.2406 0.2367 0.2141 -0.0073 0.0230  0.0181  49  ASN A C   
400 O O   . ASN A 49 ? 0.2283 0.2328 0.2097 -0.0087 0.0237  0.0195  49  ASN A O   
401 C CB  . ASN A 49 ? 0.2141 0.2098 0.1947 -0.0112 0.0287  0.0246  49  ASN A CB  
402 C CG  . ASN A 49 ? 0.3177 0.3096 0.3004 -0.0154 0.0244  0.0207  49  ASN A CG  
403 O OD1 . ASN A 49 ? 0.2896 0.2801 0.2693 -0.0152 0.0201  0.0164  49  ASN A OD1 
404 N ND2 . ASN A 49 ? 0.2593 0.2488 0.2472 -0.0193 0.0256  0.0221  49  ASN A ND2 
405 N N   . ASN A 50 ? 0.2134 0.2042 0.1811 -0.0072 0.0187  0.0140  50  ASN A N   
406 C CA  . ASN A 50 ? 0.2019 0.1951 0.1716 -0.0090 0.0148  0.0108  50  ASN A CA  
407 C C   . ASN A 50 ? 0.2211 0.2214 0.2007 -0.0141 0.0130  0.0100  50  ASN A C   
408 O O   . ASN A 50 ? 0.2080 0.2140 0.1912 -0.0153 0.0114  0.0093  50  ASN A O   
409 C CB  . ASN A 50 ? 0.2091 0.2034 0.1768 -0.0056 0.0161  0.0116  50  ASN A CB  
410 C CG  . ASN A 50 ? 0.2037 0.1957 0.1689 -0.0062 0.0123  0.0085  50  ASN A CG  
411 O OD1 . ASN A 50 ? 0.2584 0.2457 0.2196 -0.0076 0.0091  0.0056  50  ASN A OD1 
412 N ND2 . ASN A 50 ? 0.1938 0.1891 0.1614 -0.0049 0.0127  0.0096  50  ASN A ND2 
413 N N   . ALA A 51 ? 0.1938 0.1929 0.1765 -0.0172 0.0133  0.0099  51  ALA A N   
414 C CA  . ALA A 51 ? 0.1909 0.1945 0.1809 -0.0224 0.0111  0.0077  51  ALA A CA  
415 C C   . ALA A 51 ? 0.2252 0.2266 0.2118 -0.0226 0.0074  0.0036  51  ALA A C   
416 O O   . ALA A 51 ? 0.2207 0.2159 0.2028 -0.0211 0.0068  0.0025  51  ALA A O   
417 C CB  . ALA A 51 ? 0.2118 0.2116 0.2050 -0.0252 0.0128  0.0084  51  ALA A CB  
418 N N   . VAL A 52 ? 0.1843 0.1916 0.1729 -0.0238 0.0051  0.0020  52  VAL A N   
419 C CA  . VAL A 52 ? 0.1994 0.2064 0.1855 -0.0242 0.0023  -0.0011 52  VAL A CA  
420 C C   . VAL A 52 ? 0.2177 0.2295 0.2080 -0.0281 0.0006  -0.0038 52  VAL A C   
421 O O   . VAL A 52 ? 0.2104 0.2296 0.2045 -0.0300 0.0000  -0.0031 52  VAL A O   
422 C CB  . VAL A 52 ? 0.2604 0.2690 0.2438 -0.0222 0.0014  -0.0002 52  VAL A CB  
423 C CG1 . VAL A 52 ? 0.2532 0.2624 0.2350 -0.0231 -0.0010 -0.0026 52  VAL A CG1 
424 C CG2 . VAL A 52 ? 0.2705 0.2728 0.2484 -0.0185 0.0029  0.0015  52  VAL A CG2 
425 N N   . ASP A 53 ? 0.1861 0.1941 0.1752 -0.0289 -0.0002 -0.0070 53  ASP A N   
426 C CA  A ASP A 53 ? 0.1738 0.1843 0.1648 -0.0324 -0.0016 -0.0109 53  ASP A CA  
427 C CA  B ASP A 53 ? 0.1774 0.1880 0.1684 -0.0324 -0.0016 -0.0108 53  ASP A CA  
428 C C   . ASP A 53 ? 0.2045 0.2151 0.1921 -0.0310 -0.0027 -0.0137 53  ASP A C   
429 O O   . ASP A 53 ? 0.2003 0.2054 0.1858 -0.0288 -0.0020 -0.0144 53  ASP A O   
430 C CB  A ASP A 53 ? 0.1973 0.2014 0.1903 -0.0347 -0.0003 -0.0121 53  ASP A CB  
431 C CB  B ASP A 53 ? 0.2030 0.2072 0.1960 -0.0347 -0.0003 -0.0122 53  ASP A CB  
432 C CG  A ASP A 53 ? 0.2701 0.2743 0.2639 -0.0386 -0.0018 -0.0171 53  ASP A CG  
433 C CG  B ASP A 53 ? 0.2933 0.2996 0.2914 -0.0373 0.0011  -0.0091 53  ASP A CG  
434 O OD1 A ASP A 53 ? 0.2734 0.2857 0.2678 -0.0407 -0.0042 -0.0187 53  ASP A OD1 
435 O OD1 B ASP A 53 ? 0.3061 0.3093 0.3038 -0.0349 0.0036  -0.0052 53  ASP A OD1 
436 O OD2 A ASP A 53 ? 0.3326 0.3280 0.3258 -0.0393 -0.0008 -0.0194 53  ASP A OD2 
437 O OD2 B ASP A 53 ? 0.3560 0.3679 0.3586 -0.0417 -0.0004 -0.0105 53  ASP A OD2 
438 N N   . CYS A 54 ? 0.1795 0.1970 0.1664 -0.0319 -0.0043 -0.0147 54  CYS A N   
439 C CA  . CYS A 54 ? 0.1802 0.1995 0.1642 -0.0307 -0.0047 -0.0168 54  CYS A CA  
440 C C   . CYS A 54 ? 0.2302 0.2512 0.2128 -0.0328 -0.0055 -0.0214 54  CYS A C   
441 O O   . CYS A 54 ? 0.2285 0.2520 0.2127 -0.0361 -0.0069 -0.0225 54  CYS A O   
442 C CB  . CYS A 54 ? 0.1822 0.2073 0.1654 -0.0299 -0.0054 -0.0138 54  CYS A CB  
443 S SG  . CYS A 54 ? 0.2220 0.2428 0.2053 -0.0277 -0.0047 -0.0093 54  CYS A SG  
444 N N   . ASP A 55 ? 0.2086 0.2283 0.1885 -0.0311 -0.0047 -0.0244 55  ASP A N   
445 C CA  . ASP A 55 ? 0.2151 0.2343 0.1916 -0.0326 -0.0051 -0.0300 55  ASP A CA  
446 C C   . ASP A 55 ? 0.2479 0.2755 0.2205 -0.0318 -0.0056 -0.0309 55  ASP A C   
447 O O   . ASP A 55 ? 0.2956 0.3246 0.2642 -0.0336 -0.0067 -0.0355 55  ASP A O   
448 C CB  . ASP A 55 ? 0.2584 0.2689 0.2335 -0.0299 -0.0029 -0.0334 55  ASP A CB  
449 C CG  . ASP A 55 ? 0.4061 0.4066 0.3838 -0.0306 -0.0021 -0.0329 55  ASP A CG  
450 O OD1 . ASP A 55 ? 0.4104 0.4116 0.3916 -0.0331 -0.0029 -0.0298 55  ASP A OD1 
451 O OD2 . ASP A 55 ? 0.5084 0.5006 0.4847 -0.0281 -0.0002 -0.0352 55  ASP A OD2 
452 O OXT . ASP A 55 ? 0.2457 0.2780 0.2187 -0.0298 -0.0048 -0.0272 55  ASP A OXT 
453 C C1  . GOL B .  ? 0.5450 0.5005 0.3992 0.0119  -0.0309 -0.0096 201 GOL A C1  
454 O O1  . GOL B .  ? 0.4544 0.4198 0.3217 0.0103  -0.0336 -0.0069 201 GOL A O1  
455 C C2  . GOL B .  ? 0.5998 0.5512 0.4484 0.0071  -0.0369 -0.0169 201 GOL A C2  
456 O O2  . GOL B .  ? 0.6196 0.5802 0.4777 0.0020  -0.0444 -0.0184 201 GOL A O2  
457 C C3  . GOL B .  ? 0.6361 0.5804 0.4648 0.0105  -0.0393 -0.0204 201 GOL A C3  
458 O O3  . GOL B .  ? 0.6589 0.5934 0.4810 0.0069  -0.0411 -0.0274 201 GOL A O3  
# 
